data_4L5E
# 
_entry.id   4L5E 
# 
_audit_conform.dict_name       mmcif_pdbx.dic 
_audit_conform.dict_version    5.387 
_audit_conform.dict_location   http://mmcif.pdb.org/dictionaries/ascii/mmcif_pdbx.dic 
# 
loop_
_database_2.database_id 
_database_2.database_code 
_database_2.pdbx_database_accession 
_database_2.pdbx_DOI 
PDB   4L5E         pdb_00004l5e 10.2210/pdb4l5e/pdb 
RCSB  RCSB080202   ?            ?                   
WWPDB D_1000080202 ?            ?                   
# 
loop_
_pdbx_audit_revision_history.ordinal 
_pdbx_audit_revision_history.data_content_type 
_pdbx_audit_revision_history.major_revision 
_pdbx_audit_revision_history.minor_revision 
_pdbx_audit_revision_history.revision_date 
1 'Structure model' 1 0 2013-08-28 
2 'Structure model' 1 1 2013-10-23 
3 'Structure model' 1 2 2024-02-28 
# 
_pdbx_audit_revision_details.ordinal             1 
_pdbx_audit_revision_details.revision_ordinal    1 
_pdbx_audit_revision_details.data_content_type   'Structure model' 
_pdbx_audit_revision_details.provider            repository 
_pdbx_audit_revision_details.type                'Initial release' 
_pdbx_audit_revision_details.description         ? 
_pdbx_audit_revision_details.details             ? 
# 
loop_
_pdbx_audit_revision_group.ordinal 
_pdbx_audit_revision_group.revision_ordinal 
_pdbx_audit_revision_group.data_content_type 
_pdbx_audit_revision_group.group 
1 2 'Structure model' 'Database references'  
2 3 'Structure model' 'Data collection'      
3 3 'Structure model' 'Database references'  
4 3 'Structure model' 'Derived calculations' 
# 
loop_
_pdbx_audit_revision_category.ordinal 
_pdbx_audit_revision_category.revision_ordinal 
_pdbx_audit_revision_category.data_content_type 
_pdbx_audit_revision_category.category 
1 3 'Structure model' chem_comp_atom     
2 3 'Structure model' chem_comp_bond     
3 3 'Structure model' database_2         
4 3 'Structure model' struct_ref_seq_dif 
5 3 'Structure model' struct_site        
# 
loop_
_pdbx_audit_revision_item.ordinal 
_pdbx_audit_revision_item.revision_ordinal 
_pdbx_audit_revision_item.data_content_type 
_pdbx_audit_revision_item.item 
1 3 'Structure model' '_database_2.pdbx_DOI'                
2 3 'Structure model' '_database_2.pdbx_database_accession' 
3 3 'Structure model' '_struct_ref_seq_dif.details'         
4 3 'Structure model' '_struct_site.pdbx_auth_asym_id'      
5 3 'Structure model' '_struct_site.pdbx_auth_comp_id'      
6 3 'Structure model' '_struct_site.pdbx_auth_seq_id'       
# 
_pdbx_database_status.status_code                     REL 
_pdbx_database_status.entry_id                        4L5E 
_pdbx_database_status.recvd_initial_deposition_date   2013-06-10 
_pdbx_database_status.deposit_site                    RCSB 
_pdbx_database_status.process_site                    RCSB 
_pdbx_database_status.status_code_sf                  REL 
_pdbx_database_status.status_code_mr                  ? 
_pdbx_database_status.SG_entry                        ? 
_pdbx_database_status.status_code_cs                  ? 
_pdbx_database_status.methods_development_category    ? 
_pdbx_database_status.pdb_format_compatible           Y 
_pdbx_database_status.status_code_nmr_data            ? 
# 
loop_
_pdbx_database_related.db_name 
_pdbx_database_related.db_id 
_pdbx_database_related.details 
_pdbx_database_related.content_type 
PDB 4L4U . unspecified 
PDB 2M8G . unspecified 
# 
loop_
_audit_author.name 
_audit_author.pdbx_ordinal 
'Young, A.'       1 
'Maris, A.E.'     2 
'Vidangos, N.K.'  3 
'Hong, E.'        4 
'Pelton, J.G.'    5 
'Batchelor, J.D.' 6 
'Wemmer, D.E.'    7 
# 
_citation.id                        primary 
_citation.title                     
'Structure, function, and tethering of DNA-binding domains in sigma (54) transcriptional activators.' 
_citation.journal_abbrev            Biopolymers 
_citation.journal_volume            99 
_citation.page_first                1082 
_citation.page_last                 1096 
_citation.year                      2013 
_citation.journal_id_ASTM           BIPMAA 
_citation.country                   US 
_citation.journal_id_ISSN           0006-3525 
_citation.journal_id_CSD            0161 
_citation.book_publisher            ? 
_citation.pdbx_database_id_PubMed   23818155 
_citation.pdbx_database_id_DOI      10.1002/bip.22333 
# 
loop_
_citation_author.citation_id 
_citation_author.name 
_citation_author.ordinal 
_citation_author.identifier_ORCID 
primary 'Vidangos, N.'    1 ? 
primary 'Maris, A.E.'     2 ? 
primary 'Young, A.'       3 ? 
primary 'Hong, E.'        4 ? 
primary 'Pelton, J.G.'    5 ? 
primary 'Batchelor, J.D.' 6 ? 
primary 'Wemmer, D.E.'    7 ? 
# 
loop_
_entity.id 
_entity.type 
_entity.src_method 
_entity.pdbx_description 
_entity.formula_weight 
_entity.pdbx_number_of_molecules 
_entity.pdbx_ec 
_entity.pdbx_mutation 
_entity.pdbx_fragment 
_entity.details 
1 polymer     man 'Transcriptional regulator (NtrC family)' 5465.559 1  ? ? 'unp residues 393-438' ? 
2 non-polymer syn 'SULFATE ION'                             96.063   2  ? ? ?                      ? 
3 water       nat water                                     18.015   82 ? ? ?                      ? 
# 
_entity_poly.entity_id                      1 
_entity_poly.type                           'polypeptide(L)' 
_entity_poly.nstd_linkage                   no 
_entity_poly.nstd_monomer                   no 
_entity_poly.pdbx_seq_one_letter_code       HKSIKEIEKEEIIKVLKEVNFNKKLASEILGIPLRTLYKRLKEYGI 
_entity_poly.pdbx_seq_one_letter_code_can   HKSIKEIEKEEIIKVLKEVNFNKKLASEILGIPLRTLYKRLKEYGI 
_entity_poly.pdbx_strand_id                 A 
_entity_poly.pdbx_target_identifier         ? 
# 
loop_
_pdbx_entity_nonpoly.entity_id 
_pdbx_entity_nonpoly.name 
_pdbx_entity_nonpoly.comp_id 
2 'SULFATE ION' SO4 
3 water         HOH 
# 
loop_
_entity_poly_seq.entity_id 
_entity_poly_seq.num 
_entity_poly_seq.mon_id 
_entity_poly_seq.hetero 
1 1  HIS n 
1 2  LYS n 
1 3  SER n 
1 4  ILE n 
1 5  LYS n 
1 6  GLU n 
1 7  ILE n 
1 8  GLU n 
1 9  LYS n 
1 10 GLU n 
1 11 GLU n 
1 12 ILE n 
1 13 ILE n 
1 14 LYS n 
1 15 VAL n 
1 16 LEU n 
1 17 LYS n 
1 18 GLU n 
1 19 VAL n 
1 20 ASN n 
1 21 PHE n 
1 22 ASN n 
1 23 LYS n 
1 24 LYS n 
1 25 LEU n 
1 26 ALA n 
1 27 SER n 
1 28 GLU n 
1 29 ILE n 
1 30 LEU n 
1 31 GLY n 
1 32 ILE n 
1 33 PRO n 
1 34 LEU n 
1 35 ARG n 
1 36 THR n 
1 37 LEU n 
1 38 TYR n 
1 39 LYS n 
1 40 ARG n 
1 41 LEU n 
1 42 LYS n 
1 43 GLU n 
1 44 TYR n 
1 45 GLY n 
1 46 ILE n 
# 
_entity_src_gen.entity_id                          1 
_entity_src_gen.pdbx_src_id                        1 
_entity_src_gen.pdbx_alt_source_flag               sample 
_entity_src_gen.pdbx_seq_type                      ? 
_entity_src_gen.pdbx_beg_seq_num                   ? 
_entity_src_gen.pdbx_end_seq_num                   ? 
_entity_src_gen.gene_src_common_name               ? 
_entity_src_gen.gene_src_genus                     ? 
_entity_src_gen.pdbx_gene_src_gene                 'ntrC1, aq_1117' 
_entity_src_gen.gene_src_species                   ? 
_entity_src_gen.gene_src_strain                    VF5 
_entity_src_gen.gene_src_tissue                    ? 
_entity_src_gen.gene_src_tissue_fraction           ? 
_entity_src_gen.gene_src_details                   ? 
_entity_src_gen.pdbx_gene_src_fragment             ? 
_entity_src_gen.pdbx_gene_src_scientific_name      'Aquifex aeolicus' 
_entity_src_gen.pdbx_gene_src_ncbi_taxonomy_id     224324 
_entity_src_gen.pdbx_gene_src_variant              ? 
_entity_src_gen.pdbx_gene_src_cell_line            ? 
_entity_src_gen.pdbx_gene_src_atcc                 ? 
_entity_src_gen.pdbx_gene_src_organ                ? 
_entity_src_gen.pdbx_gene_src_organelle            ? 
_entity_src_gen.pdbx_gene_src_cell                 ? 
_entity_src_gen.pdbx_gene_src_cellular_location    ? 
_entity_src_gen.host_org_common_name               ? 
_entity_src_gen.pdbx_host_org_scientific_name      'Escherichia coli' 
_entity_src_gen.pdbx_host_org_ncbi_taxonomy_id     562 
_entity_src_gen.host_org_genus                     ? 
_entity_src_gen.pdbx_host_org_gene                 ? 
_entity_src_gen.pdbx_host_org_organ                ? 
_entity_src_gen.host_org_species                   ? 
_entity_src_gen.pdbx_host_org_tissue               ? 
_entity_src_gen.pdbx_host_org_tissue_fraction      ? 
_entity_src_gen.pdbx_host_org_strain               ? 
_entity_src_gen.pdbx_host_org_variant              ? 
_entity_src_gen.pdbx_host_org_cell_line            ? 
_entity_src_gen.pdbx_host_org_atcc                 ? 
_entity_src_gen.pdbx_host_org_culture_collection   ? 
_entity_src_gen.pdbx_host_org_cell                 ? 
_entity_src_gen.pdbx_host_org_organelle            ? 
_entity_src_gen.pdbx_host_org_cellular_location    ? 
_entity_src_gen.pdbx_host_org_vector_type          ? 
_entity_src_gen.pdbx_host_org_vector               ? 
_entity_src_gen.host_org_details                   ? 
_entity_src_gen.expression_system_id               ? 
_entity_src_gen.plasmid_name                       ? 
_entity_src_gen.plasmid_details                    ? 
_entity_src_gen.pdbx_description                   ? 
# 
loop_
_chem_comp.id 
_chem_comp.type 
_chem_comp.mon_nstd_flag 
_chem_comp.name 
_chem_comp.pdbx_synonyms 
_chem_comp.formula 
_chem_comp.formula_weight 
ALA 'L-peptide linking' y ALANINE         ? 'C3 H7 N O2'     89.093  
ARG 'L-peptide linking' y ARGININE        ? 'C6 H15 N4 O2 1' 175.209 
ASN 'L-peptide linking' y ASPARAGINE      ? 'C4 H8 N2 O3'    132.118 
GLU 'L-peptide linking' y 'GLUTAMIC ACID' ? 'C5 H9 N O4'     147.129 
GLY 'peptide linking'   y GLYCINE         ? 'C2 H5 N O2'     75.067  
HIS 'L-peptide linking' y HISTIDINE       ? 'C6 H10 N3 O2 1' 156.162 
HOH non-polymer         . WATER           ? 'H2 O'           18.015  
ILE 'L-peptide linking' y ISOLEUCINE      ? 'C6 H13 N O2'    131.173 
LEU 'L-peptide linking' y LEUCINE         ? 'C6 H13 N O2'    131.173 
LYS 'L-peptide linking' y LYSINE          ? 'C6 H15 N2 O2 1' 147.195 
PHE 'L-peptide linking' y PHENYLALANINE   ? 'C9 H11 N O2'    165.189 
PRO 'L-peptide linking' y PROLINE         ? 'C5 H9 N O2'     115.130 
SER 'L-peptide linking' y SERINE          ? 'C3 H7 N O3'     105.093 
SO4 non-polymer         . 'SULFATE ION'   ? 'O4 S -2'        96.063  
THR 'L-peptide linking' y THREONINE       ? 'C4 H9 N O3'     119.119 
TYR 'L-peptide linking' y TYROSINE        ? 'C9 H11 N O3'    181.189 
VAL 'L-peptide linking' y VALINE          ? 'C5 H11 N O2'    117.146 
# 
loop_
_pdbx_poly_seq_scheme.asym_id 
_pdbx_poly_seq_scheme.entity_id 
_pdbx_poly_seq_scheme.seq_id 
_pdbx_poly_seq_scheme.mon_id 
_pdbx_poly_seq_scheme.ndb_seq_num 
_pdbx_poly_seq_scheme.pdb_seq_num 
_pdbx_poly_seq_scheme.auth_seq_num 
_pdbx_poly_seq_scheme.pdb_mon_id 
_pdbx_poly_seq_scheme.auth_mon_id 
_pdbx_poly_seq_scheme.pdb_strand_id 
_pdbx_poly_seq_scheme.pdb_ins_code 
_pdbx_poly_seq_scheme.hetero 
A 1 1  HIS 1  393 393 HIS HIS A . n 
A 1 2  LYS 2  394 394 LYS LYS A . n 
A 1 3  SER 3  395 395 SER SER A . n 
A 1 4  ILE 4  396 396 ILE ILE A . n 
A 1 5  LYS 5  397 397 LYS LYS A . n 
A 1 6  GLU 6  398 398 GLU GLU A . n 
A 1 7  ILE 7  399 399 ILE ILE A . n 
A 1 8  GLU 8  400 400 GLU GLU A . n 
A 1 9  LYS 9  401 401 LYS LYS A . n 
A 1 10 GLU 10 402 402 GLU GLU A . n 
A 1 11 GLU 11 403 403 GLU GLU A . n 
A 1 12 ILE 12 404 404 ILE ILE A . n 
A 1 13 ILE 13 405 405 ILE ILE A . n 
A 1 14 LYS 14 406 406 LYS LYS A . n 
A 1 15 VAL 15 407 407 VAL VAL A . n 
A 1 16 LEU 16 408 408 LEU LEU A . n 
A 1 17 LYS 17 409 409 LYS LYS A . n 
A 1 18 GLU 18 410 410 GLU GLU A . n 
A 1 19 VAL 19 411 411 VAL VAL A . n 
A 1 20 ASN 20 412 412 ASN ASN A . n 
A 1 21 PHE 21 413 413 PHE PHE A . n 
A 1 22 ASN 22 414 414 ASN ASN A . n 
A 1 23 LYS 23 415 415 LYS LYS A . n 
A 1 24 LYS 24 416 416 LYS LYS A . n 
A 1 25 LEU 25 417 417 LEU LEU A . n 
A 1 26 ALA 26 418 418 ALA ALA A . n 
A 1 27 SER 27 419 419 SER SER A . n 
A 1 28 GLU 28 420 420 GLU GLU A . n 
A 1 29 ILE 29 421 421 ILE ILE A . n 
A 1 30 LEU 30 422 422 LEU LEU A . n 
A 1 31 GLY 31 423 423 GLY GLY A . n 
A 1 32 ILE 32 424 424 ILE ILE A . n 
A 1 33 PRO 33 425 425 PRO PRO A . n 
A 1 34 LEU 34 426 426 LEU LEU A . n 
A 1 35 ARG 35 427 427 ARG ARG A . n 
A 1 36 THR 36 428 428 THR THR A . n 
A 1 37 LEU 37 429 429 LEU LEU A . n 
A 1 38 TYR 38 430 430 TYR TYR A . n 
A 1 39 LYS 39 431 431 LYS LYS A . n 
A 1 40 ARG 40 432 432 ARG ARG A . n 
A 1 41 LEU 41 433 433 LEU LEU A . n 
A 1 42 LYS 42 434 434 LYS LYS A . n 
A 1 43 GLU 43 435 435 GLU GLU A . n 
A 1 44 TYR 44 436 436 TYR TYR A . n 
A 1 45 GLY 45 437 437 GLY GLY A . n 
A 1 46 ILE 46 438 438 ILE ILE A . n 
# 
loop_
_pdbx_nonpoly_scheme.asym_id 
_pdbx_nonpoly_scheme.entity_id 
_pdbx_nonpoly_scheme.mon_id 
_pdbx_nonpoly_scheme.ndb_seq_num 
_pdbx_nonpoly_scheme.pdb_seq_num 
_pdbx_nonpoly_scheme.auth_seq_num 
_pdbx_nonpoly_scheme.pdb_mon_id 
_pdbx_nonpoly_scheme.auth_mon_id 
_pdbx_nonpoly_scheme.pdb_strand_id 
_pdbx_nonpoly_scheme.pdb_ins_code 
B 2 SO4 1  501 401 SO4 SO4 A . 
C 2 SO4 1  502 402 SO4 SO4 A . 
D 3 HOH 1  601 1   HOH HOH A . 
D 3 HOH 2  602 2   HOH HOH A . 
D 3 HOH 3  603 3   HOH HOH A . 
D 3 HOH 4  604 4   HOH HOH A . 
D 3 HOH 5  605 5   HOH HOH A . 
D 3 HOH 6  606 6   HOH HOH A . 
D 3 HOH 7  607 7   HOH HOH A . 
D 3 HOH 8  608 8   HOH HOH A . 
D 3 HOH 9  609 9   HOH HOH A . 
D 3 HOH 10 610 10  HOH HOH A . 
D 3 HOH 11 611 11  HOH HOH A . 
D 3 HOH 12 612 12  HOH HOH A . 
D 3 HOH 13 613 13  HOH HOH A . 
D 3 HOH 14 614 14  HOH HOH A . 
D 3 HOH 15 615 15  HOH HOH A . 
D 3 HOH 16 616 16  HOH HOH A . 
D 3 HOH 17 617 17  HOH HOH A . 
D 3 HOH 18 618 18  HOH HOH A . 
D 3 HOH 19 619 19  HOH HOH A . 
D 3 HOH 20 620 20  HOH HOH A . 
D 3 HOH 21 621 21  HOH HOH A . 
D 3 HOH 22 622 22  HOH HOH A . 
D 3 HOH 23 623 23  HOH HOH A . 
D 3 HOH 24 624 24  HOH HOH A . 
D 3 HOH 25 625 25  HOH HOH A . 
D 3 HOH 26 626 26  HOH HOH A . 
D 3 HOH 27 627 27  HOH HOH A . 
D 3 HOH 28 628 28  HOH HOH A . 
D 3 HOH 29 629 29  HOH HOH A . 
D 3 HOH 30 630 30  HOH HOH A . 
D 3 HOH 31 631 31  HOH HOH A . 
D 3 HOH 32 632 32  HOH HOH A . 
D 3 HOH 33 633 33  HOH HOH A . 
D 3 HOH 34 634 34  HOH HOH A . 
D 3 HOH 35 635 35  HOH HOH A . 
D 3 HOH 36 636 36  HOH HOH A . 
D 3 HOH 37 637 37  HOH HOH A . 
D 3 HOH 38 638 38  HOH HOH A . 
D 3 HOH 39 639 39  HOH HOH A . 
D 3 HOH 40 640 40  HOH HOH A . 
D 3 HOH 41 641 41  HOH HOH A . 
D 3 HOH 42 642 42  HOH HOH A . 
D 3 HOH 43 643 43  HOH HOH A . 
D 3 HOH 44 644 44  HOH HOH A . 
D 3 HOH 45 645 45  HOH HOH A . 
D 3 HOH 46 646 46  HOH HOH A . 
D 3 HOH 47 647 47  HOH HOH A . 
D 3 HOH 48 648 48  HOH HOH A . 
D 3 HOH 49 649 49  HOH HOH A . 
D 3 HOH 50 650 50  HOH HOH A . 
D 3 HOH 51 651 51  HOH HOH A . 
D 3 HOH 52 652 52  HOH HOH A . 
D 3 HOH 53 653 53  HOH HOH A . 
D 3 HOH 54 654 54  HOH HOH A . 
D 3 HOH 55 655 55  HOH HOH A . 
D 3 HOH 56 656 56  HOH HOH A . 
D 3 HOH 57 657 57  HOH HOH A . 
D 3 HOH 58 658 58  HOH HOH A . 
D 3 HOH 59 659 59  HOH HOH A . 
D 3 HOH 60 660 60  HOH HOH A . 
D 3 HOH 61 661 61  HOH HOH A . 
D 3 HOH 62 662 62  HOH HOH A . 
D 3 HOH 63 663 63  HOH HOH A . 
D 3 HOH 64 664 64  HOH HOH A . 
D 3 HOH 65 665 65  HOH HOH A . 
D 3 HOH 66 666 66  HOH HOH A . 
D 3 HOH 67 667 67  HOH HOH A . 
D 3 HOH 68 668 68  HOH HOH A . 
D 3 HOH 69 669 69  HOH HOH A . 
D 3 HOH 70 670 70  HOH HOH A . 
D 3 HOH 71 671 71  HOH HOH A . 
D 3 HOH 72 672 72  HOH HOH A . 
D 3 HOH 73 673 74  HOH HOH A . 
D 3 HOH 74 674 75  HOH HOH A . 
D 3 HOH 75 675 76  HOH HOH A . 
D 3 HOH 76 676 77  HOH HOH A . 
D 3 HOH 77 677 78  HOH HOH A . 
D 3 HOH 78 678 81  HOH HOH A . 
D 3 HOH 79 679 82  HOH HOH A . 
D 3 HOH 80 680 83  HOH HOH A . 
D 3 HOH 81 681 84  HOH HOH A . 
D 3 HOH 82 682 85  HOH HOH A . 
# 
loop_
_pdbx_unobs_or_zero_occ_atoms.id 
_pdbx_unobs_or_zero_occ_atoms.PDB_model_num 
_pdbx_unobs_or_zero_occ_atoms.polymer_flag 
_pdbx_unobs_or_zero_occ_atoms.occupancy_flag 
_pdbx_unobs_or_zero_occ_atoms.auth_asym_id 
_pdbx_unobs_or_zero_occ_atoms.auth_comp_id 
_pdbx_unobs_or_zero_occ_atoms.auth_seq_id 
_pdbx_unobs_or_zero_occ_atoms.PDB_ins_code 
_pdbx_unobs_or_zero_occ_atoms.auth_atom_id 
_pdbx_unobs_or_zero_occ_atoms.label_alt_id 
_pdbx_unobs_or_zero_occ_atoms.label_asym_id 
_pdbx_unobs_or_zero_occ_atoms.label_comp_id 
_pdbx_unobs_or_zero_occ_atoms.label_seq_id 
_pdbx_unobs_or_zero_occ_atoms.label_atom_id 
1 1 Y 0 A LYS 409 ? NZ ? A LYS 17 NZ 
2 1 Y 0 A LYS 434 ? NZ ? A LYS 42 NZ 
# 
_software.name             PHENIX 
_software.classification   refinement 
_software.version          '(phenix.refine: 1.7.3_928)' 
_software.citation_id      ? 
_software.pdbx_ordinal     1 
# 
_cell.entry_id           4L5E 
_cell.length_a           33.378 
_cell.length_b           62.268 
_cell.length_c           54.513 
_cell.angle_alpha        90.00 
_cell.angle_beta         90.00 
_cell.angle_gamma        90.00 
_cell.Z_PDB              8 
_cell.pdbx_unique_axis   ? 
_cell.length_a_esd       ? 
_cell.length_b_esd       ? 
_cell.length_c_esd       ? 
_cell.angle_alpha_esd    ? 
_cell.angle_beta_esd     ? 
_cell.angle_gamma_esd    ? 
# 
_symmetry.entry_id                         4L5E 
_symmetry.space_group_name_H-M             'C 2 2 21' 
_symmetry.pdbx_full_space_group_name_H-M   ? 
_symmetry.cell_setting                     ? 
_symmetry.Int_Tables_number                20 
_symmetry.space_group_name_Hall            ? 
# 
_exptl.entry_id          4L5E 
_exptl.method            'X-RAY DIFFRACTION' 
_exptl.crystals_number   ? 
# 
_exptl_crystal.id                    1 
_exptl_crystal.density_meas          ? 
_exptl_crystal.density_Matthews      2.59 
_exptl_crystal.density_percent_sol   52.53 
_exptl_crystal.description           ? 
_exptl_crystal.F_000                 ? 
_exptl_crystal.preparation           ? 
# 
_diffrn.id                     1 
_diffrn.ambient_temp           ? 
_diffrn.ambient_temp_details   ? 
_diffrn.crystal_id             1 
# 
_diffrn_detector.diffrn_id              1 
_diffrn_detector.detector               CCD 
_diffrn_detector.type                   'ADSC QUANTUM 315r' 
_diffrn_detector.pdbx_collection_date   ? 
_diffrn_detector.details                ? 
# 
_diffrn_radiation.diffrn_id                        1 
_diffrn_radiation.wavelength_id                    1 
_diffrn_radiation.pdbx_monochromatic_or_laue_m_l   M 
_diffrn_radiation.monochromator                    ? 
_diffrn_radiation.pdbx_diffrn_protocol             'SINGLE WAVELENGTH' 
_diffrn_radiation.pdbx_scattering_type             x-ray 
# 
_diffrn_radiation_wavelength.id           1 
_diffrn_radiation_wavelength.wavelength   . 
_diffrn_radiation_wavelength.wt           1.0 
# 
_diffrn_source.diffrn_id                   1 
_diffrn_source.source                      SYNCHROTRON 
_diffrn_source.type                        'ALS BEAMLINE 8.3.1' 
_diffrn_source.pdbx_synchrotron_site       ALS 
_diffrn_source.pdbx_synchrotron_beamline   8.3.1 
_diffrn_source.pdbx_wavelength             ? 
_diffrn_source.pdbx_wavelength_list        ? 
# 
_reflns.entry_id                     4L5E 
_reflns.observed_criterion_sigma_I   ? 
_reflns.observed_criterion_sigma_F   ? 
_reflns.d_resolution_low             27 
_reflns.d_resolution_high            1.34 
_reflns.number_obs                   13005 
_reflns.number_all                   13122 
_reflns.percent_possible_obs         99.11 
_reflns.pdbx_Rmerge_I_obs            ? 
_reflns.pdbx_Rsym_value              ? 
_reflns.pdbx_netI_over_sigmaI        ? 
_reflns.B_iso_Wilson_estimate        ? 
_reflns.pdbx_redundancy              ? 
_reflns.R_free_details               ? 
_reflns.limit_h_max                  ? 
_reflns.limit_h_min                  ? 
_reflns.limit_k_max                  ? 
_reflns.limit_k_min                  ? 
_reflns.limit_l_max                  ? 
_reflns.limit_l_min                  ? 
_reflns.observed_criterion_F_max     ? 
_reflns.observed_criterion_F_min     ? 
_reflns.pdbx_chi_squared             ? 
_reflns.pdbx_scaling_rejects         ? 
_reflns.pdbx_ordinal                 1 
_reflns.pdbx_diffrn_id               1 
# 
_refine.entry_id                                 4L5E 
_refine.ls_number_reflns_obs                     13005 
_refine.ls_number_reflns_all                     13122 
_refine.pdbx_ls_sigma_I                          ? 
_refine.pdbx_ls_sigma_F                          1.34 
_refine.pdbx_data_cutoff_high_absF               ? 
_refine.pdbx_data_cutoff_low_absF                ? 
_refine.pdbx_data_cutoff_high_rms_absF           ? 
_refine.ls_d_res_low                             27 
_refine.ls_d_res_high                            1.340 
_refine.ls_percent_reflns_obs                    99.11 
_refine.ls_R_factor_obs                          0.1764 
_refine.ls_R_factor_all                          ? 
_refine.ls_R_factor_R_work                       0.1730 
_refine.ls_R_factor_R_free                       0.2064 
_refine.ls_R_factor_R_free_error                 ? 
_refine.ls_R_factor_R_free_error_details         ? 
_refine.ls_percent_reflns_R_free                 10.03 
_refine.ls_number_reflns_R_free                  1304 
_refine.ls_number_parameters                     ? 
_refine.ls_number_restraints                     ? 
_refine.occupancy_min                            ? 
_refine.occupancy_max                            ? 
_refine.correlation_coeff_Fo_to_Fc               ? 
_refine.correlation_coeff_Fo_to_Fc_free          ? 
_refine.B_iso_mean                               ? 
_refine.aniso_B[1][1]                            -0.1167 
_refine.aniso_B[2][2]                            -2.0668 
_refine.aniso_B[3][3]                            2.1907 
_refine.aniso_B[1][2]                            -0.0000 
_refine.aniso_B[1][3]                            0.0000 
_refine.aniso_B[2][3]                            0.0000 
_refine.solvent_model_details                    'FLAT BULK SOLVENT MODEL' 
_refine.solvent_model_param_ksol                 0.439 
_refine.solvent_model_param_bsol                 65.410 
_refine.pdbx_solvent_vdw_probe_radii             0.80 
_refine.pdbx_solvent_ion_probe_radii             ? 
_refine.pdbx_solvent_shrinkage_radii             0.47 
_refine.pdbx_ls_cross_valid_method               ? 
_refine.details                                  ? 
_refine.pdbx_starting_model                      ? 
_refine.pdbx_method_to_determine_struct          'MOLECULAR REPLACEMENT' 
_refine.pdbx_isotropic_thermal_model             ? 
_refine.pdbx_stereochemistry_target_values       MLHL 
_refine.pdbx_stereochem_target_val_spec_case     ? 
_refine.pdbx_R_Free_selection_details            RANDOM 
_refine.pdbx_overall_ESU_R                       ? 
_refine.pdbx_overall_ESU_R_Free                  ? 
_refine.overall_SU_ML                            0.23 
_refine.pdbx_overall_phase_error                 18.10 
_refine.overall_SU_B                             ? 
_refine.overall_SU_R_Cruickshank_DPI             ? 
_refine.ls_redundancy_reflns_obs                 ? 
_refine.B_iso_min                                ? 
_refine.B_iso_max                                ? 
_refine.overall_SU_R_free                        ? 
_refine.ls_wR_factor_R_free                      ? 
_refine.ls_wR_factor_R_work                      ? 
_refine.overall_FOM_free_R_set                   ? 
_refine.overall_FOM_work_R_set                   ? 
_refine.pdbx_diffrn_id                           1 
_refine.pdbx_refine_id                           'X-RAY DIFFRACTION' 
_refine.pdbx_TLS_residual_ADP_flag               ? 
_refine.pdbx_overall_SU_R_free_Cruickshank_DPI   ? 
_refine.pdbx_overall_SU_R_Blow_DPI               ? 
_refine.pdbx_overall_SU_R_free_Blow_DPI          ? 
# 
_refine_hist.pdbx_refine_id                   'X-RAY DIFFRACTION' 
_refine_hist.cycle_id                         LAST 
_refine_hist.pdbx_number_atoms_protein        385 
_refine_hist.pdbx_number_atoms_nucleic_acid   0 
_refine_hist.pdbx_number_atoms_ligand         10 
_refine_hist.number_atoms_solvent             82 
_refine_hist.number_atoms_total               477 
_refine_hist.d_res_high                       1.340 
_refine_hist.d_res_low                        27 
# 
loop_
_refine_ls_restr.type 
_refine_ls_restr.dev_ideal 
_refine_ls_restr.dev_ideal_target 
_refine_ls_restr.weight 
_refine_ls_restr.number 
_refine_ls_restr.pdbx_restraint_function 
_refine_ls_restr.pdbx_refine_id 
f_bond_d           0.005  ? ? 424 ? 'X-RAY DIFFRACTION' 
f_angle_d          0.865  ? ? 568 ? 'X-RAY DIFFRACTION' 
f_dihedral_angle_d 10.831 ? ? 174 ? 'X-RAY DIFFRACTION' 
f_chiral_restr     0.060  ? ? 64  ? 'X-RAY DIFFRACTION' 
f_plane_restr      0.003  ? ? 67  ? 'X-RAY DIFFRACTION' 
# 
loop_
_refine_ls_shell.pdbx_total_number_of_bins_used 
_refine_ls_shell.d_res_high 
_refine_ls_shell.d_res_low 
_refine_ls_shell.number_reflns_R_work 
_refine_ls_shell.R_factor_R_work 
_refine_ls_shell.percent_reflns_obs 
_refine_ls_shell.R_factor_R_free 
_refine_ls_shell.R_factor_R_free_error 
_refine_ls_shell.percent_reflns_R_free 
_refine_ls_shell.number_reflns_R_free 
_refine_ls_shell.number_reflns_all 
_refine_ls_shell.R_factor_all 
_refine_ls_shell.number_reflns_obs 
_refine_ls_shell.redundancy_reflns_obs 
_refine_ls_shell.pdbx_refine_id 
. 1.3400 1.3937  1197 0.4169 93.00  0.4350 . . 143 . . . . 'X-RAY DIFFRACTION' 
. 1.3937 1.4571  1280 0.2963 100.00 0.3131 . . 143 . . . . 'X-RAY DIFFRACTION' 
. 1.4571 1.5339  1297 0.1924 100.00 0.2347 . . 140 . . . . 'X-RAY DIFFRACTION' 
. 1.5339 1.6300  1292 0.1561 100.00 0.2003 . . 142 . . . . 'X-RAY DIFFRACTION' 
. 1.6300 1.7558  1304 0.1551 100.00 0.1787 . . 155 . . . . 'X-RAY DIFFRACTION' 
. 1.7558 1.9325  1289 0.1456 100.00 0.1857 . . 141 . . . . 'X-RAY DIFFRACTION' 
. 1.9325 2.2120  1326 0.1344 100.00 0.1813 . . 145 . . . . 'X-RAY DIFFRACTION' 
. 2.2120 2.7864  1332 0.1440 100.00 0.1888 . . 147 . . . . 'X-RAY DIFFRACTION' 
. 2.7864 27.0409 1384 0.1856 99.00  0.2054 . . 148 . . . . 'X-RAY DIFFRACTION' 
# 
_struct.entry_id                  4L5E 
_struct.title                     'Crystal structure of A. aeolicus NtrC1 DNA binding domain' 
_struct.pdbx_model_details        ? 
_struct.pdbx_CASP_flag            ? 
_struct.pdbx_model_type_details   ? 
# 
_struct_keywords.entry_id        4L5E 
_struct_keywords.pdbx_keywords   'PROTEIN BINDING' 
_struct_keywords.text            'Helix-turn-helix DNA binding domain, DNA binding, PROTEIN BINDING' 
# 
loop_
_struct_asym.id 
_struct_asym.pdbx_blank_PDB_chainid_flag 
_struct_asym.pdbx_modified 
_struct_asym.entity_id 
_struct_asym.details 
A N N 1 ? 
B N N 2 ? 
C N N 2 ? 
D N N 3 ? 
# 
_struct_ref.id                         1 
_struct_ref.db_name                    UNP 
_struct_ref.db_code                    O67198_AQUAE 
_struct_ref.pdbx_db_accession          O67198 
_struct_ref.entity_id                  1 
_struct_ref.pdbx_seq_one_letter_code   HKSIKEIEKEEIIKVLKEVNFNKKLASEILGIPLRTLYRRLKEYGI 
_struct_ref.pdbx_align_begin           393 
_struct_ref.pdbx_db_isoform            ? 
# 
_struct_ref_seq.align_id                      1 
_struct_ref_seq.ref_id                        1 
_struct_ref_seq.pdbx_PDB_id_code              4L5E 
_struct_ref_seq.pdbx_strand_id                A 
_struct_ref_seq.seq_align_beg                 1 
_struct_ref_seq.pdbx_seq_align_beg_ins_code   ? 
_struct_ref_seq.seq_align_end                 46 
_struct_ref_seq.pdbx_seq_align_end_ins_code   ? 
_struct_ref_seq.pdbx_db_accession             O67198 
_struct_ref_seq.db_align_beg                  393 
_struct_ref_seq.pdbx_db_align_beg_ins_code    ? 
_struct_ref_seq.db_align_end                  438 
_struct_ref_seq.pdbx_db_align_end_ins_code    ? 
_struct_ref_seq.pdbx_auth_seq_align_beg       393 
_struct_ref_seq.pdbx_auth_seq_align_end       438 
# 
_struct_ref_seq_dif.align_id                     1 
_struct_ref_seq_dif.pdbx_pdb_id_code             4L5E 
_struct_ref_seq_dif.mon_id                       LYS 
_struct_ref_seq_dif.pdbx_pdb_strand_id           A 
_struct_ref_seq_dif.seq_num                      39 
_struct_ref_seq_dif.pdbx_pdb_ins_code            ? 
_struct_ref_seq_dif.pdbx_seq_db_name             UNP 
_struct_ref_seq_dif.pdbx_seq_db_accession_code   O67198 
_struct_ref_seq_dif.db_mon_id                    ARG 
_struct_ref_seq_dif.pdbx_seq_db_seq_num          431 
_struct_ref_seq_dif.details                      conflict 
_struct_ref_seq_dif.pdbx_auth_seq_num            431 
_struct_ref_seq_dif.pdbx_ordinal                 1 
# 
_pdbx_struct_assembly.id                   1 
_pdbx_struct_assembly.details              author_and_software_defined_assembly 
_pdbx_struct_assembly.method_details       PISA 
_pdbx_struct_assembly.oligomeric_details   dimeric 
_pdbx_struct_assembly.oligomeric_count     2 
# 
loop_
_pdbx_struct_assembly_prop.biol_id 
_pdbx_struct_assembly_prop.type 
_pdbx_struct_assembly_prop.value 
_pdbx_struct_assembly_prop.details 
1 'ABSA (A^2)' 1320 ? 
1 MORE         -65  ? 
1 'SSA (A^2)'  6570 ? 
# 
_pdbx_struct_assembly_gen.assembly_id       1 
_pdbx_struct_assembly_gen.oper_expression   1,2 
_pdbx_struct_assembly_gen.asym_id_list      A,B,C,D 
# 
loop_
_pdbx_struct_oper_list.id 
_pdbx_struct_oper_list.type 
_pdbx_struct_oper_list.name 
_pdbx_struct_oper_list.symmetry_operation 
_pdbx_struct_oper_list.matrix[1][1] 
_pdbx_struct_oper_list.matrix[1][2] 
_pdbx_struct_oper_list.matrix[1][3] 
_pdbx_struct_oper_list.vector[1] 
_pdbx_struct_oper_list.matrix[2][1] 
_pdbx_struct_oper_list.matrix[2][2] 
_pdbx_struct_oper_list.matrix[2][3] 
_pdbx_struct_oper_list.vector[2] 
_pdbx_struct_oper_list.matrix[3][1] 
_pdbx_struct_oper_list.matrix[3][2] 
_pdbx_struct_oper_list.matrix[3][3] 
_pdbx_struct_oper_list.vector[3] 
1 'identity operation'         1_555 x,y,z   1.0000000000  0.0000000000 0.0000000000 0.0000000000 0.0000000000 1.0000000000  0.0000000000 0.0000000000   0.0000000000 0.0000000000 1.0000000000  0.0000000000 
2 'crystal symmetry operation' 4_555 x,-y,-z -0.0656780573 0.3083786784 0.9489936688 6.0908451808 0.3083786784 -0.8982177289 0.3132211715 -23.8811418411 0.9489936688 0.3132211715 -0.0361042138 1.7635783178 
# 
_struct_biol.id        1 
_struct_biol.details   ? 
# 
loop_
_struct_conf.conf_type_id 
_struct_conf.id 
_struct_conf.pdbx_PDB_helix_id 
_struct_conf.beg_label_comp_id 
_struct_conf.beg_label_asym_id 
_struct_conf.beg_label_seq_id 
_struct_conf.pdbx_beg_PDB_ins_code 
_struct_conf.end_label_comp_id 
_struct_conf.end_label_asym_id 
_struct_conf.end_label_seq_id 
_struct_conf.pdbx_end_PDB_ins_code 
_struct_conf.beg_auth_comp_id 
_struct_conf.beg_auth_asym_id 
_struct_conf.beg_auth_seq_id 
_struct_conf.end_auth_comp_id 
_struct_conf.end_auth_asym_id 
_struct_conf.end_auth_seq_id 
_struct_conf.pdbx_PDB_helix_class 
_struct_conf.details 
_struct_conf.pdbx_PDB_helix_length 
HELX_P HELX_P1 1 SER A 3  ? VAL A 19 ? SER A 395 VAL A 411 1 ? 17 
HELX_P HELX_P2 2 ASN A 22 ? GLY A 31 ? ASN A 414 GLY A 423 1 ? 10 
HELX_P HELX_P3 3 PRO A 33 ? GLY A 45 ? PRO A 425 GLY A 437 1 ? 13 
# 
_struct_conf_type.id          HELX_P 
_struct_conf_type.criteria    ? 
_struct_conf_type.reference   ? 
# 
loop_
_struct_site.id 
_struct_site.pdbx_evidence_code 
_struct_site.pdbx_auth_asym_id 
_struct_site.pdbx_auth_comp_id 
_struct_site.pdbx_auth_seq_id 
_struct_site.pdbx_auth_ins_code 
_struct_site.pdbx_num_residues 
_struct_site.details 
AC1 Software A SO4 501 ? 7 'BINDING SITE FOR RESIDUE SO4 A 501' 
AC2 Software A SO4 502 ? 6 'BINDING SITE FOR RESIDUE SO4 A 502' 
# 
loop_
_struct_site_gen.id 
_struct_site_gen.site_id 
_struct_site_gen.pdbx_num_res 
_struct_site_gen.label_comp_id 
_struct_site_gen.label_asym_id 
_struct_site_gen.label_seq_id 
_struct_site_gen.pdbx_auth_ins_code 
_struct_site_gen.auth_comp_id 
_struct_site_gen.auth_asym_id 
_struct_site_gen.auth_seq_id 
_struct_site_gen.label_atom_id 
_struct_site_gen.label_alt_id 
_struct_site_gen.symmetry 
_struct_site_gen.details 
1  AC1 7 THR A 36 ? THR A 428 . ? 1_555 ? 
2  AC1 7 LYS A 39 ? LYS A 431 . ? 1_555 ? 
3  AC1 7 ARG A 40 ? ARG A 432 . ? 1_555 ? 
4  AC1 7 HOH D .  ? HOH A 614 . ? 1_555 ? 
5  AC1 7 HOH D .  ? HOH A 644 . ? 1_555 ? 
6  AC1 7 HOH D .  ? HOH A 676 . ? 3_554 ? 
7  AC1 7 HOH D .  ? HOH A 676 . ? 1_555 ? 
8  AC2 6 LEU A 34 ? LEU A 426 . ? 1_555 ? 
9  AC2 6 LEU A 34 ? LEU A 426 . ? 4_555 ? 
10 AC2 6 ARG A 35 ? ARG A 427 . ? 4_555 ? 
11 AC2 6 ARG A 35 ? ARG A 427 . ? 1_555 ? 
12 AC2 6 HOH D .  ? HOH A 669 . ? 1_555 ? 
13 AC2 6 HOH D .  ? HOH A 669 . ? 4_555 ? 
# 
loop_
_pdbx_struct_special_symmetry.id 
_pdbx_struct_special_symmetry.PDB_model_num 
_pdbx_struct_special_symmetry.auth_asym_id 
_pdbx_struct_special_symmetry.auth_comp_id 
_pdbx_struct_special_symmetry.auth_seq_id 
_pdbx_struct_special_symmetry.PDB_ins_code 
_pdbx_struct_special_symmetry.label_asym_id 
_pdbx_struct_special_symmetry.label_comp_id 
_pdbx_struct_special_symmetry.label_seq_id 
1 1 A SO4 502 ? C SO4 . 
2 1 A HOH 676 ? D HOH . 
# 
loop_
_chem_comp_atom.comp_id 
_chem_comp_atom.atom_id 
_chem_comp_atom.type_symbol 
_chem_comp_atom.pdbx_aromatic_flag 
_chem_comp_atom.pdbx_stereo_config 
_chem_comp_atom.pdbx_ordinal 
ALA N    N N N 1   
ALA CA   C N S 2   
ALA C    C N N 3   
ALA O    O N N 4   
ALA CB   C N N 5   
ALA OXT  O N N 6   
ALA H    H N N 7   
ALA H2   H N N 8   
ALA HA   H N N 9   
ALA HB1  H N N 10  
ALA HB2  H N N 11  
ALA HB3  H N N 12  
ALA HXT  H N N 13  
ARG N    N N N 14  
ARG CA   C N S 15  
ARG C    C N N 16  
ARG O    O N N 17  
ARG CB   C N N 18  
ARG CG   C N N 19  
ARG CD   C N N 20  
ARG NE   N N N 21  
ARG CZ   C N N 22  
ARG NH1  N N N 23  
ARG NH2  N N N 24  
ARG OXT  O N N 25  
ARG H    H N N 26  
ARG H2   H N N 27  
ARG HA   H N N 28  
ARG HB2  H N N 29  
ARG HB3  H N N 30  
ARG HG2  H N N 31  
ARG HG3  H N N 32  
ARG HD2  H N N 33  
ARG HD3  H N N 34  
ARG HE   H N N 35  
ARG HH11 H N N 36  
ARG HH12 H N N 37  
ARG HH21 H N N 38  
ARG HH22 H N N 39  
ARG HXT  H N N 40  
ASN N    N N N 41  
ASN CA   C N S 42  
ASN C    C N N 43  
ASN O    O N N 44  
ASN CB   C N N 45  
ASN CG   C N N 46  
ASN OD1  O N N 47  
ASN ND2  N N N 48  
ASN OXT  O N N 49  
ASN H    H N N 50  
ASN H2   H N N 51  
ASN HA   H N N 52  
ASN HB2  H N N 53  
ASN HB3  H N N 54  
ASN HD21 H N N 55  
ASN HD22 H N N 56  
ASN HXT  H N N 57  
GLU N    N N N 58  
GLU CA   C N S 59  
GLU C    C N N 60  
GLU O    O N N 61  
GLU CB   C N N 62  
GLU CG   C N N 63  
GLU CD   C N N 64  
GLU OE1  O N N 65  
GLU OE2  O N N 66  
GLU OXT  O N N 67  
GLU H    H N N 68  
GLU H2   H N N 69  
GLU HA   H N N 70  
GLU HB2  H N N 71  
GLU HB3  H N N 72  
GLU HG2  H N N 73  
GLU HG3  H N N 74  
GLU HE2  H N N 75  
GLU HXT  H N N 76  
GLY N    N N N 77  
GLY CA   C N N 78  
GLY C    C N N 79  
GLY O    O N N 80  
GLY OXT  O N N 81  
GLY H    H N N 82  
GLY H2   H N N 83  
GLY HA2  H N N 84  
GLY HA3  H N N 85  
GLY HXT  H N N 86  
HIS N    N N N 87  
HIS CA   C N S 88  
HIS C    C N N 89  
HIS O    O N N 90  
HIS CB   C N N 91  
HIS CG   C Y N 92  
HIS ND1  N Y N 93  
HIS CD2  C Y N 94  
HIS CE1  C Y N 95  
HIS NE2  N Y N 96  
HIS OXT  O N N 97  
HIS H    H N N 98  
HIS H2   H N N 99  
HIS HA   H N N 100 
HIS HB2  H N N 101 
HIS HB3  H N N 102 
HIS HD1  H N N 103 
HIS HD2  H N N 104 
HIS HE1  H N N 105 
HIS HE2  H N N 106 
HIS HXT  H N N 107 
HOH O    O N N 108 
HOH H1   H N N 109 
HOH H2   H N N 110 
ILE N    N N N 111 
ILE CA   C N S 112 
ILE C    C N N 113 
ILE O    O N N 114 
ILE CB   C N S 115 
ILE CG1  C N N 116 
ILE CG2  C N N 117 
ILE CD1  C N N 118 
ILE OXT  O N N 119 
ILE H    H N N 120 
ILE H2   H N N 121 
ILE HA   H N N 122 
ILE HB   H N N 123 
ILE HG12 H N N 124 
ILE HG13 H N N 125 
ILE HG21 H N N 126 
ILE HG22 H N N 127 
ILE HG23 H N N 128 
ILE HD11 H N N 129 
ILE HD12 H N N 130 
ILE HD13 H N N 131 
ILE HXT  H N N 132 
LEU N    N N N 133 
LEU CA   C N S 134 
LEU C    C N N 135 
LEU O    O N N 136 
LEU CB   C N N 137 
LEU CG   C N N 138 
LEU CD1  C N N 139 
LEU CD2  C N N 140 
LEU OXT  O N N 141 
LEU H    H N N 142 
LEU H2   H N N 143 
LEU HA   H N N 144 
LEU HB2  H N N 145 
LEU HB3  H N N 146 
LEU HG   H N N 147 
LEU HD11 H N N 148 
LEU HD12 H N N 149 
LEU HD13 H N N 150 
LEU HD21 H N N 151 
LEU HD22 H N N 152 
LEU HD23 H N N 153 
LEU HXT  H N N 154 
LYS N    N N N 155 
LYS CA   C N S 156 
LYS C    C N N 157 
LYS O    O N N 158 
LYS CB   C N N 159 
LYS CG   C N N 160 
LYS CD   C N N 161 
LYS CE   C N N 162 
LYS NZ   N N N 163 
LYS OXT  O N N 164 
LYS H    H N N 165 
LYS H2   H N N 166 
LYS HA   H N N 167 
LYS HB2  H N N 168 
LYS HB3  H N N 169 
LYS HG2  H N N 170 
LYS HG3  H N N 171 
LYS HD2  H N N 172 
LYS HD3  H N N 173 
LYS HE2  H N N 174 
LYS HE3  H N N 175 
LYS HZ1  H N N 176 
LYS HZ2  H N N 177 
LYS HZ3  H N N 178 
LYS HXT  H N N 179 
PHE N    N N N 180 
PHE CA   C N S 181 
PHE C    C N N 182 
PHE O    O N N 183 
PHE CB   C N N 184 
PHE CG   C Y N 185 
PHE CD1  C Y N 186 
PHE CD2  C Y N 187 
PHE CE1  C Y N 188 
PHE CE2  C Y N 189 
PHE CZ   C Y N 190 
PHE OXT  O N N 191 
PHE H    H N N 192 
PHE H2   H N N 193 
PHE HA   H N N 194 
PHE HB2  H N N 195 
PHE HB3  H N N 196 
PHE HD1  H N N 197 
PHE HD2  H N N 198 
PHE HE1  H N N 199 
PHE HE2  H N N 200 
PHE HZ   H N N 201 
PHE HXT  H N N 202 
PRO N    N N N 203 
PRO CA   C N S 204 
PRO C    C N N 205 
PRO O    O N N 206 
PRO CB   C N N 207 
PRO CG   C N N 208 
PRO CD   C N N 209 
PRO OXT  O N N 210 
PRO H    H N N 211 
PRO HA   H N N 212 
PRO HB2  H N N 213 
PRO HB3  H N N 214 
PRO HG2  H N N 215 
PRO HG3  H N N 216 
PRO HD2  H N N 217 
PRO HD3  H N N 218 
PRO HXT  H N N 219 
SER N    N N N 220 
SER CA   C N S 221 
SER C    C N N 222 
SER O    O N N 223 
SER CB   C N N 224 
SER OG   O N N 225 
SER OXT  O N N 226 
SER H    H N N 227 
SER H2   H N N 228 
SER HA   H N N 229 
SER HB2  H N N 230 
SER HB3  H N N 231 
SER HG   H N N 232 
SER HXT  H N N 233 
SO4 S    S N N 234 
SO4 O1   O N N 235 
SO4 O2   O N N 236 
SO4 O3   O N N 237 
SO4 O4   O N N 238 
THR N    N N N 239 
THR CA   C N S 240 
THR C    C N N 241 
THR O    O N N 242 
THR CB   C N R 243 
THR OG1  O N N 244 
THR CG2  C N N 245 
THR OXT  O N N 246 
THR H    H N N 247 
THR H2   H N N 248 
THR HA   H N N 249 
THR HB   H N N 250 
THR HG1  H N N 251 
THR HG21 H N N 252 
THR HG22 H N N 253 
THR HG23 H N N 254 
THR HXT  H N N 255 
TYR N    N N N 256 
TYR CA   C N S 257 
TYR C    C N N 258 
TYR O    O N N 259 
TYR CB   C N N 260 
TYR CG   C Y N 261 
TYR CD1  C Y N 262 
TYR CD2  C Y N 263 
TYR CE1  C Y N 264 
TYR CE2  C Y N 265 
TYR CZ   C Y N 266 
TYR OH   O N N 267 
TYR OXT  O N N 268 
TYR H    H N N 269 
TYR H2   H N N 270 
TYR HA   H N N 271 
TYR HB2  H N N 272 
TYR HB3  H N N 273 
TYR HD1  H N N 274 
TYR HD2  H N N 275 
TYR HE1  H N N 276 
TYR HE2  H N N 277 
TYR HH   H N N 278 
TYR HXT  H N N 279 
VAL N    N N N 280 
VAL CA   C N S 281 
VAL C    C N N 282 
VAL O    O N N 283 
VAL CB   C N N 284 
VAL CG1  C N N 285 
VAL CG2  C N N 286 
VAL OXT  O N N 287 
VAL H    H N N 288 
VAL H2   H N N 289 
VAL HA   H N N 290 
VAL HB   H N N 291 
VAL HG11 H N N 292 
VAL HG12 H N N 293 
VAL HG13 H N N 294 
VAL HG21 H N N 295 
VAL HG22 H N N 296 
VAL HG23 H N N 297 
VAL HXT  H N N 298 
# 
loop_
_chem_comp_bond.comp_id 
_chem_comp_bond.atom_id_1 
_chem_comp_bond.atom_id_2 
_chem_comp_bond.value_order 
_chem_comp_bond.pdbx_aromatic_flag 
_chem_comp_bond.pdbx_stereo_config 
_chem_comp_bond.pdbx_ordinal 
ALA N   CA   sing N N 1   
ALA N   H    sing N N 2   
ALA N   H2   sing N N 3   
ALA CA  C    sing N N 4   
ALA CA  CB   sing N N 5   
ALA CA  HA   sing N N 6   
ALA C   O    doub N N 7   
ALA C   OXT  sing N N 8   
ALA CB  HB1  sing N N 9   
ALA CB  HB2  sing N N 10  
ALA CB  HB3  sing N N 11  
ALA OXT HXT  sing N N 12  
ARG N   CA   sing N N 13  
ARG N   H    sing N N 14  
ARG N   H2   sing N N 15  
ARG CA  C    sing N N 16  
ARG CA  CB   sing N N 17  
ARG CA  HA   sing N N 18  
ARG C   O    doub N N 19  
ARG C   OXT  sing N N 20  
ARG CB  CG   sing N N 21  
ARG CB  HB2  sing N N 22  
ARG CB  HB3  sing N N 23  
ARG CG  CD   sing N N 24  
ARG CG  HG2  sing N N 25  
ARG CG  HG3  sing N N 26  
ARG CD  NE   sing N N 27  
ARG CD  HD2  sing N N 28  
ARG CD  HD3  sing N N 29  
ARG NE  CZ   sing N N 30  
ARG NE  HE   sing N N 31  
ARG CZ  NH1  sing N N 32  
ARG CZ  NH2  doub N N 33  
ARG NH1 HH11 sing N N 34  
ARG NH1 HH12 sing N N 35  
ARG NH2 HH21 sing N N 36  
ARG NH2 HH22 sing N N 37  
ARG OXT HXT  sing N N 38  
ASN N   CA   sing N N 39  
ASN N   H    sing N N 40  
ASN N   H2   sing N N 41  
ASN CA  C    sing N N 42  
ASN CA  CB   sing N N 43  
ASN CA  HA   sing N N 44  
ASN C   O    doub N N 45  
ASN C   OXT  sing N N 46  
ASN CB  CG   sing N N 47  
ASN CB  HB2  sing N N 48  
ASN CB  HB3  sing N N 49  
ASN CG  OD1  doub N N 50  
ASN CG  ND2  sing N N 51  
ASN ND2 HD21 sing N N 52  
ASN ND2 HD22 sing N N 53  
ASN OXT HXT  sing N N 54  
GLU N   CA   sing N N 55  
GLU N   H    sing N N 56  
GLU N   H2   sing N N 57  
GLU CA  C    sing N N 58  
GLU CA  CB   sing N N 59  
GLU CA  HA   sing N N 60  
GLU C   O    doub N N 61  
GLU C   OXT  sing N N 62  
GLU CB  CG   sing N N 63  
GLU CB  HB2  sing N N 64  
GLU CB  HB3  sing N N 65  
GLU CG  CD   sing N N 66  
GLU CG  HG2  sing N N 67  
GLU CG  HG3  sing N N 68  
GLU CD  OE1  doub N N 69  
GLU CD  OE2  sing N N 70  
GLU OE2 HE2  sing N N 71  
GLU OXT HXT  sing N N 72  
GLY N   CA   sing N N 73  
GLY N   H    sing N N 74  
GLY N   H2   sing N N 75  
GLY CA  C    sing N N 76  
GLY CA  HA2  sing N N 77  
GLY CA  HA3  sing N N 78  
GLY C   O    doub N N 79  
GLY C   OXT  sing N N 80  
GLY OXT HXT  sing N N 81  
HIS N   CA   sing N N 82  
HIS N   H    sing N N 83  
HIS N   H2   sing N N 84  
HIS CA  C    sing N N 85  
HIS CA  CB   sing N N 86  
HIS CA  HA   sing N N 87  
HIS C   O    doub N N 88  
HIS C   OXT  sing N N 89  
HIS CB  CG   sing N N 90  
HIS CB  HB2  sing N N 91  
HIS CB  HB3  sing N N 92  
HIS CG  ND1  sing Y N 93  
HIS CG  CD2  doub Y N 94  
HIS ND1 CE1  doub Y N 95  
HIS ND1 HD1  sing N N 96  
HIS CD2 NE2  sing Y N 97  
HIS CD2 HD2  sing N N 98  
HIS CE1 NE2  sing Y N 99  
HIS CE1 HE1  sing N N 100 
HIS NE2 HE2  sing N N 101 
HIS OXT HXT  sing N N 102 
HOH O   H1   sing N N 103 
HOH O   H2   sing N N 104 
ILE N   CA   sing N N 105 
ILE N   H    sing N N 106 
ILE N   H2   sing N N 107 
ILE CA  C    sing N N 108 
ILE CA  CB   sing N N 109 
ILE CA  HA   sing N N 110 
ILE C   O    doub N N 111 
ILE C   OXT  sing N N 112 
ILE CB  CG1  sing N N 113 
ILE CB  CG2  sing N N 114 
ILE CB  HB   sing N N 115 
ILE CG1 CD1  sing N N 116 
ILE CG1 HG12 sing N N 117 
ILE CG1 HG13 sing N N 118 
ILE CG2 HG21 sing N N 119 
ILE CG2 HG22 sing N N 120 
ILE CG2 HG23 sing N N 121 
ILE CD1 HD11 sing N N 122 
ILE CD1 HD12 sing N N 123 
ILE CD1 HD13 sing N N 124 
ILE OXT HXT  sing N N 125 
LEU N   CA   sing N N 126 
LEU N   H    sing N N 127 
LEU N   H2   sing N N 128 
LEU CA  C    sing N N 129 
LEU CA  CB   sing N N 130 
LEU CA  HA   sing N N 131 
LEU C   O    doub N N 132 
LEU C   OXT  sing N N 133 
LEU CB  CG   sing N N 134 
LEU CB  HB2  sing N N 135 
LEU CB  HB3  sing N N 136 
LEU CG  CD1  sing N N 137 
LEU CG  CD2  sing N N 138 
LEU CG  HG   sing N N 139 
LEU CD1 HD11 sing N N 140 
LEU CD1 HD12 sing N N 141 
LEU CD1 HD13 sing N N 142 
LEU CD2 HD21 sing N N 143 
LEU CD2 HD22 sing N N 144 
LEU CD2 HD23 sing N N 145 
LEU OXT HXT  sing N N 146 
LYS N   CA   sing N N 147 
LYS N   H    sing N N 148 
LYS N   H2   sing N N 149 
LYS CA  C    sing N N 150 
LYS CA  CB   sing N N 151 
LYS CA  HA   sing N N 152 
LYS C   O    doub N N 153 
LYS C   OXT  sing N N 154 
LYS CB  CG   sing N N 155 
LYS CB  HB2  sing N N 156 
LYS CB  HB3  sing N N 157 
LYS CG  CD   sing N N 158 
LYS CG  HG2  sing N N 159 
LYS CG  HG3  sing N N 160 
LYS CD  CE   sing N N 161 
LYS CD  HD2  sing N N 162 
LYS CD  HD3  sing N N 163 
LYS CE  NZ   sing N N 164 
LYS CE  HE2  sing N N 165 
LYS CE  HE3  sing N N 166 
LYS NZ  HZ1  sing N N 167 
LYS NZ  HZ2  sing N N 168 
LYS NZ  HZ3  sing N N 169 
LYS OXT HXT  sing N N 170 
PHE N   CA   sing N N 171 
PHE N   H    sing N N 172 
PHE N   H2   sing N N 173 
PHE CA  C    sing N N 174 
PHE CA  CB   sing N N 175 
PHE CA  HA   sing N N 176 
PHE C   O    doub N N 177 
PHE C   OXT  sing N N 178 
PHE CB  CG   sing N N 179 
PHE CB  HB2  sing N N 180 
PHE CB  HB3  sing N N 181 
PHE CG  CD1  doub Y N 182 
PHE CG  CD2  sing Y N 183 
PHE CD1 CE1  sing Y N 184 
PHE CD1 HD1  sing N N 185 
PHE CD2 CE2  doub Y N 186 
PHE CD2 HD2  sing N N 187 
PHE CE1 CZ   doub Y N 188 
PHE CE1 HE1  sing N N 189 
PHE CE2 CZ   sing Y N 190 
PHE CE2 HE2  sing N N 191 
PHE CZ  HZ   sing N N 192 
PHE OXT HXT  sing N N 193 
PRO N   CA   sing N N 194 
PRO N   CD   sing N N 195 
PRO N   H    sing N N 196 
PRO CA  C    sing N N 197 
PRO CA  CB   sing N N 198 
PRO CA  HA   sing N N 199 
PRO C   O    doub N N 200 
PRO C   OXT  sing N N 201 
PRO CB  CG   sing N N 202 
PRO CB  HB2  sing N N 203 
PRO CB  HB3  sing N N 204 
PRO CG  CD   sing N N 205 
PRO CG  HG2  sing N N 206 
PRO CG  HG3  sing N N 207 
PRO CD  HD2  sing N N 208 
PRO CD  HD3  sing N N 209 
PRO OXT HXT  sing N N 210 
SER N   CA   sing N N 211 
SER N   H    sing N N 212 
SER N   H2   sing N N 213 
SER CA  C    sing N N 214 
SER CA  CB   sing N N 215 
SER CA  HA   sing N N 216 
SER C   O    doub N N 217 
SER C   OXT  sing N N 218 
SER CB  OG   sing N N 219 
SER CB  HB2  sing N N 220 
SER CB  HB3  sing N N 221 
SER OG  HG   sing N N 222 
SER OXT HXT  sing N N 223 
SO4 S   O1   doub N N 224 
SO4 S   O2   doub N N 225 
SO4 S   O3   sing N N 226 
SO4 S   O4   sing N N 227 
THR N   CA   sing N N 228 
THR N   H    sing N N 229 
THR N   H2   sing N N 230 
THR CA  C    sing N N 231 
THR CA  CB   sing N N 232 
THR CA  HA   sing N N 233 
THR C   O    doub N N 234 
THR C   OXT  sing N N 235 
THR CB  OG1  sing N N 236 
THR CB  CG2  sing N N 237 
THR CB  HB   sing N N 238 
THR OG1 HG1  sing N N 239 
THR CG2 HG21 sing N N 240 
THR CG2 HG22 sing N N 241 
THR CG2 HG23 sing N N 242 
THR OXT HXT  sing N N 243 
TYR N   CA   sing N N 244 
TYR N   H    sing N N 245 
TYR N   H2   sing N N 246 
TYR CA  C    sing N N 247 
TYR CA  CB   sing N N 248 
TYR CA  HA   sing N N 249 
TYR C   O    doub N N 250 
TYR C   OXT  sing N N 251 
TYR CB  CG   sing N N 252 
TYR CB  HB2  sing N N 253 
TYR CB  HB3  sing N N 254 
TYR CG  CD1  doub Y N 255 
TYR CG  CD2  sing Y N 256 
TYR CD1 CE1  sing Y N 257 
TYR CD1 HD1  sing N N 258 
TYR CD2 CE2  doub Y N 259 
TYR CD2 HD2  sing N N 260 
TYR CE1 CZ   doub Y N 261 
TYR CE1 HE1  sing N N 262 
TYR CE2 CZ   sing Y N 263 
TYR CE2 HE2  sing N N 264 
TYR CZ  OH   sing N N 265 
TYR OH  HH   sing N N 266 
TYR OXT HXT  sing N N 267 
VAL N   CA   sing N N 268 
VAL N   H    sing N N 269 
VAL N   H2   sing N N 270 
VAL CA  C    sing N N 271 
VAL CA  CB   sing N N 272 
VAL CA  HA   sing N N 273 
VAL C   O    doub N N 274 
VAL C   OXT  sing N N 275 
VAL CB  CG1  sing N N 276 
VAL CB  CG2  sing N N 277 
VAL CB  HB   sing N N 278 
VAL CG1 HG11 sing N N 279 
VAL CG1 HG12 sing N N 280 
VAL CG1 HG13 sing N N 281 
VAL CG2 HG21 sing N N 282 
VAL CG2 HG22 sing N N 283 
VAL CG2 HG23 sing N N 284 
VAL OXT HXT  sing N N 285 
# 
_atom_sites.entry_id                    4L5E 
_atom_sites.fract_transf_matrix[1][1]   -0.02047741 
_atom_sites.fract_transf_matrix[1][2]   -0.00675870 
_atom_sites.fract_transf_matrix[1][3]   -0.02079897 
_atom_sites.fract_transf_matrix[2][1]   -0.00025608 
_atom_sites.fract_transf_matrix[2][2]   0.01534427 
_atom_sites.fract_transf_matrix[2][3]   -0.00473405 
_atom_sites.fract_transf_matrix[3][1]   0.01338716 
_atom_sites.fract_transf_matrix[3][2]   -0.00349279 
_atom_sites.fract_transf_matrix[3][3]   -0.01204519 
_atom_sites.fract_transf_vector[1]      0.046593 
_atom_sites.fract_transf_vector[2]      0.188174 
_atom_sites.fract_transf_vector[3]      -0.071854 
# 
loop_
_atom_type.symbol 
C 
H 
N 
O 
S 
# 
loop_
_atom_site.group_PDB 
_atom_site.id 
_atom_site.type_symbol 
_atom_site.label_atom_id 
_atom_site.label_alt_id 
_atom_site.label_comp_id 
_atom_site.label_asym_id 
_atom_site.label_entity_id 
_atom_site.label_seq_id 
_atom_site.pdbx_PDB_ins_code 
_atom_site.Cartn_x 
_atom_site.Cartn_y 
_atom_site.Cartn_z 
_atom_site.occupancy 
_atom_site.B_iso_or_equiv 
_atom_site.pdbx_formal_charge 
_atom_site.auth_seq_id 
_atom_site.auth_comp_id 
_atom_site.auth_asym_id 
_atom_site.auth_atom_id 
_atom_site.pdbx_PDB_model_num 
ATOM   1   N N    A HIS A 1 1  ? -17.909 9.210   0.479   0.53 15.18 ? 393 HIS A N    1 
ATOM   2   N N    B HIS A 1 1  ? -16.826 10.353  0.219   0.47 22.56 ? 393 HIS A N    1 
ATOM   3   C CA   A HIS A 1 1  ? -17.228 9.029   1.758   0.53 15.07 ? 393 HIS A CA   1 
ATOM   4   C CA   B HIS A 1 1  ? -16.773 9.482   1.385   0.47 19.52 ? 393 HIS A CA   1 
ATOM   5   C C    A HIS A 1 1  ? -16.297 7.821   1.694   0.53 14.67 ? 393 HIS A C    1 
ATOM   6   C C    B HIS A 1 1  ? -15.805 8.330   1.161   0.47 14.77 ? 393 HIS A C    1 
ATOM   7   O O    A HIS A 1 1  ? -16.680 6.769   1.174   0.53 13.93 ? 393 HIS A O    1 
ATOM   8   O O    B HIS A 1 1  ? -15.736 7.768   0.071   0.47 14.20 ? 393 HIS A O    1 
ATOM   9   C CB   A HIS A 1 1  ? -18.254 8.847   2.880   0.53 15.20 ? 393 HIS A CB   1 
ATOM   10  C CB   B HIS A 1 1  ? -18.153 8.912   1.697   0.47 20.15 ? 393 HIS A CB   1 
ATOM   11  C CG   A HIS A 1 1  ? -17.652 8.425   4.183   0.53 15.29 ? 393 HIS A CG   1 
ATOM   12  C CG   B HIS A 1 1  ? -18.136 7.867   2.768   0.47 14.95 ? 393 HIS A CG   1 
ATOM   13  N ND1  A HIS A 1 1  ? -16.991 9.301   5.016   0.53 15.73 ? 393 HIS A ND1  1 
ATOM   14  N ND1  B HIS A 1 1  ? -18.246 8.173   4.107   0.47 14.30 ? 393 HIS A ND1  1 
ATOM   15  C CD2  A HIS A 1 1  ? -17.604 7.217   4.790   0.53 16.65 ? 393 HIS A CD2  1 
ATOM   16  C CD2  B HIS A 1 1  ? -17.989 6.525   2.699   0.47 15.55 ? 393 HIS A CD2  1 
ATOM   17  C CE1  A HIS A 1 1  ? -16.563 8.649   6.082   0.53 13.87 ? 393 HIS A CE1  1 
ATOM   18  C CE1  B HIS A 1 1  ? -18.188 7.060   4.816   0.47 14.64 ? 393 HIS A CE1  1 
ATOM   19  N NE2  A HIS A 1 1  ? -16.919 7.383   5.969   0.53 16.32 ? 393 HIS A NE2  1 
ATOM   20  N NE2  B HIS A 1 1  ? -18.034 6.045   3.985   0.47 16.15 ? 393 HIS A NE2  1 
ATOM   21  H HA   A HIS A 1 1  ? -16.690 9.824   1.956   0.53 18.09 ? 393 HIS A HA   1 
ATOM   22  H HA   B HIS A 1 1  ? -16.468 9.995   2.162   0.47 23.42 ? 393 HIS A HA   1 
ATOM   23  H HB2  A HIS A 1 1  ? -18.712 9.690   3.025   0.53 18.24 ? 393 HIS A HB2  1 
ATOM   24  H HB2  B HIS A 1 1  ? -18.731 9.633   1.993   0.47 24.18 ? 393 HIS A HB2  1 
ATOM   25  H HB3  A HIS A 1 1  ? -18.892 8.167   2.613   0.53 18.24 ? 393 HIS A HB3  1 
ATOM   26  H HB3  B HIS A 1 1  ? -18.515 8.508   0.893   0.47 24.18 ? 393 HIS A HB3  1 
ATOM   27  H HD1  A HIS A 1 1  ? -16.875 10.140  4.865   0.53 18.88 ? 393 HIS A HD1  1 
ATOM   28  H HD2  A HIS A 1 1  ? -17.964 6.423   4.467   0.53 19.99 ? 393 HIS A HD2  1 
ATOM   29  H HD2  B HIS A 1 1  ? -17.890 6.019   1.925   0.47 18.66 ? 393 HIS A HD2  1 
ATOM   30  H HE1  A HIS A 1 1  ? -16.090 9.020   6.793   0.53 16.64 ? 393 HIS A HE1  1 
ATOM   31  H HE1  B HIS A 1 1  ? -18.246 7.002   5.742   0.47 17.57 ? 393 HIS A HE1  1 
ATOM   32  H HE2  B HIS A 1 1  ? -17.968 5.218   4.213   0.47 19.38 ? 393 HIS A HE2  1 
ATOM   33  N N    . LYS A 1 2  ? -15.079 7.971   2.213   1.00 13.32 ? 394 LYS A N    1 
ATOM   34  C CA   . LYS A 1 2  ? -14.100 6.891   2.159   1.00 12.95 ? 394 LYS A CA   1 
ATOM   35  C C    . LYS A 1 2  ? -14.106 6.065   3.442   1.00 11.67 ? 394 LYS A C    1 
ATOM   36  O O    . LYS A 1 2  ? -13.945 6.598   4.543   1.00 12.74 ? 394 LYS A O    1 
ATOM   37  C CB   . LYS A 1 2  ? -12.690 7.445   1.924   1.00 14.37 ? 394 LYS A CB   1 
ATOM   38  C CG   . LYS A 1 2  ? -12.548 8.245   0.642   1.00 16.82 ? 394 LYS A CG   1 
ATOM   39  C CD   . LYS A 1 2  ? -11.156 8.824   0.514   1.00 20.15 ? 394 LYS A CD   1 
ATOM   40  C CE   . LYS A 1 2  ? -11.094 9.823   -0.622  1.00 27.20 ? 394 LYS A CE   1 
ATOM   41  N NZ   . LYS A 1 2  ? -11.467 9.202   -1.918  1.00 30.50 ? 394 LYS A NZ   1 
ATOM   42  H H    . LYS A 1 2  ? -14.797 8.685   2.599   1.00 15.98 ? 394 LYS A H    1 
ATOM   43  H HA   . LYS A 1 2  ? -14.322 6.296   1.413   1.00 15.54 ? 394 LYS A HA   1 
ATOM   44  H HB2  . LYS A 1 2  ? -12.456 8.026   2.664   1.00 17.25 ? 394 LYS A HB2  1 
ATOM   45  H HB3  . LYS A 1 2  ? -12.067 6.702   1.880   1.00 17.25 ? 394 LYS A HB3  1 
ATOM   46  H HG2  . LYS A 1 2  ? -12.709 7.665   -0.119  1.00 20.19 ? 394 LYS A HG2  1 
ATOM   47  H HG3  . LYS A 1 2  ? -13.184 8.977   0.649   1.00 20.19 ? 394 LYS A HG3  1 
ATOM   48  H HD2  . LYS A 1 2  ? -10.919 9.280   1.336   1.00 24.18 ? 394 LYS A HD2  1 
ATOM   49  H HD3  . LYS A 1 2  ? -10.526 8.111   0.329   1.00 24.18 ? 394 LYS A HD3  1 
ATOM   50  H HE2  . LYS A 1 2  ? -11.713 10.548  -0.444  1.00 32.64 ? 394 LYS A HE2  1 
ATOM   51  H HE3  . LYS A 1 2  ? -10.189 10.165  -0.698  1.00 32.64 ? 394 LYS A HE3  1 
ATOM   52  H HZ1  . LYS A 1 2  ? -11.423 9.808   -2.569  1.00 36.60 ? 394 LYS A HZ1  1 
ATOM   53  H HZ2  . LYS A 1 2  ? -10.910 8.534   -2.106  1.00 36.60 ? 394 LYS A HZ2  1 
ATOM   54  H HZ3  . LYS A 1 2  ? -12.296 8.883   -1.875  1.00 36.60 ? 394 LYS A HZ3  1 
ATOM   55  N N    . SER A 1 3  ? -14.266 4.757   3.280   1.00 11.77 ? 395 SER A N    1 
ATOM   56  C CA   . SER A 1 3  ? -14.136 3.805   4.371   1.00 12.15 ? 395 SER A CA   1 
ATOM   57  C C    . SER A 1 3  ? -12.691 3.699   4.826   1.00 11.06 ? 395 SER A C    1 
ATOM   58  O O    . SER A 1 3  ? -11.778 4.126   4.121   1.00 10.14 ? 395 SER A O    1 
ATOM   59  C CB   . SER A 1 3  ? -14.569 2.423   3.891   1.00 12.87 ? 395 SER A CB   1 
ATOM   60  O OG   . SER A 1 3  ? -13.655 1.939   2.915   1.00 12.93 ? 395 SER A OG   1 
ATOM   61  H H    . SER A 1 3  ? -14.457 4.390   2.526   1.00 14.12 ? 395 SER A H    1 
ATOM   62  H HA   . SER A 1 3  ? -14.696 4.075   5.128   1.00 14.58 ? 395 SER A HA   1 
ATOM   63  H HB2  . SER A 1 3  ? -14.582 1.813   4.645   1.00 15.45 ? 395 SER A HB2  1 
ATOM   64  H HB3  . SER A 1 3  ? -15.453 2.485   3.497   1.00 15.45 ? 395 SER A HB3  1 
ATOM   65  H HG   . SER A 1 3  ? -13.887 1.196   2.657   1.00 15.51 ? 395 SER A HG   1 
ATOM   66  N N    . ILE A 1 4  ? -12.472 3.077   5.979   1.00 11.52 ? 396 ILE A N    1 
ATOM   67  C CA   . ILE A 1 4  ? -11.123 2.775   6.448   1.00 12.34 ? 396 ILE A CA   1 
ATOM   68  C C    . ILE A 1 4  ? -10.343 1.980   5.403   1.00 11.85 ? 396 ILE A C    1 
ATOM   69  O O    . ILE A 1 4  ? -9.170  2.258   5.138   1.00 11.98 ? 396 ILE A O    1 
ATOM   70  C CB   . ILE A 1 4  ? -11.167 1.988   7.784   1.00 14.18 ? 396 ILE A CB   1 
ATOM   71  C CG1  . ILE A 1 4  ? -11.574 2.915   8.931   1.00 17.97 ? 396 ILE A CG1  1 
ATOM   72  C CG2  . ILE A 1 4  ? -9.821  1.328   8.078   1.00 16.70 ? 396 ILE A CG2  1 
ATOM   73  C CD1  . ILE A 1 4  ? -10.608 4.044   9.184   1.00 18.37 ? 396 ILE A CD1  1 
ATOM   74  H H    . ILE A 1 4  ? -13.094 2.816   6.513   1.00 13.82 ? 396 ILE A H    1 
ATOM   75  H HA   . ILE A 1 4  ? -10.645 3.616   6.608   1.00 14.81 ? 396 ILE A HA   1 
ATOM   76  H HB   . ILE A 1 4  ? -11.836 1.291   7.704   1.00 17.01 ? 396 ILE A HB   1 
ATOM   77  H HG12 . ILE A 1 4  ? -12.438 3.306   8.724   1.00 21.56 ? 396 ILE A HG12 1 
ATOM   78  H HG13 . ILE A 1 4  ? -11.637 2.393   9.746   1.00 21.56 ? 396 ILE A HG13 1 
ATOM   79  H HG21 . ILE A 1 4  ? -9.882  0.850   8.908   1.00 20.03 ? 396 ILE A HG21 1 
ATOM   80  H HG22 . ILE A 1 4  ? -9.609  0.720   7.366   1.00 20.03 ? 396 ILE A HG22 1 
ATOM   81  H HG23 . ILE A 1 4  ? -9.146  2.008   8.140   1.00 20.03 ? 396 ILE A HG23 1 
ATOM   82  H HD11 . ILE A 1 4  ? -10.934 4.576   9.913   1.00 22.04 ? 396 ILE A HD11 1 
ATOM   83  H HD12 . ILE A 1 4  ? -9.749  3.676   9.403   1.00 22.04 ? 396 ILE A HD12 1 
ATOM   84  H HD13 . ILE A 1 4  ? -10.542 4.581   8.390   1.00 22.04 ? 396 ILE A HD13 1 
ATOM   85  N N    . LYS A 1 5  ? -10.992 0.994   4.804   1.00 11.88 ? 397 LYS A N    1 
ATOM   86  C CA   . LYS A 1 5  ? -10.332 0.169   3.796   1.00 12.18 ? 397 LYS A CA   1 
ATOM   87  C C    . LYS A 1 5  ? -9.881  1.019   2.613   1.00 10.79 ? 397 LYS A C    1 
ATOM   88  O O    . LYS A 1 5  ? -8.775  0.836   2.094   1.00 11.07 ? 397 LYS A O    1 
ATOM   89  C CB   . LYS A 1 5  ? -11.274 -0.926  3.309   1.00 15.49 ? 397 LYS A CB   1 
ATOM   90  C CG   . LYS A 1 5  ? -10.750 -1.723  2.125   1.00 21.26 ? 397 LYS A CG   1 
ATOM   91  C CD   . LYS A 1 5  ? -11.735 -2.800  1.707   1.00 29.14 ? 397 LYS A CD   1 
ATOM   92  C CE   . LYS A 1 5  ? -11.207 -3.587  0.521   1.00 35.36 ? 397 LYS A CE   1 
ATOM   93  N NZ   . LYS A 1 5  ? -12.149 -4.661  0.112   1.00 39.54 ? 397 LYS A NZ   1 
ATOM   94  H H    . LYS A 1 5  ? -11.811 0.780   4.960   1.00 14.25 ? 397 LYS A H    1 
ATOM   95  H HA   . LYS A 1 5  ? -9.542  -0.255  4.190   1.00 14.61 ? 397 LYS A HA   1 
ATOM   96  H HB2  . LYS A 1 5  ? -11.429 -1.548  4.037   1.00 18.59 ? 397 LYS A HB2  1 
ATOM   97  H HB3  . LYS A 1 5  ? -12.113 -0.519  3.043   1.00 18.59 ? 397 LYS A HB3  1 
ATOM   98  H HG2  . LYS A 1 5  ? -10.614 -1.126  1.373   1.00 25.51 ? 397 LYS A HG2  1 
ATOM   99  H HG3  . LYS A 1 5  ? -9.916  -2.152  2.371   1.00 25.51 ? 397 LYS A HG3  1 
ATOM   100 H HD2  . LYS A 1 5  ? -11.874 -3.414  2.444   1.00 34.97 ? 397 LYS A HD2  1 
ATOM   101 H HD3  . LYS A 1 5  ? -12.575 -2.386  1.451   1.00 34.97 ? 397 LYS A HD3  1 
ATOM   102 H HE2  . LYS A 1 5  ? -11.086 -2.987  -0.232  1.00 42.44 ? 397 LYS A HE2  1 
ATOM   103 H HE3  . LYS A 1 5  ? -10.363 -3.999  0.761   1.00 42.44 ? 397 LYS A HE3  1 
ATOM   104 H HZ1  . LYS A 1 5  ? -11.818 -5.107  -0.584  1.00 47.44 ? 397 LYS A HZ1  1 
ATOM   105 H HZ2  . LYS A 1 5  ? -12.275 -5.229  0.786   1.00 47.44 ? 397 LYS A HZ2  1 
ATOM   106 H HZ3  . LYS A 1 5  ? -12.932 -4.308  -0.118  1.00 47.44 ? 397 LYS A HZ3  1 
ATOM   107 N N    . GLU A 1 6  ? -10.736 1.939   2.177   1.00 10.09 ? 398 GLU A N    1 
ATOM   108 C CA   . GLU A 1 6  ? -10.417 2.793   1.036   1.00 10.69 ? 398 GLU A CA   1 
ATOM   109 C C    . GLU A 1 6  ? -9.281  3.751   1.362   1.00 9.91  ? 398 GLU A C    1 
ATOM   110 O O    . GLU A 1 6  ? -8.381  3.950   0.552   1.00 10.57 ? 398 GLU A O    1 
ATOM   111 C CB   . GLU A 1 6  ? -11.653 3.566   0.560   1.00 12.99 ? 398 GLU A CB   1 
ATOM   112 C CG   . GLU A 1 6  ? -11.395 4.523   -0.619  1.00 17.16 ? 398 GLU A CG   1 
ATOM   113 C CD   . GLU A 1 6  ? -11.024 3.823   -1.928  1.00 20.20 ? 398 GLU A CD   1 
ATOM   114 O OE1  . GLU A 1 6  ? -11.256 2.599   -2.071  1.00 21.51 ? 398 GLU A OE1  1 
ATOM   115 O OE2  . GLU A 1 6  ? -10.498 4.513   -2.835  1.00 22.91 ? 398 GLU A OE2  1 
ATOM   116 H H    . GLU A 1 6  ? -11.507 2.090   2.525   1.00 12.11 ? 398 GLU A H    1 
ATOM   117 H HA   . GLU A 1 6  ? -10.121 2.225   0.295   1.00 12.83 ? 398 GLU A HA   1 
ATOM   118 H HB2  . GLU A 1 6  ? -12.328 2.930   0.280   1.00 15.59 ? 398 GLU A HB2  1 
ATOM   119 H HB3  . GLU A 1 6  ? -11.990 4.096   1.300   1.00 15.59 ? 398 GLU A HB3  1 
ATOM   120 H HG2  . GLU A 1 6  ? -12.199 5.041   -0.779  1.00 20.60 ? 398 GLU A HG2  1 
ATOM   121 H HG3  . GLU A 1 6  ? -10.665 5.116   -0.384  1.00 20.60 ? 398 GLU A HG3  1 
ATOM   122 N N    . ILE A 1 7  ? -9.303  4.327   2.555   1.00 9.66  ? 399 ILE A N    1 
ATOM   123 C CA   . ILE A 1 7  ? -8.240  5.219   2.974   1.00 10.66 ? 399 ILE A CA   1 
ATOM   124 C C    . ILE A 1 7  ? -6.892  4.491   2.970   1.00 9.90  ? 399 ILE A C    1 
ATOM   125 O O    . ILE A 1 7  ? -5.894  5.026   2.491   1.00 10.02 ? 399 ILE A O    1 
ATOM   126 C CB   . ILE A 1 7  ? -8.529  5.797   4.370   1.00 13.26 ? 399 ILE A CB   1 
ATOM   127 C CG1  . ILE A 1 7  ? -9.726  6.753   4.296   1.00 14.50 ? 399 ILE A CG1  1 
ATOM   128 C CG2  . ILE A 1 7  ? -7.306  6.511   4.924   1.00 16.59 ? 399 ILE A CG2  1 
ATOM   129 C CD1  . ILE A 1 7  ? -10.285 7.119   5.645   1.00 15.67 ? 399 ILE A CD1  1 
ATOM   130 H H    . ILE A 1 7  ? -9.924  4.216   3.140   1.00 11.58 ? 399 ILE A H    1 
ATOM   131 H HA   . ILE A 1 7  ? -8.183  5.966   2.343   1.00 12.79 ? 399 ILE A HA   1 
ATOM   132 H HB   . ILE A 1 7  ? -8.755  5.065   4.966   1.00 15.91 ? 399 ILE A HB   1 
ATOM   133 H HG12 . ILE A 1 7  ? -9.446  7.572   3.858   1.00 17.40 ? 399 ILE A HG12 1 
ATOM   134 H HG13 . ILE A 1 7  ? -10.434 6.330   3.785   1.00 17.40 ? 399 ILE A HG13 1 
ATOM   135 H HG21 . ILE A 1 7  ? -7.515  6.861   5.794   1.00 19.91 ? 399 ILE A HG21 1 
ATOM   136 H HG22 . ILE A 1 7  ? -6.581  5.885   4.989   1.00 19.91 ? 399 ILE A HG22 1 
ATOM   137 H HG23 . ILE A 1 7  ? -7.068  7.228   4.332   1.00 19.91 ? 399 ILE A HG23 1 
ATOM   138 H HD11 . ILE A 1 7  ? -11.026 7.716   5.524   1.00 18.81 ? 399 ILE A HD11 1 
ATOM   139 H HD12 . ILE A 1 7  ? -10.578 6.320   6.089   1.00 18.81 ? 399 ILE A HD12 1 
ATOM   140 H HD13 . ILE A 1 7  ? -9.599  7.549   6.161   1.00 18.81 ? 399 ILE A HD13 1 
ATOM   141 N N    . GLU A 1 8  ? -6.862  3.271   3.489   1.00 8.49  ? 400 GLU A N    1 
ATOM   142 C CA   . GLU A 1 8  ? -5.630  2.479   3.494   1.00 9.46  ? 400 GLU A CA   1 
ATOM   143 C C    . GLU A 1 8  ? -5.155  2.168   2.068   1.00 8.91  ? 400 GLU A C    1 
ATOM   144 O O    . GLU A 1 8  ? -3.977  2.339   1.745   1.00 9.30  ? 400 GLU A O    1 
ATOM   145 C CB   . GLU A 1 8  ? -5.843  1.188   4.282   1.00 12.35 ? 400 GLU A CB   1 
ATOM   146 C CG   . GLU A 1 8  ? -4.680  0.211   4.211   1.00 17.22 ? 400 GLU A CG   1 
ATOM   147 C CD   . GLU A 1 8  ? -4.958  -1.083  4.961   1.00 26.90 ? 400 GLU A CD   1 
ATOM   148 O OE1  . GLU A 1 8  ? -5.987  -1.738  4.683   1.00 30.86 ? 400 GLU A OE1  1 
ATOM   149 O OE2  . GLU A 1 8  ? -4.142  -1.444  5.831   1.00 30.50 ? 400 GLU A OE2  1 
ATOM   150 H H    . GLU A 1 8  ? -7.538  2.876   3.846   1.00 10.19 ? 400 GLU A H    1 
ATOM   151 H HA   . GLU A 1 8  ? -4.925  2.991   3.940   1.00 11.36 ? 400 GLU A HA   1 
ATOM   152 H HB2  . GLU A 1 8  ? -5.982  1.413   5.216   1.00 14.82 ? 400 GLU A HB2  1 
ATOM   153 H HB3  . GLU A 1 8  ? -6.628  0.737   3.934   1.00 14.82 ? 400 GLU A HB3  1 
ATOM   154 H HG2  . GLU A 1 8  ? -4.509  -0.011  3.282   1.00 20.66 ? 400 GLU A HG2  1 
ATOM   155 H HG3  . GLU A 1 8  ? -3.896  0.624   4.604   1.00 20.66 ? 400 GLU A HG3  1 
ATOM   156 N N    . LYS A 1 9  ? -6.073  1.718   1.223   1.00 9.21  ? 401 LYS A N    1 
ATOM   157 C CA   . LYS A 1 9  ? -5.763  1.389   -0.166  1.00 9.66  ? 401 LYS A CA   1 
ATOM   158 C C    . LYS A 1 9  ? -5.183  2.583   -0.897  1.00 9.85  ? 401 LYS A C    1 
ATOM   159 O O    . LYS A 1 9  ? -4.175  2.462   -1.606  1.00 9.66  ? 401 LYS A O    1 
ATOM   160 C CB   . LYS A 1 9  ? -7.032  0.903   -0.869  1.00 10.39 ? 401 LYS A CB   1 
ATOM   161 C CG   . LYS A 1 9  ? -6.843  0.416   -2.280  1.00 11.54 ? 401 LYS A CG   1 
ATOM   162 C CD   . LYS A 1 9  ? -8.166  -0.099  -2.818  1.00 15.91 ? 401 LYS A CD   1 
ATOM   163 C CE   . LYS A 1 9  ? -8.010  -0.865  -4.108  1.00 22.81 ? 401 LYS A CE   1 
ATOM   164 N NZ   . LYS A 1 9  ? -9.311  -1.482  -4.488  1.00 26.30 ? 401 LYS A NZ   1 
ATOM   165 H H    . LYS A 1 9  ? -6.897  1.592   1.432   1.00 11.05 ? 401 LYS A H    1 
ATOM   166 H HA   . LYS A 1 9  ? -5.102  0.665   -0.188  1.00 11.59 ? 401 LYS A HA   1 
ATOM   167 H HB2  . LYS A 1 9  ? -7.405  0.170   -0.356  1.00 12.47 ? 401 LYS A HB2  1 
ATOM   168 H HB3  . LYS A 1 9  ? -7.667  1.635   -0.897  1.00 12.47 ? 401 LYS A HB3  1 
ATOM   169 H HG2  . LYS A 1 9  ? -6.544  1.149   -2.841  1.00 13.85 ? 401 LYS A HG2  1 
ATOM   170 H HG3  . LYS A 1 9  ? -6.199  -0.309  -2.292  1.00 13.85 ? 401 LYS A HG3  1 
ATOM   171 H HD2  . LYS A 1 9  ? -8.564  -0.693  -2.162  1.00 19.09 ? 401 LYS A HD2  1 
ATOM   172 H HD3  . LYS A 1 9  ? -8.754  0.654   -2.985  1.00 19.09 ? 401 LYS A HD3  1 
ATOM   173 H HE2  . LYS A 1 9  ? -7.736  -0.260  -4.815  1.00 27.37 ? 401 LYS A HE2  1 
ATOM   174 H HE3  . LYS A 1 9  ? -7.356  -1.570  -3.990  1.00 27.37 ? 401 LYS A HE3  1 
ATOM   175 H HZ1  . LYS A 1 9  ? -9.221  -1.935  -5.248  1.00 31.56 ? 401 LYS A HZ1  1 
ATOM   176 H HZ2  . LYS A 1 9  ? -9.581  -2.040  -3.849  1.00 31.56 ? 401 LYS A HZ2  1 
ATOM   177 H HZ3  . LYS A 1 9  ? -9.927  -0.849  -4.598  1.00 31.56 ? 401 LYS A HZ3  1 
ATOM   178 N N    . GLU A 1 10 ? -5.808  3.741   -0.735  1.00 10.04 ? 402 GLU A N    1 
ATOM   179 C CA   . GLU A 1 10 ? -5.347  4.940   -1.420  1.00 10.79 ? 402 GLU A CA   1 
ATOM   180 C C    . GLU A 1 10 ? -3.941  5.315   -0.981  1.00 10.46 ? 402 GLU A C    1 
ATOM   181 O O    . GLU A 1 10 ? -3.122  5.714   -1.807  1.00 10.44 ? 402 GLU A O    1 
ATOM   182 C CB   . GLU A 1 10 ? -6.316  6.101   -1.191  1.00 12.06 ? 402 GLU A CB   1 
ATOM   183 C CG   . GLU A 1 10 ? -7.631  5.924   -1.938  1.00 14.46 ? 402 GLU A CG   1 
ATOM   184 C CD   . GLU A 1 10 ? -8.602  7.081   -1.759  1.00 16.13 ? 402 GLU A CD   1 
ATOM   185 O OE1  . GLU A 1 10 ? -8.208  8.138   -1.211  1.00 18.83 ? 402 GLU A OE1  1 
ATOM   186 O OE2  . GLU A 1 10 ? -9.771  6.916   -2.172  1.00 18.59 ? 402 GLU A OE2  1 
ATOM   187 H H    . GLU A 1 10 ? -6.498  3.860   -0.236  1.00 12.05 ? 402 GLU A H    1 
ATOM   188 H HA   . GLU A 1 10 ? -5.320  4.761   -2.383  1.00 12.95 ? 402 GLU A HA   1 
ATOM   189 H HB2  . GLU A 1 10 ? -6.514  6.165   -0.244  1.00 14.47 ? 402 GLU A HB2  1 
ATOM   190 H HB3  . GLU A 1 10 ? -5.903  6.924   -1.499  1.00 14.47 ? 402 GLU A HB3  1 
ATOM   191 H HG2  . GLU A 1 10 ? -7.444  5.839   -2.886  1.00 17.36 ? 402 GLU A HG2  1 
ATOM   192 H HG3  . GLU A 1 10 ? -8.067  5.119   -1.616  1.00 17.36 ? 402 GLU A HG3  1 
ATOM   193 N N    . GLU A 1 11 ? -3.646  5.197   0.313   1.00 9.47  ? 403 GLU A N    1 
ATOM   194 C CA   . GLU A 1 11 ? -2.305  5.556   0.790   1.00 8.45  ? 403 GLU A CA   1 
ATOM   195 C C    . GLU A 1 11 ? -1.252  4.550   0.312   1.00 7.86  ? 403 GLU A C    1 
ATOM   196 O O    . GLU A 1 11 ? -0.148  4.936   -0.077  1.00 8.90  ? 403 GLU A O    1 
ATOM   197 C CB   . GLU A 1 11 ? -2.282  5.674   2.313   1.00 11.15 ? 403 GLU A CB   1 
ATOM   198 C CG   . GLU A 1 11 ? -0.920  6.061   2.895   1.00 13.25 ? 403 GLU A CG   1 
ATOM   199 C CD   . GLU A 1 11 ? -0.500  7.493   2.595   1.00 21.70 ? 403 GLU A CD   1 
ATOM   200 O OE1  . GLU A 1 11 ? -1.304  8.271   2.032   1.00 23.60 ? 403 GLU A OE1  1 
ATOM   201 O OE2  . GLU A 1 11 ? 0.651   7.846   2.940   1.00 24.28 ? 403 GLU A OE2  1 
ATOM   202 H H    . GLU A 1 11 ? -4.186  4.919   0.922   1.00 11.36 ? 403 GLU A H    1 
ATOM   203 H HA   . GLU A 1 11 ? -2.067  6.432   0.421   1.00 10.14 ? 403 GLU A HA   1 
ATOM   204 H HB2  . GLU A 1 11 ? -2.921  6.354   2.582   1.00 13.39 ? 403 GLU A HB2  1 
ATOM   205 H HB3  . GLU A 1 11 ? -2.534  4.819   2.695   1.00 13.39 ? 403 GLU A HB3  1 
ATOM   206 H HG2  . GLU A 1 11 ? -0.954  5.959   3.860   1.00 15.90 ? 403 GLU A HG2  1 
ATOM   207 H HG3  . GLU A 1 11 ? -0.245  5.471   2.526   1.00 15.90 ? 403 GLU A HG3  1 
ATOM   208 N N    . ILE A 1 12 ? -1.586  3.265   0.345   1.00 8.08  ? 404 ILE A N    1 
ATOM   209 C CA   . ILE A 1 12 ? -0.661  2.237   -0.122  1.00 8.43  ? 404 ILE A CA   1 
ATOM   210 C C    . ILE A 1 12 ? -0.286  2.475   -1.579  1.00 7.82  ? 404 ILE A C    1 
ATOM   211 O O    . ILE A 1 12 ? 0.888   2.448   -1.952  1.00 8.56  ? 404 ILE A O    1 
ATOM   212 C CB   . ILE A 1 12 ? -1.240  0.823   0.081   1.00 9.06  ? 404 ILE A CB   1 
ATOM   213 C CG1  . ILE A 1 12 ? -1.220  0.475   1.569   1.00 10.15 ? 404 ILE A CG1  1 
ATOM   214 C CG2  . ILE A 1 12 ? -0.436  -0.215  -0.690  1.00 10.29 ? 404 ILE A CG2  1 
ATOM   215 C CD1  . ILE A 1 12 ? -1.926  -0.809  1.922   1.00 12.57 ? 404 ILE A CD1  1 
ATOM   216 H H    . ILE A 1 12 ? -2.338  2.962   0.632   1.00 9.69  ? 404 ILE A H    1 
ATOM   217 H HA   . ILE A 1 12 ? 0.162   2.297   0.407   1.00 10.12 ? 404 ILE A HA   1 
ATOM   218 H HB   . ILE A 1 12 ? -2.158  0.810   -0.234  1.00 10.87 ? 404 ILE A HB   1 
ATOM   219 H HG12 . ILE A 1 12 ? -0.297  0.392   1.855   1.00 12.18 ? 404 ILE A HG12 1 
ATOM   220 H HG13 . ILE A 1 12 ? -1.650  1.192   2.060   1.00 12.18 ? 404 ILE A HG13 1 
ATOM   221 H HG21 . ILE A 1 12 ? -0.822  -1.081  -0.543  1.00 12.34 ? 404 ILE A HG21 1 
ATOM   222 H HG22 . ILE A 1 12 ? -0.463  0.001   -1.625  1.00 12.34 ? 404 ILE A HG22 1 
ATOM   223 H HG23 . ILE A 1 12 ? 0.471   -0.203  -0.377  1.00 12.34 ? 404 ILE A HG23 1 
ATOM   224 H HD11 . ILE A 1 12 ? -1.865  -0.948  2.870   1.00 15.08 ? 404 ILE A HD11 1 
ATOM   225 H HD12 . ILE A 1 12 ? -2.847  -0.741  1.660   1.00 15.08 ? 404 ILE A HD12 1 
ATOM   226 H HD13 . ILE A 1 12 ? -1.506  -1.535  1.456   1.00 15.08 ? 404 ILE A HD13 1 
ATOM   227 N N    . ILE A 1 13 ? -1.285  2.702   -2.419  1.00 8.50  ? 405 ILE A N    1 
ATOM   228 C CA   A ILE A 1 13 ? -1.034  2.910   -3.838  0.67 9.27  ? 405 ILE A CA   1 
ATOM   229 C CA   B ILE A 1 13 ? -1.030  2.913   -3.840  0.33 9.46  ? 405 ILE A CA   1 
ATOM   230 C C    . ILE A 1 13 ? -0.303  4.235   -4.104  1.00 8.64  ? 405 ILE A C    1 
ATOM   231 O O    . ILE A 1 13 ? 0.590   4.301   -4.957  1.00 9.49  ? 405 ILE A O    1 
ATOM   232 C CB   A ILE A 1 13 ? -2.346  2.793   -4.630  0.67 11.30 ? 405 ILE A CB   1 
ATOM   233 C CB   B ILE A 1 13 ? -2.330  2.840   -4.659  0.33 11.44 ? 405 ILE A CB   1 
ATOM   234 C CG1  A ILE A 1 13 ? -2.817  1.334   -4.603  0.67 11.62 ? 405 ILE A CG1  1 
ATOM   235 C CG1  B ILE A 1 13 ? -2.978  1.462   -4.492  0.33 11.96 ? 405 ILE A CG1  1 
ATOM   236 C CG2  A ILE A 1 13 ? -2.167  3.266   -6.056  0.67 11.09 ? 405 ILE A CG2  1 
ATOM   237 C CG2  B ILE A 1 13 ? -2.055  3.111   -6.126  0.33 11.16 ? 405 ILE A CG2  1 
ATOM   238 C CD1  A ILE A 1 13 ? -4.248  1.120   -5.066  0.67 13.43 ? 405 ILE A CD1  1 
ATOM   239 C CD1  B ILE A 1 13 ? -2.069  0.297   -4.834  0.33 13.36 ? 405 ILE A CD1  1 
ATOM   240 H H    . ILE A 1 13 ? -2.115  2.740   -2.197  1.00 10.20 ? 405 ILE A H    1 
ATOM   241 H HA   . ILE A 1 13 ? -0.446  2.191   -4.153  0.33 11.36 ? 405 ILE A HA   1 
ATOM   242 H HB   A ILE A 1 13 ? -3.020  3.346   -4.201  0.67 13.56 ? 405 ILE A HB   1 
ATOM   243 H HB   B ILE A 1 13 ? -2.944  3.514   -4.328  0.33 13.73 ? 405 ILE A HB   1 
ATOM   244 H HG12 A ILE A 1 13 ? -2.240  0.812   -5.183  0.67 13.94 ? 405 ILE A HG12 1 
ATOM   245 H HG12 B ILE A 1 13 ? -3.253  1.358   -3.568  0.33 14.35 ? 405 ILE A HG12 1 
ATOM   246 H HG13 A ILE A 1 13 ? -2.750  1.003   -3.693  0.67 13.94 ? 405 ILE A HG13 1 
ATOM   247 H HG13 B ILE A 1 13 ? -3.753  1.411   -5.073  0.33 14.35 ? 405 ILE A HG13 1 
ATOM   248 H HG21 A ILE A 1 13 ? -3.003  3.180   -6.521  0.67 13.31 ? 405 ILE A HG21 1 
ATOM   249 H HG21 B ILE A 1 13 ? -2.882  3.060   -6.612  0.33 13.39 ? 405 ILE A HG21 1 
ATOM   250 H HG22 A ILE A 1 13 ? -1.890  4.185   -6.047  0.67 13.31 ? 405 ILE A HG22 1 
ATOM   251 H HG22 B ILE A 1 13 ? -1.676  3.989   -6.216  0.33 13.39 ? 405 ILE A HG22 1 
ATOM   252 H HG23 A ILE A 1 13 ? -1.498  2.726   -6.482  0.67 13.31 ? 405 ILE A HG23 1 
ATOM   253 H HG23 B ILE A 1 13 ? -1.439  2.453   -6.455  0.33 13.39 ? 405 ILE A HG23 1 
ATOM   254 H HD11 A ILE A 1 13 ? -4.456  0.183   -5.016  0.67 16.11 ? 405 ILE A HD11 1 
ATOM   255 H HD11 B ILE A 1 13 ? -2.550  -0.523  -4.703  0.33 16.03 ? 405 ILE A HD11 1 
ATOM   256 H HD12 A ILE A 1 13 ? -4.838  1.617   -4.495  0.67 16.11 ? 405 ILE A HD12 1 
ATOM   257 H HD12 B ILE A 1 13 ? -1.795  0.374   -5.751  0.33 16.03 ? 405 ILE A HD12 1 
ATOM   258 H HD13 A ILE A 1 13 ? -4.332  1.427   -5.972  0.67 16.11 ? 405 ILE A HD13 1 
ATOM   259 H HD13 B ILE A 1 13 ? -1.300  0.322   -4.260  0.33 16.03 ? 405 ILE A HD13 1 
ATOM   260 N N    . LYS A 1 14 ? -0.657  5.283   -3.366  1.00 9.44  ? 406 LYS A N    1 
ATOM   261 C CA   . LYS A 1 14 ? 0.040   6.564   -3.470  1.00 9.12  ? 406 LYS A CA   1 
ATOM   262 C C    . LYS A 1 14 ? 1.538   6.404   -3.176  1.00 8.53  ? 406 LYS A C    1 
ATOM   263 O O    . LYS A 1 14 ? 2.390   6.896   -3.918  1.00 10.32 ? 406 LYS A O    1 
ATOM   264 C CB   . LYS A 1 14 ? -0.570  7.590   -2.508  1.00 11.45 ? 406 LYS A CB   1 
ATOM   265 C CG   . LYS A 1 14 ? 0.134   8.942   -2.474  1.00 14.92 ? 406 LYS A CG   1 
ATOM   266 C CD   . LYS A 1 14 ? -0.469  9.832   -1.395  1.00 18.22 ? 406 LYS A CD   1 
ATOM   267 C CE   . LYS A 1 14 ? 0.274   11.153  -1.250  1.00 25.99 ? 406 LYS A CE   1 
ATOM   268 N NZ   . LYS A 1 14 ? -0.254  11.947  -0.104  1.00 31.98 ? 406 LYS A NZ   1 
ATOM   269 H H    . LYS A 1 14 ? -1.299  5.279   -2.794  1.00 11.33 ? 406 LYS A H    1 
ATOM   270 H HA   . LYS A 1 14 ? -0.056  6.908   -4.383  1.00 10.94 ? 406 LYS A HA   1 
ATOM   271 H HB2  . LYS A 1 14 ? -1.491  7.746   -2.769  1.00 13.74 ? 406 LYS A HB2  1 
ATOM   272 H HB3  . LYS A 1 14 ? -0.544  7.224   -1.610  1.00 13.74 ? 406 LYS A HB3  1 
ATOM   273 H HG2  . LYS A 1 14 ? 1.075   8.812   -2.275  1.00 17.90 ? 406 LYS A HG2  1 
ATOM   274 H HG3  . LYS A 1 14 ? 0.027   9.384   -3.331  1.00 17.90 ? 406 LYS A HG3  1 
ATOM   275 H HD2  . LYS A 1 14 ? -1.391  10.028  -1.624  1.00 21.86 ? 406 LYS A HD2  1 
ATOM   276 H HD3  . LYS A 1 14 ? -0.428  9.368   -0.544  1.00 21.86 ? 406 LYS A HD3  1 
ATOM   277 H HE2  . LYS A 1 14 ? 1.214   10.977  -1.092  1.00 31.19 ? 406 LYS A HE2  1 
ATOM   278 H HE3  . LYS A 1 14 ? 0.161   11.675  -2.060  1.00 31.19 ? 406 LYS A HE3  1 
ATOM   279 H HZ1  . LYS A 1 14 ? 0.191   12.714  -0.036  1.00 38.37 ? 406 LYS A HZ1  1 
ATOM   280 H HZ2  . LYS A 1 14 ? -1.118  12.123  -0.229  1.00 38.37 ? 406 LYS A HZ2  1 
ATOM   281 H HZ3  . LYS A 1 14 ? -0.159  11.488  0.653   1.00 38.37 ? 406 LYS A HZ3  1 
ATOM   282 N N    . VAL A 1 15 ? 1.865   5.723   -2.087  1.00 8.22  ? 407 VAL A N    1 
ATOM   283 C CA   . VAL A 1 15 ? 3.259   5.558   -1.706  1.00 9.05  ? 407 VAL A CA   1 
ATOM   284 C C    . VAL A 1 15 ? 3.984   4.691   -2.736  1.00 8.91  ? 407 VAL A C    1 
ATOM   285 O O    . VAL A 1 15 ? 5.097   5.005   -3.127  1.00 9.13  ? 407 VAL A O    1 
ATOM   286 C CB   . VAL A 1 15 ? 3.392   4.974   -0.280  1.00 9.55  ? 407 VAL A CB   1 
ATOM   287 C CG1  . VAL A 1 15 ? 4.831   4.562   -0.004  1.00 9.02  ? 407 VAL A CG1  1 
ATOM   288 C CG2  . VAL A 1 15 ? 2.929   5.990   0.752   1.00 10.88 ? 407 VAL A CG2  1 
ATOM   289 H H    . VAL A 1 15 ? 1.304   5.348   -1.555  1.00 9.87  ? 407 VAL A H    1 
ATOM   290 H HA   . VAL A 1 15 ? 3.688   6.439   -1.705  1.00 10.85 ? 407 VAL A HA   1 
ATOM   291 H HB   . VAL A 1 15 ? 2.825   4.179   -0.202  1.00 11.46 ? 407 VAL A HB   1 
ATOM   292 H HG11 . VAL A 1 15 ? 4.888   4.204   0.884   1.00 10.82 ? 407 VAL A HG11 1 
ATOM   293 H HG12 . VAL A 1 15 ? 5.093   3.896   -0.645  1.00 10.82 ? 407 VAL A HG12 1 
ATOM   294 H HG13 . VAL A 1 15 ? 5.398   5.333   -0.084  1.00 10.82 ? 407 VAL A HG13 1 
ATOM   295 H HG21 . VAL A 1 15 ? 3.019   5.609   1.628   1.00 13.06 ? 407 VAL A HG21 1 
ATOM   296 H HG22 . VAL A 1 15 ? 3.472   6.779   0.679   1.00 13.06 ? 407 VAL A HG22 1 
ATOM   297 H HG23 . VAL A 1 15 ? 2.009   6.210   0.583   1.00 13.06 ? 407 VAL A HG23 1 
ATOM   298 N N    . LEU A 1 16 ? 3.360   3.613   -3.190  1.00 7.97  ? 408 LEU A N    1 
ATOM   299 C CA   . LEU A 1 16 ? 3.987   2.786   -4.217  1.00 8.12  ? 408 LEU A CA   1 
ATOM   300 C C    . LEU A 1 16 ? 4.315   3.616   -5.451  1.00 9.50  ? 408 LEU A C    1 
ATOM   301 O O    . LEU A 1 16 ? 5.395   3.472   -6.015  1.00 11.08 ? 408 LEU A O    1 
ATOM   302 C CB   . LEU A 1 16 ? 3.098   1.609   -4.582  1.00 8.64  ? 408 LEU A CB   1 
ATOM   303 C CG   . LEU A 1 16 ? 3.155   0.460   -3.576  1.00 9.60  ? 408 LEU A CG   1 
ATOM   304 C CD1  . LEU A 1 16 ? 1.976   -0.469  -3.759  1.00 12.41 ? 408 LEU A CD1  1 
ATOM   305 C CD2  . LEU A 1 16 ? 4.473   -0.317  -3.683  1.00 10.36 ? 408 LEU A CD2  1 
ATOM   306 H H    . LEU A 1 16 ? 2.588   3.341   -2.928  1.00 9.57  ? 408 LEU A H    1 
ATOM   307 H HA   . LEU A 1 16 ? 4.828   2.427   -3.864  1.00 9.74  ? 408 LEU A HA   1 
ATOM   308 H HB2  . LEU A 1 16 ? 2.179   1.914   -4.631  1.00 10.37 ? 408 LEU A HB2  1 
ATOM   309 H HB3  . LEU A 1 16 ? 3.375   1.262   -5.444  1.00 10.37 ? 408 LEU A HB3  1 
ATOM   310 H HG   . LEU A 1 16 ? 3.103   0.829   -2.681  1.00 11.52 ? 408 LEU A HG   1 
ATOM   311 H HD11 . LEU A 1 16 ? 2.036   -1.179  -3.116  1.00 14.90 ? 408 LEU A HD11 1 
ATOM   312 H HD12 . LEU A 1 16 ? 1.164   0.026   -3.625  1.00 14.90 ? 408 LEU A HD12 1 
ATOM   313 H HD13 . LEU A 1 16 ? 1.997   -0.829  -4.648  1.00 14.90 ? 408 LEU A HD13 1 
ATOM   314 H HD21 . LEU A 1 16 ? 4.470   -1.028  -3.037  1.00 12.43 ? 408 LEU A HD21 1 
ATOM   315 H HD22 . LEU A 1 16 ? 4.550   -0.680  -4.568  1.00 12.43 ? 408 LEU A HD22 1 
ATOM   316 H HD23 . LEU A 1 16 ? 5.204   0.281   -3.509  1.00 12.43 ? 408 LEU A HD23 1 
ATOM   317 N N    . LYS A 1 17 ? 3.412   4.494   -5.871  1.00 10.11 ? 409 LYS A N    1 
ATOM   318 C CA   . LYS A 1 17 ? 3.682   5.369   -7.006  1.00 12.35 ? 409 LYS A CA   1 
ATOM   319 C C    . LYS A 1 17 ? 4.894   6.258   -6.733  1.00 13.32 ? 409 LYS A C    1 
ATOM   320 O O    . LYS A 1 17 ? 5.765   6.422   -7.596  1.00 13.45 ? 409 LYS A O    1 
ATOM   321 C CB   . LYS A 1 17 ? 2.464   6.245   -7.324  1.00 15.59 ? 409 LYS A CB   1 
ATOM   322 C CG   . LYS A 1 17 ? 2.781   7.407   -8.272  1.00 19.82 ? 409 LYS A CG   1 
ATOM   323 C CD   . LYS A 1 17 ? 1.547   8.204   -8.651  1.00 24.31 ? 409 LYS A CD   1 
ATOM   324 C CE   . LYS A 1 17 ? 1.905   9.433   -9.477  1.00 31.59 ? 409 LYS A CE   1 
ATOM   325 N NZ   . LYS A 1 17 ? 0.698   10.125  -10.007 0.00 30.84 ? 409 LYS A NZ   1 
ATOM   326 H H    . LYS A 1 17 ? 2.635   4.603   -5.516  1.00 12.13 ? 409 LYS A H    1 
ATOM   327 H HA   . LYS A 1 17 ? 3.878   4.820   -7.794  1.00 14.83 ? 409 LYS A HA   1 
ATOM   328 H HB2  . LYS A 1 17 ? 1.783   5.696   -7.743  1.00 18.72 ? 409 LYS A HB2  1 
ATOM   329 H HB3  . LYS A 1 17 ? 2.122   6.620   -6.497  1.00 18.72 ? 409 LYS A HB3  1 
ATOM   330 H HG2  . LYS A 1 17 ? 3.406   8.009   -7.838  1.00 23.78 ? 409 LYS A HG2  1 
ATOM   331 H HG3  . LYS A 1 17 ? 3.172   7.054   -9.086  1.00 23.78 ? 409 LYS A HG3  1 
ATOM   332 H HD2  . LYS A 1 17 ? 0.955   7.645   -9.179  1.00 29.17 ? 409 LYS A HD2  1 
ATOM   333 H HD3  . LYS A 1 17 ? 1.097   8.501   -7.844  1.00 29.17 ? 409 LYS A HD3  1 
ATOM   334 H HE2  . LYS A 1 17 ? 2.392   10.060  -8.920  1.00 37.91 ? 409 LYS A HE2  1 
ATOM   335 H HE3  . LYS A 1 17 ? 2.453   9.162   -10.230 1.00 37.91 ? 409 LYS A HE3  1 
ATOM   336 H HZ1  . LYS A 1 17 ? 0.940   10.837  -10.483 0.00 37.01 ? 409 LYS A HZ1  1 
ATOM   337 H HZ2  . LYS A 1 17 ? 0.234   9.571   -10.527 0.00 37.01 ? 409 LYS A HZ2  1 
ATOM   338 H HZ3  . LYS A 1 17 ? 0.179   10.390  -9.333  0.00 37.01 ? 409 LYS A HZ3  1 
ATOM   339 N N    . GLU A 1 18 ? 4.959   6.821   -5.529  1.00 13.38 ? 410 GLU A N    1 
ATOM   340 C CA   . GLU A 1 18 ? 6.036   7.738   -5.154  1.00 14.76 ? 410 GLU A CA   1 
ATOM   341 C C    . GLU A 1 18 ? 7.413   7.093   -5.243  1.00 12.41 ? 410 GLU A C    1 
ATOM   342 O O    . GLU A 1 18 ? 8.392   7.762   -5.587  1.00 14.11 ? 410 GLU A O    1 
ATOM   343 C CB   . GLU A 1 18 ? 5.829   8.260   -3.726  1.00 16.93 ? 410 GLU A CB   1 
ATOM   344 C CG   . GLU A 1 18 ? 4.646   9.200   -3.559  1.00 18.97 ? 410 GLU A CG   1 
ATOM   345 C CD   . GLU A 1 18 ? 4.385   9.566   -2.108  1.00 23.76 ? 410 GLU A CD   1 
ATOM   346 O OE1  . GLU A 1 18 ? 5.000   8.947   -1.212  1.00 27.23 ? 410 GLU A OE1  1 
ATOM   347 O OE2  . GLU A 1 18 ? 3.564   10.479  -1.864  1.00 29.42 ? 410 GLU A OE2  1 
ATOM   348 H H    . GLU A 1 18 ? 4.385   6.688   -4.903  1.00 16.05 ? 410 GLU A H    1 
ATOM   349 H HA   . GLU A 1 18 ? 6.024   8.507   -5.761  1.00 17.71 ? 410 GLU A HA   1 
ATOM   350 H HB2  . GLU A 1 18 ? 5.688   7.502   -3.137  1.00 20.32 ? 410 GLU A HB2  1 
ATOM   351 H HB3  . GLU A 1 18 ? 6.628   8.740   -3.453  1.00 20.32 ? 410 GLU A HB3  1 
ATOM   352 H HG2  . GLU A 1 18 ? 4.822   10.019  -4.048  1.00 22.77 ? 410 GLU A HG2  1 
ATOM   353 H HG3  . GLU A 1 18 ? 3.850   8.771   -3.907  1.00 22.77 ? 410 GLU A HG3  1 
ATOM   354 N N    . VAL A 1 19 ? 7.495   5.806   -4.918  1.00 11.83 ? 411 VAL A N    1 
ATOM   355 C CA   . VAL A 1 19 ? 8.772   5.089   -4.962  1.00 12.32 ? 411 VAL A CA   1 
ATOM   356 C C    . VAL A 1 19 ? 8.841   4.083   -6.117  1.00 11.77 ? 411 VAL A C    1 
ATOM   357 O O    . VAL A 1 19 ? 9.607   3.117   -6.072  1.00 13.39 ? 411 VAL A O    1 
ATOM   358 C CB   . VAL A 1 19 ? 9.104   4.393   -3.616  1.00 12.66 ? 411 VAL A CB   1 
ATOM   359 C CG1  . VAL A 1 19 ? 9.253   5.428   -2.509  1.00 14.67 ? 411 VAL A CG1  1 
ATOM   360 C CG2  . VAL A 1 19 ? 8.051   3.344   -3.249  1.00 13.93 ? 411 VAL A CG2  1 
ATOM   361 H H    . VAL A 1 19 ? 6.828   5.323   -4.670  1.00 14.19 ? 411 VAL A H    1 
ATOM   362 H HA   . VAL A 1 19 ? 9.479   5.749   -5.120  1.00 14.79 ? 411 VAL A HA   1 
ATOM   363 H HB   . VAL A 1 19 ? 9.964   3.930   -3.707  1.00 15.19 ? 411 VAL A HB   1 
ATOM   364 H HG11 . VAL A 1 19 ? 9.458   4.977   -1.687  1.00 17.60 ? 411 VAL A HG11 1 
ATOM   365 H HG12 . VAL A 1 19 ? 9.965   6.031   -2.738  1.00 17.60 ? 411 VAL A HG12 1 
ATOM   366 H HG13 . VAL A 1 19 ? 8.430   5.912   -2.422  1.00 17.60 ? 411 VAL A HG13 1 
ATOM   367 H HG21 . VAL A 1 19 ? 8.292   2.938   -2.413  1.00 16.72 ? 411 VAL A HG21 1 
ATOM   368 H HG22 . VAL A 1 19 ? 7.196   3.774   -3.170  1.00 16.72 ? 411 VAL A HG22 1 
ATOM   369 H HG23 . VAL A 1 19 ? 8.020   2.678   -3.940  1.00 16.72 ? 411 VAL A HG23 1 
ATOM   370 N N    . ASN A 1 20 ? 8.065   4.340   -7.164  1.00 12.06 ? 412 ASN A N    1 
ATOM   371 C CA   . ASN A 1 20 ? 8.154   3.576   -8.403  1.00 14.63 ? 412 ASN A CA   1 
ATOM   372 C C    . ASN A 1 20 ? 8.029   2.081   -8.152  1.00 12.59 ? 412 ASN A C    1 
ATOM   373 O O    . ASN A 1 20 ? 8.760   1.263   -8.727  1.00 15.23 ? 412 ASN A O    1 
ATOM   374 C CB   . ASN A 1 20 ? 9.468   3.883   -9.120  1.00 23.33 ? 412 ASN A CB   1 
ATOM   375 C CG   . ASN A 1 20 ? 9.744   5.366   -9.205  1.00 33.49 ? 412 ASN A CG   1 
ATOM   376 O OD1  . ASN A 1 20 ? 8.978   6.116   -9.811  1.00 43.51 ? 412 ASN A OD1  1 
ATOM   377 N ND2  . ASN A 1 20 ? 10.844  5.802   -8.596  1.00 37.69 ? 412 ASN A ND2  1 
ATOM   378 H H    . ASN A 1 20 ? 7.471   4.961   -7.181  1.00 14.47 ? 412 ASN A H    1 
ATOM   379 H HA   . ASN A 1 20 ? 7.419   3.844   -8.994  1.00 17.56 ? 412 ASN A HA   1 
ATOM   380 H HB2  . ASN A 1 20 ? 10.199  3.468   -8.636  1.00 28.00 ? 412 ASN A HB2  1 
ATOM   381 H HB3  . ASN A 1 20 ? 9.426   3.532   -10.023 1.00 28.00 ? 412 ASN A HB3  1 
ATOM   382 H HD21 . ASN A 1 20 ? 11.044  6.638   -8.616  1.00 45.23 ? 412 ASN A HD21 1 
ATOM   383 H HD22 . ASN A 1 20 ? 11.354  5.247   -8.182  1.00 45.23 ? 412 ASN A HD22 1 
ATOM   384 N N    . PHE A 1 21 ? 7.094   1.750   -7.271  1.00 11.95 ? 413 PHE A N    1 
ATOM   385 C CA   . PHE A 1 21 ? 6.725   0.381   -6.936  1.00 12.68 ? 413 PHE A CA   1 
ATOM   386 C C    . PHE A 1 21 ? 7.845   -0.470  -6.358  1.00 11.65 ? 413 PHE A C    1 
ATOM   387 O O    . PHE A 1 21 ? 7.816   -1.690  -6.440  1.00 13.20 ? 413 PHE A O    1 
ATOM   388 C CB   . PHE A 1 21 ? 5.992   -0.301  -8.092  1.00 17.61 ? 413 PHE A CB   1 
ATOM   389 C CG   . PHE A 1 21 ? 4.514   -0.018  -8.086  1.00 21.54 ? 413 PHE A CG   1 
ATOM   390 C CD1  . PHE A 1 21 ? 4.034   1.191   -8.551  1.00 21.86 ? 413 PHE A CD1  1 
ATOM   391 C CD2  . PHE A 1 21 ? 3.615   -0.938  -7.560  1.00 24.96 ? 413 PHE A CD2  1 
ATOM   392 C CE1  . PHE A 1 21 ? 2.681   1.472   -8.525  1.00 25.98 ? 413 PHE A CE1  1 
ATOM   393 C CE2  . PHE A 1 21 ? 2.257   -0.662  -7.532  1.00 27.82 ? 413 PHE A CE2  1 
ATOM   394 C CZ   . PHE A 1 21 ? 1.792   0.545   -8.011  1.00 26.48 ? 413 PHE A CZ   1 
ATOM   395 H H    . PHE A 1 21 ? 6.638   2.332   -6.832  1.00 14.33 ? 413 PHE A H    1 
ATOM   396 H HA   . PHE A 1 21 ? 6.063   0.448   -6.218  1.00 15.21 ? 413 PHE A HA   1 
ATOM   397 H HB2  . PHE A 1 21 ? 6.357   0.021   -8.932  1.00 21.13 ? 413 PHE A HB2  1 
ATOM   398 H HB3  . PHE A 1 21 ? 6.116   -1.260  -8.023  1.00 21.13 ? 413 PHE A HB3  1 
ATOM   399 H HD1  . PHE A 1 21 ? 4.628   1.819   -8.895  1.00 26.23 ? 413 PHE A HD1  1 
ATOM   400 H HD2  . PHE A 1 21 ? 3.926   -1.751  -7.235  1.00 29.96 ? 413 PHE A HD2  1 
ATOM   401 H HE1  . PHE A 1 21 ? 2.369   2.286   -8.851  1.00 31.18 ? 413 PHE A HE1  1 
ATOM   402 H HE2  . PHE A 1 21 ? 1.661   -1.288  -7.188  1.00 33.39 ? 413 PHE A HE2  1 
ATOM   403 H HZ   . PHE A 1 21 ? 0.881   0.730   -7.997  1.00 31.77 ? 413 PHE A HZ   1 
ATOM   404 N N    . ASN A 1 22 ? 8.802   0.188   -5.718  1.00 10.11 ? 414 ASN A N    1 
ATOM   405 C CA   . ASN A 1 22 ? 9.763   -0.503  -4.878  1.00 10.81 ? 414 ASN A CA   1 
ATOM   406 C C    . ASN A 1 22 ? 9.032   -0.877  -3.591  1.00 10.01 ? 414 ASN A C    1 
ATOM   407 O O    . ASN A 1 22 ? 8.786   -0.036  -2.728  1.00 9.83  ? 414 ASN A O    1 
ATOM   408 C CB   . ASN A 1 22 ? 10.965  0.395   -4.597  1.00 11.97 ? 414 ASN A CB   1 
ATOM   409 C CG   . ASN A 1 22 ? 12.030  -0.301  -3.808  1.00 15.03 ? 414 ASN A CG   1 
ATOM   410 O OD1  . ASN A 1 22 ? 11.744  -1.034  -2.864  1.00 13.89 ? 414 ASN A OD1  1 
ATOM   411 N ND2  . ASN A 1 22 ? 13.278  -0.082  -4.191  1.00 20.19 ? 414 ASN A ND2  1 
ATOM   412 H H    . ASN A 1 22 ? 8.915   1.040   -5.754  1.00 12.13 ? 414 ASN A H    1 
ATOM   413 H HA   . ASN A 1 22 ? 10.071  -1.321  -5.321  1.00 12.98 ? 414 ASN A HA   1 
ATOM   414 H HB2  . ASN A 1 22 ? 11.352  0.679   -5.439  1.00 14.37 ? 414 ASN A HB2  1 
ATOM   415 H HB3  . ASN A 1 22 ? 10.671  1.167   -4.089  1.00 14.37 ? 414 ASN A HB3  1 
ATOM   416 H HD21 . ASN A 1 22 ? 13.929  -0.457  -3.772  1.00 24.23 ? 414 ASN A HD21 1 
ATOM   417 H HD22 . ASN A 1 22 ? 13.438  0.435   -4.860  1.00 24.23 ? 414 ASN A HD22 1 
ATOM   418 N N    A LYS A 1 23 ? 8.659   -2.144  -3.482  0.52 9.95  ? 415 LYS A N    1 
ATOM   419 N N    B LYS A 1 23 ? 8.679   -2.151  -3.469  0.48 9.97  ? 415 LYS A N    1 
ATOM   420 C CA   A LYS A 1 23 ? 7.802   -2.579  -2.392  0.52 10.45 ? 415 LYS A CA   1 
ATOM   421 C CA   B LYS A 1 23 ? 7.801   -2.602  -2.391  0.48 11.00 ? 415 LYS A CA   1 
ATOM   422 C C    A LYS A 1 23 ? 8.495   -2.443  -1.036  0.52 9.33  ? 415 LYS A C    1 
ATOM   423 C C    B LYS A 1 23 ? 8.470   -2.569  -1.016  0.48 9.82  ? 415 LYS A C    1 
ATOM   424 O O    A LYS A 1 23 ? 7.881   -2.011  -0.062  0.52 7.54  ? 415 LYS A O    1 
ATOM   425 O O    B LYS A 1 23 ? 7.807   -2.344  -0.005  0.48 9.19  ? 415 LYS A O    1 
ATOM   426 C CB   A LYS A 1 23 ? 7.300   -4.004  -2.641  0.52 13.59 ? 415 LYS A CB   1 
ATOM   427 C CB   B LYS A 1 23 ? 7.252   -3.997  -2.704  0.48 14.80 ? 415 LYS A CB   1 
ATOM   428 C CG   A LYS A 1 23 ? 6.253   -4.077  -3.756  0.52 14.33 ? 415 LYS A CG   1 
ATOM   429 C CG   B LYS A 1 23 ? 6.242   -3.998  -3.848  0.48 16.37 ? 415 LYS A CG   1 
ATOM   430 C CD   A LYS A 1 23 ? 5.590   -5.445  -3.848  0.52 16.43 ? 415 LYS A CD   1 
ATOM   431 C CD   B LYS A 1 23 ? 5.720   -5.391  -4.172  0.48 19.45 ? 415 LYS A CD   1 
ATOM   432 C CE   A LYS A 1 23 ? 6.508   -6.483  -4.479  0.52 18.23 ? 415 LYS A CE   1 
ATOM   433 C CE   B LYS A 1 23 ? 4.835   -5.352  -5.407  0.48 22.97 ? 415 LYS A CE   1 
ATOM   434 N NZ   A LYS A 1 23 ? 6.666   -6.291  -5.950  0.52 21.43 ? 415 LYS A NZ   1 
ATOM   435 N NZ   B LYS A 1 23 ? 4.405   -6.689  -5.898  0.48 30.21 ? 415 LYS A NZ   1 
ATOM   436 H H    A LYS A 1 23 ? 8.888   -2.770  -4.026  0.52 11.95 ? 415 LYS A H    1 
ATOM   437 H H    B LYS A 1 23 ? 8.934   -2.778  -3.999  0.48 11.96 ? 415 LYS A H    1 
ATOM   438 H HA   A LYS A 1 23 ? 7.014   -1.996  -2.372  0.52 12.53 ? 415 LYS A HA   1 
ATOM   439 H HA   B LYS A 1 23 ? 7.034   -1.994  -2.352  0.48 13.20 ? 415 LYS A HA   1 
ATOM   440 H HB2  A LYS A 1 23 ? 8.051   -4.563  -2.897  0.52 16.31 ? 415 LYS A HB2  1 
ATOM   441 H HB2  B LYS A 1 23 ? 7.988   -4.577  -2.954  0.48 17.76 ? 415 LYS A HB2  1 
ATOM   442 H HB3  A LYS A 1 23 ? 6.896   -4.344  -1.827  0.52 16.31 ? 415 LYS A HB3  1 
ATOM   443 H HB3  B LYS A 1 23 ? 6.810   -4.346  -1.914  0.48 17.76 ? 415 LYS A HB3  1 
ATOM   444 H HG2  A LYS A 1 23 ? 5.561   -3.419  -3.584  0.52 17.19 ? 415 LYS A HG2  1 
ATOM   445 H HG2  B LYS A 1 23 ? 5.485   -3.443  -3.601  0.48 19.64 ? 415 LYS A HG2  1 
ATOM   446 H HG3  A LYS A 1 23 ? 6.683   -3.894  -4.607  0.52 17.19 ? 415 LYS A HG3  1 
ATOM   447 H HG3  B LYS A 1 23 ? 6.667   -3.644  -4.645  0.48 19.64 ? 415 LYS A HG3  1 
ATOM   448 H HD2  A LYS A 1 23 ? 5.360   -5.747  -2.956  0.52 19.71 ? 415 LYS A HD2  1 
ATOM   449 H HD2  B LYS A 1 23 ? 6.467   -5.983  -4.348  0.48 23.34 ? 415 LYS A HD2  1 
ATOM   450 H HD3  A LYS A 1 23 ? 4.792   -5.375  -4.394  0.52 19.71 ? 415 LYS A HD3  1 
ATOM   451 H HD3  B LYS A 1 23 ? 5.193   -5.720  -3.427  0.48 23.34 ? 415 LYS A HD3  1 
ATOM   452 H HE2  A LYS A 1 23 ? 7.386   -6.420  -4.072  0.52 21.87 ? 415 LYS A HE2  1 
ATOM   453 H HE2  B LYS A 1 23 ? 4.035   -4.843  -5.201  0.48 27.56 ? 415 LYS A HE2  1 
ATOM   454 H HE3  A LYS A 1 23 ? 6.136   -7.367  -4.330  0.52 21.87 ? 415 LYS A HE3  1 
ATOM   455 H HE3  B LYS A 1 23 ? 5.322   -4.918  -6.125  0.48 27.56 ? 415 LYS A HE3  1 
ATOM   456 H HZ1  A LYS A 1 23 ? 7.208   -6.915  -6.282  0.52 25.71 ? 415 LYS A HZ1  1 
ATOM   457 H HZ1  B LYS A 1 23 ? 3.892   -6.598  -6.619  0.48 36.25 ? 415 LYS A HZ1  1 
ATOM   458 H HZ2  A LYS A 1 23 ? 5.874   -6.353  -6.352  0.52 25.71 ? 415 LYS A HZ2  1 
ATOM   459 H HZ2  B LYS A 1 23 ? 5.118   -7.179  -6.109  0.48 36.25 ? 415 LYS A HZ2  1 
ATOM   460 H HZ3  A LYS A 1 23 ? 7.014   -5.489  -6.117  0.52 25.71 ? 415 LYS A HZ3  1 
ATOM   461 H HZ3  B LYS A 1 23 ? 3.942   -7.111  -5.265  0.48 36.25 ? 415 LYS A HZ3  1 
ATOM   462 N N    . LYS A 1 24 ? 9.776   -2.784  -0.968  1.00 9.42  ? 416 LYS A N    1 
ATOM   463 C CA   . LYS A 1 24 ? 10.503  -2.689  0.289   1.00 10.95 ? 416 LYS A CA   1 
ATOM   464 C C    . LYS A 1 24 ? 10.476  -1.261  0.821   1.00 10.54 ? 416 LYS A C    1 
ATOM   465 O O    . LYS A 1 24 ? 10.136  -1.021  1.979   1.00 10.45 ? 416 LYS A O    1 
ATOM   466 C CB   . LYS A 1 24 ? 11.944  -3.157  0.122   1.00 15.06 ? 416 LYS A CB   1 
ATOM   467 C CG   . LYS A 1 24 ? 12.793  -2.942  1.358   1.00 20.44 ? 416 LYS A CG   1 
ATOM   468 C CD   . LYS A 1 24 ? 12.248  -3.686  2.560   1.00 24.83 ? 416 LYS A CD   1 
ATOM   469 C CE   . LYS A 1 24 ? 13.134  -3.477  3.780   1.00 31.47 ? 416 LYS A CE   1 
ATOM   470 N NZ   . LYS A 1 24 ? 12.560  -4.096  5.005   1.00 35.26 ? 416 LYS A NZ   1 
ATOM   471 H H    . LYS A 1 24 ? 10.244  -3.072  -1.630  1.00 11.31 ? 416 LYS A H    1 
ATOM   472 H HA   . LYS A 1 24 ? 10.072  -3.267  0.952   1.00 13.14 ? 416 LYS A HA   1 
ATOM   473 H HB2  . LYS A 1 24 ? 11.944  -4.107  -0.078  1.00 18.07 ? 416 LYS A HB2  1 
ATOM   474 H HB3  . LYS A 1 24 ? 12.351  -2.665  -0.609  1.00 18.07 ? 416 LYS A HB3  1 
ATOM   475 H HG2  . LYS A 1 24 ? 13.693  -3.262  1.186   1.00 24.53 ? 416 LYS A HG2  1 
ATOM   476 H HG3  . LYS A 1 24 ? 12.811  -1.996  1.570   1.00 24.53 ? 416 LYS A HG3  1 
ATOM   477 H HD2  . LYS A 1 24 ? 11.360  -3.356  2.767   1.00 29.79 ? 416 LYS A HD2  1 
ATOM   478 H HD3  . LYS A 1 24 ? 12.217  -4.636  2.365   1.00 29.79 ? 416 LYS A HD3  1 
ATOM   479 H HE2  . LYS A 1 24 ? 14.000  -3.881  3.615   1.00 37.76 ? 416 LYS A HE2  1 
ATOM   480 H HE3  . LYS A 1 24 ? 13.234  -2.526  3.941   1.00 37.76 ? 416 LYS A HE3  1 
ATOM   481 H HZ1  . LYS A 1 24 ? 13.100  -3.956  5.698   1.00 42.31 ? 416 LYS A HZ1  1 
ATOM   482 H HZ2  . LYS A 1 24 ? 11.764  -3.738  5.183   1.00 42.31 ? 416 LYS A HZ2  1 
ATOM   483 H HZ3  . LYS A 1 24 ? 12.462  -4.972  4.886   1.00 42.31 ? 416 LYS A HZ3  1 
ATOM   484 N N    . LEU A 1 25 ? 10.831  -0.303  -0.025  1.00 8.86  ? 417 LEU A N    1 
ATOM   485 C CA   . LEU A 1 25 ? 10.803  1.094   0.384   1.00 8.52  ? 417 LEU A CA   1 
ATOM   486 C C    . LEU A 1 25 ? 9.398   1.522   0.754   1.00 8.03  ? 417 LEU A C    1 
ATOM   487 O O    . LEU A 1 25 ? 9.201   2.230   1.736   1.00 8.07  ? 417 LEU A O    1 
ATOM   488 C CB   . LEU A 1 25 ? 11.319  2.001   -0.727  1.00 10.12 ? 417 LEU A CB   1 
ATOM   489 C CG   . LEU A 1 25 ? 12.795  1.842   -1.080  1.00 12.06 ? 417 LEU A CG   1 
ATOM   490 C CD1  . LEU A 1 25 ? 13.194  2.838   -2.168  1.00 15.29 ? 417 LEU A CD1  1 
ATOM   491 C CD2  . LEU A 1 25 ? 13.671  2.002   0.152   1.00 13.33 ? 417 LEU A CD2  1 
ATOM   492 H H    . LEU A 1 25 ? 11.089  -0.433  -0.834  1.00 10.63 ? 417 LEU A H    1 
ATOM   493 H HA   . LEU A 1 25 ? 11.378  1.213   1.168   1.00 10.22 ? 417 LEU A HA   1 
ATOM   494 H HB2  . LEU A 1 25 ? 10.807  1.821   -1.532  1.00 12.15 ? 417 LEU A HB2  1 
ATOM   495 H HB3  . LEU A 1 25 ? 11.183  2.923   -0.458  1.00 12.15 ? 417 LEU A HB3  1 
ATOM   496 H HG   . LEU A 1 25 ? 12.938  0.948   -1.430  1.00 14.47 ? 417 LEU A HG   1 
ATOM   497 H HD11 . LEU A 1 25 ? 14.124  2.720   -2.373  1.00 18.35 ? 417 LEU A HD11 1 
ATOM   498 H HD12 . LEU A 1 25 ? 12.663  2.675   -2.950  1.00 18.35 ? 417 LEU A HD12 1 
ATOM   499 H HD13 . LEU A 1 25 ? 13.040  3.729   -1.847  1.00 18.35 ? 417 LEU A HD13 1 
ATOM   500 H HD21 . LEU A 1 25 ? 14.591  1.897   -0.103  1.00 16.00 ? 417 LEU A HD21 1 
ATOM   501 H HD22 . LEU A 1 25 ? 13.532  2.877   0.522   1.00 16.00 ? 417 LEU A HD22 1 
ATOM   502 H HD23 . LEU A 1 25 ? 13.430  1.332   0.796   1.00 16.00 ? 417 LEU A HD23 1 
ATOM   503 N N    . ALA A 1 26 ? 8.421   1.112   -0.043  1.00 7.93  ? 418 ALA A N    1 
ATOM   504 C CA   . ALA A 1 26 ? 7.035   1.465   0.238   1.00 7.43  ? 418 ALA A CA   1 
ATOM   505 C C    . ALA A 1 26 ? 6.628   0.958   1.616   1.00 7.64  ? 418 ALA A C    1 
ATOM   506 O O    . ALA A 1 26 ? 6.010   1.689   2.390   1.00 7.66  ? 418 ALA A O    1 
ATOM   507 C CB   . ALA A 1 26 ? 6.108   0.903   -0.829  1.00 8.09  ? 418 ALA A CB   1 
ATOM   508 H H    . ALA A 1 26 ? 8.531   0.633   -0.749  1.00 9.52  ? 418 ALA A H    1 
ATOM   509 H HA   . ALA A 1 26 ? 6.946   2.441   0.235   1.00 8.91  ? 418 ALA A HA   1 
ATOM   510 H HB1  . ALA A 1 26 ? 5.204   1.150   -0.618  1.00 9.70  ? 418 ALA A HB1  1 
ATOM   511 H HB2  . ALA A 1 26 ? 6.357   1.267   -1.682  1.00 9.70  ? 418 ALA A HB2  1 
ATOM   512 H HB3  . ALA A 1 26 ? 6.192   -0.053  -0.844  1.00 9.70  ? 418 ALA A HB3  1 
ATOM   513 N N    . SER A 1 27 ? 6.977   -0.283  1.932   1.00 7.22  ? 419 SER A N    1 
ATOM   514 C CA   . SER A 1 27 ? 6.602   -0.859  3.213   1.00 9.07  ? 419 SER A CA   1 
ATOM   515 C C    . SER A 1 27 ? 7.216   -0.057  4.357   1.00 8.62  ? 419 SER A C    1 
ATOM   516 O O    . SER A 1 27 ? 6.550   0.178   5.375   1.00 9.96  ? 419 SER A O    1 
ATOM   517 C CB   . SER A 1 27 ? 6.969   -2.343  3.295   1.00 10.02 ? 419 SER A CB   1 
ATOM   518 O OG   . SER A 1 27 ? 8.366   -2.558  3.407   1.00 13.24 ? 419 SER A OG   1 
ATOM   519 H H    . SER A 1 27 ? 7.429   -0.809  1.423   1.00 8.66  ? 419 SER A H    1 
ATOM   520 H HA   . SER A 1 27 ? 5.629   -0.796  3.304   1.00 10.88 ? 419 SER A HA   1 
ATOM   521 H HB2  . SER A 1 27 ? 6.534   -2.727  4.072   1.00 12.03 ? 419 SER A HB2  1 
ATOM   522 H HB3  . SER A 1 27 ? 6.652   -2.785  2.491   1.00 12.03 ? 419 SER A HB3  1 
ATOM   523 H HG   . SER A 1 27 ? 8.761   -1.840  3.411   1.00 15.89 ? 419 SER A HG   1 
ATOM   524 N N    . GLU A 1 28 ? 8.458   0.393   4.184   1.00 8.54  ? 420 GLU A N    1 
ATOM   525 C CA   . GLU A 1 28 ? 9.128   1.168   5.225   1.00 9.34  ? 420 GLU A CA   1 
ATOM   526 C C    . GLU A 1 28 ? 8.445   2.519   5.425   1.00 9.67  ? 420 GLU A C    1 
ATOM   527 O O    . GLU A 1 28 ? 8.301   2.991   6.551   1.00 11.90 ? 420 GLU A O    1 
ATOM   528 C CB   . GLU A 1 28 ? 10.609  1.357   4.881   1.00 10.63 ? 420 GLU A CB   1 
ATOM   529 C CG   . GLU A 1 28 ? 11.407  0.060   4.930   1.00 12.44 ? 420 GLU A CG   1 
ATOM   530 C CD   . GLU A 1 28 ? 12.859  0.239   4.525   1.00 16.55 ? 420 GLU A CD   1 
ATOM   531 O OE1  . GLU A 1 28 ? 13.112  0.950   3.538   1.00 16.92 ? 420 GLU A OE1  1 
ATOM   532 O OE2  . GLU A 1 28 ? 13.741  -0.321  5.204   1.00 21.89 ? 420 GLU A OE2  1 
ATOM   533 H H    . GLU A 1 28 ? 8.931   0.263   3.478   1.00 10.25 ? 420 GLU A H    1 
ATOM   534 H HA   . GLU A 1 28 ? 9.075   0.676   6.071   1.00 11.21 ? 420 GLU A HA   1 
ATOM   535 H HB2  . GLU A 1 28 ? 10.680  1.717   3.983   1.00 12.75 ? 420 GLU A HB2  1 
ATOM   536 H HB3  . GLU A 1 28 ? 11.004  1.974   5.517   1.00 12.75 ? 420 GLU A HB3  1 
ATOM   537 H HG2  . GLU A 1 28 ? 11.390  -0.286  5.836   1.00 14.93 ? 420 GLU A HG2  1 
ATOM   538 H HG3  . GLU A 1 28 ? 11.004  -0.581  4.324   1.00 14.93 ? 420 GLU A HG3  1 
ATOM   539 N N    . ILE A 1 29 ? 8.008   3.134   4.334   1.00 7.97  ? 421 ILE A N    1 
ATOM   540 C CA   . ILE A 1 29 ? 7.327   4.427   4.407   1.00 9.07  ? 421 ILE A CA   1 
ATOM   541 C C    . ILE A 1 29 ? 5.929   4.297   5.018   1.00 8.67  ? 421 ILE A C    1 
ATOM   542 O O    . ILE A 1 29 ? 5.483   5.154   5.793   1.00 10.48 ? 421 ILE A O    1 
ATOM   543 C CB   . ILE A 1 29 ? 7.233   5.075   3.014   1.00 9.61  ? 421 ILE A CB   1 
ATOM   544 C CG1  . ILE A 1 29 ? 8.628   5.441   2.507   1.00 10.85 ? 421 ILE A CG1  1 
ATOM   545 C CG2  . ILE A 1 29 ? 6.321   6.304   3.042   1.00 11.76 ? 421 ILE A CG2  1 
ATOM   546 C CD1  . ILE A 1 29 ? 8.712   5.564   1.010   1.00 10.33 ? 421 ILE A CD1  1 
ATOM   547 H H    . ILE A 1 29 ? 8.093   2.826   3.535   1.00 9.57  ? 421 ILE A H    1 
ATOM   548 H HA   . ILE A 1 29 ? 7.848   5.026   4.981   1.00 10.88 ? 421 ILE A HA   1 
ATOM   549 H HB   . ILE A 1 29 ? 6.849   4.426   2.404   1.00 11.53 ? 421 ILE A HB   1 
ATOM   550 H HG12 . ILE A 1 29 ? 8.887   6.294   2.890   1.00 13.02 ? 421 ILE A HG12 1 
ATOM   551 H HG13 . ILE A 1 29 ? 9.252   4.753   2.784   1.00 13.02 ? 421 ILE A HG13 1 
ATOM   552 H HG21 . ILE A 1 29 ? 6.283   6.685   2.162   1.00 14.11 ? 421 ILE A HG21 1 
ATOM   553 H HG22 . ILE A 1 29 ? 5.442   6.035   3.321   1.00 14.11 ? 421 ILE A HG22 1 
ATOM   554 H HG23 . ILE A 1 29 ? 6.679   6.945   3.661   1.00 14.11 ? 421 ILE A HG23 1 
ATOM   555 H HD11 . ILE A 1 29 ? 9.611   5.794   0.766   1.00 12.40 ? 421 ILE A HD11 1 
ATOM   556 H HD12 . ILE A 1 29 ? 8.470   4.724   0.615   1.00 12.40 ? 421 ILE A HD12 1 
ATOM   557 H HD13 . ILE A 1 29 ? 8.107   6.250   0.719   1.00 12.40 ? 421 ILE A HD13 1 
ATOM   558 N N    . LEU A 1 30 ? 5.236   3.220   4.667   1.00 7.97  ? 422 LEU A N    1 
ATOM   559 C CA   . LEU A 1 30 ? 3.882   2.954   5.163   1.00 9.17  ? 422 LEU A CA   1 
ATOM   560 C C    . LEU A 1 30 ? 3.853   2.502   6.633   1.00 9.16  ? 422 LEU A C    1 
ATOM   561 O O    . LEU A 1 30 ? 2.813   2.560   7.300   1.00 9.77  ? 422 LEU A O    1 
ATOM   562 C CB   . LEU A 1 30 ? 3.248   1.868   4.295   1.00 9.13  ? 422 LEU A CB   1 
ATOM   563 C CG   . LEU A 1 30 ? 2.927   2.270   2.856   1.00 9.46  ? 422 LEU A CG   1 
ATOM   564 C CD1  . LEU A 1 30 ? 2.715   1.044   1.998   1.00 9.18  ? 422 LEU A CD1  1 
ATOM   565 C CD2  . LEU A 1 30 ? 1.704   3.162   2.822   1.00 9.47  ? 422 LEU A CD2  1 
ATOM   566 H H    . LEU A 1 30 ? 5.532   2.614   4.132   1.00 9.56  ? 422 LEU A H    1 
ATOM   567 H HA   . LEU A 1 30 ? 3.342   3.767   5.082   1.00 11.01 ? 422 LEU A HA   1 
ATOM   568 H HB2  . LEU A 1 30 ? 3.857   1.114   4.256   1.00 10.95 ? 422 LEU A HB2  1 
ATOM   569 H HB3  . LEU A 1 30 ? 2.417   1.590   4.711   1.00 10.95 ? 422 LEU A HB3  1 
ATOM   570 H HG   . LEU A 1 30 ? 3.675   2.768   2.491   1.00 11.36 ? 422 LEU A HG   1 
ATOM   571 H HD11 . LEU A 1 30 ? 2.515   1.322   1.101   1.00 11.01 ? 422 LEU A HD11 1 
ATOM   572 H HD12 . LEU A 1 30 ? 3.516   0.514   2.006   1.00 11.01 ? 422 LEU A HD12 1 
ATOM   573 H HD13 . LEU A 1 30 ? 1.983   0.536   2.355   1.00 11.01 ? 422 LEU A HD13 1 
ATOM   574 H HD21 . LEU A 1 30 ? 1.517   3.403   1.912   1.00 11.37 ? 422 LEU A HD21 1 
ATOM   575 H HD22 . LEU A 1 30 ? 0.959   2.684   3.193   1.00 11.37 ? 422 LEU A HD22 1 
ATOM   576 H HD23 . LEU A 1 30 ? 1.879   3.951   3.341   1.00 11.37 ? 422 LEU A HD23 1 
ATOM   577 N N    . GLY A 1 31 ? 4.990   2.042   7.138   1.00 9.86  ? 423 GLY A N    1 
ATOM   578 C CA   . GLY A 1 31 ? 5.066   1.559   8.498   1.00 10.38 ? 423 GLY A CA   1 
ATOM   579 C C    . GLY A 1 31 ? 4.478   0.180   8.693   1.00 12.12 ? 423 GLY A C    1 
ATOM   580 O O    . GLY A 1 31 ? 4.029   -0.154  9.791   1.00 14.39 ? 423 GLY A O    1 
ATOM   581 H H    . GLY A 1 31 ? 5.733   2.000   6.707   1.00 11.83 ? 423 GLY A H    1 
ATOM   582 H HA2  . GLY A 1 31 ? 5.996   1.534   8.776   1.00 12.45 ? 423 GLY A HA2  1 
ATOM   583 H HA3  . GLY A 1 31 ? 4.593   2.174   9.081   1.00 12.45 ? 423 GLY A HA3  1 
ATOM   584 N N    . ILE A 1 32 ? 4.491   -0.628  7.636   1.00 12.39 ? 424 ILE A N    1 
ATOM   585 C CA   . ILE A 1 32 ? 3.978   -1.990  7.706   1.00 12.64 ? 424 ILE A CA   1 
ATOM   586 C C    . ILE A 1 32 ? 5.042   -2.968  7.224   1.00 13.83 ? 424 ILE A C    1 
ATOM   587 O O    . ILE A 1 32 ? 5.867   -2.617  6.370   1.00 14.13 ? 424 ILE A O    1 
ATOM   588 C CB   . ILE A 1 32 ? 2.693   -2.177  6.866   1.00 14.11 ? 424 ILE A CB   1 
ATOM   589 C CG1  . ILE A 1 32 ? 2.965   -1.928  5.381   1.00 13.65 ? 424 ILE A CG1  1 
ATOM   590 C CG2  . ILE A 1 32 ? 1.592   -1.251  7.370   1.00 17.60 ? 424 ILE A CG2  1 
ATOM   591 C CD1  . ILE A 1 32 ? 1.754   -2.167  4.493   1.00 16.28 ? 424 ILE A CD1  1 
ATOM   592 H H    . ILE A 1 32 ? 4.794   -0.409  6.862   1.00 14.86 ? 424 ILE A H    1 
ATOM   593 H HA   . ILE A 1 32 ? 3.766   -2.205  8.639   1.00 15.17 ? 424 ILE A HA   1 
ATOM   594 H HB   . ILE A 1 32 ? 2.392   -3.093  6.971   1.00 16.93 ? 424 ILE A HB   1 
ATOM   595 H HG12 . ILE A 1 32 ? 3.243   -1.007  5.263   1.00 16.38 ? 424 ILE A HG12 1 
ATOM   596 H HG13 . ILE A 1 32 ? 3.671   -2.525  5.088   1.00 16.38 ? 424 ILE A HG13 1 
ATOM   597 H HG21 . ILE A 1 32 ? 0.805   -1.383  6.836   1.00 21.13 ? 424 ILE A HG21 1 
ATOM   598 H HG22 . ILE A 1 32 ? 1.405   -1.460  8.288   1.00 21.13 ? 424 ILE A HG22 1 
ATOM   599 H HG23 . ILE A 1 32 ? 1.891   -0.342  7.295   1.00 21.13 ? 424 ILE A HG23 1 
ATOM   600 H HD11 . ILE A 1 32 ? 1.997   -1.993  3.581   1.00 19.53 ? 424 ILE A HD11 1 
ATOM   601 H HD12 . ILE A 1 32 ? 1.473   -3.080  4.589   1.00 19.53 ? 424 ILE A HD12 1 
ATOM   602 H HD13 . ILE A 1 32 ? 1.048   -1.576  4.762   1.00 19.53 ? 424 ILE A HD13 1 
ATOM   603 N N    . PRO A 1 33 ? 5.024   -4.199  7.755   1.00 14.99 ? 425 PRO A N    1 
ATOM   604 C CA   . PRO A 1 33 ? 5.970   -5.215  7.284   1.00 15.21 ? 425 PRO A CA   1 
ATOM   605 C C    . PRO A 1 33 ? 5.768   -5.513  5.806   1.00 13.61 ? 425 PRO A C    1 
ATOM   606 O O    . PRO A 1 33 ? 4.657   -5.377  5.293   1.00 11.81 ? 425 PRO A O    1 
ATOM   607 C CB   . PRO A 1 33 ? 5.615   -6.447  8.119   1.00 18.40 ? 425 PRO A CB   1 
ATOM   608 C CG   . PRO A 1 33 ? 4.858   -5.928  9.295   1.00 21.73 ? 425 PRO A CG   1 
ATOM   609 C CD   . PRO A 1 33 ? 4.157   -4.700  8.834   1.00 18.94 ? 425 PRO A CD   1 
ATOM   610 H HA   . PRO A 1 33 ? 6.896   -4.945  7.453   1.00 18.26 ? 425 PRO A HA   1 
ATOM   611 H HB2  . PRO A 1 33 ? 5.062   -7.048  7.596   1.00 22.08 ? 425 PRO A HB2  1 
ATOM   612 H HB3  . PRO A 1 33 ? 6.428   -6.892  8.406   1.00 22.08 ? 425 PRO A HB3  1 
ATOM   613 H HG2  . PRO A 1 33 ? 4.216   -6.594  9.588   1.00 26.07 ? 425 PRO A HG2  1 
ATOM   614 H HG3  . PRO A 1 33 ? 5.477   -5.716  10.011  1.00 26.07 ? 425 PRO A HG3  1 
ATOM   615 H HD2  . PRO A 1 33 ? 3.279   -4.922  8.488   1.00 22.73 ? 425 PRO A HD2  1 
ATOM   616 H HD3  . PRO A 1 33 ? 4.103   -4.051  9.553   1.00 22.73 ? 425 PRO A HD3  1 
ATOM   617 N N    . LEU A 1 34 ? 6.832   -5.925  5.130   1.00 13.31 ? 426 LEU A N    1 
ATOM   618 C CA   . LEU A 1 34 ? 6.744   -6.246  3.719   1.00 13.73 ? 426 LEU A CA   1 
ATOM   619 C C    . LEU A 1 34 ? 5.718   -7.358  3.469   1.00 11.85 ? 426 LEU A C    1 
ATOM   620 O O    . LEU A 1 34 ? 4.977   -7.305  2.493   1.00 12.42 ? 426 LEU A O    1 
ATOM   621 C CB   . LEU A 1 34 ? 8.128   -6.628  3.189   1.00 16.50 ? 426 LEU A CB   1 
ATOM   622 C CG   . LEU A 1 34 ? 8.300   -6.707  1.678   1.00 18.43 ? 426 LEU A CG   1 
ATOM   623 C CD1  . LEU A 1 34 ? 7.643   -5.531  0.982   1.00 16.23 ? 426 LEU A CD1  1 
ATOM   624 C CD2  . LEU A 1 34 ? 9.793   -6.771  1.351   1.00 18.61 ? 426 LEU A CD2  1 
ATOM   625 H H    . LEU A 1 34 ? 7.616   -6.025  5.468   1.00 15.97 ? 426 LEU A H    1 
ATOM   626 H HA   . LEU A 1 34 ? 6.446   -5.450  3.232   1.00 16.48 ? 426 LEU A HA   1 
ATOM   627 H HB2  . LEU A 1 34 ? 8.766   -5.973  3.514   1.00 19.80 ? 426 LEU A HB2  1 
ATOM   628 H HB3  . LEU A 1 34 ? 8.358   -7.499  3.547   1.00 19.80 ? 426 LEU A HB3  1 
ATOM   629 H HG   . LEU A 1 34 ? 7.884   -7.520  1.354   1.00 22.12 ? 426 LEU A HG   1 
ATOM   630 H HD11 . LEU A 1 34 ? 7.773   -5.617  0.035   1.00 19.48 ? 426 LEU A HD11 1 
ATOM   631 H HD12 . LEU A 1 34 ? 6.705   -5.532  1.186   1.00 19.48 ? 426 LEU A HD12 1 
ATOM   632 H HD13 . LEU A 1 34 ? 8.045   -4.718  1.296   1.00 19.48 ? 426 LEU A HD13 1 
ATOM   633 H HD21 . LEU A 1 34 ? 9.901   -6.822  0.398   1.00 22.33 ? 426 LEU A HD21 1 
ATOM   634 H HD22 . LEU A 1 34 ? 10.220  -5.982  1.688   1.00 22.33 ? 426 LEU A HD22 1 
ATOM   635 H HD23 . LEU A 1 34 ? 10.170  -7.551  1.764   1.00 22.33 ? 426 LEU A HD23 1 
ATOM   636 N N    . ARG A 1 35 ? 5.643   -8.342  4.362   1.00 11.92 ? 427 ARG A N    1 
ATOM   637 C CA   . ARG A 1 35 ? 4.666   -9.422  4.210   1.00 12.56 ? 427 ARG A CA   1 
ATOM   638 C C    . ARG A 1 35 ? 3.232   -8.889  4.202   1.00 12.98 ? 427 ARG A C    1 
ATOM   639 O O    . ARG A 1 35 ? 2.373   -9.422  3.505   1.00 13.81 ? 427 ARG A O    1 
ATOM   640 C CB   . ARG A 1 35 ? 4.816   -10.467 5.318   1.00 14.43 ? 427 ARG A CB   1 
ATOM   641 C CG   . ARG A 1 35 ? 4.409   -9.976  6.697   1.00 16.23 ? 427 ARG A CG   1 
ATOM   642 C CD   . ARG A 1 35 ? 4.565   -11.065 7.743   1.00 19.05 ? 427 ARG A CD   1 
ATOM   643 N NE   . ARG A 1 35 ? 4.149   -10.597 9.061   1.00 20.92 ? 427 ARG A NE   1 
ATOM   644 C CZ   . ARG A 1 35 ? 4.905   -9.866  9.872   1.00 23.36 ? 427 ARG A CZ   1 
ATOM   645 N NH1  . ARG A 1 35 ? 6.134   -9.517  9.516   1.00 21.83 ? 427 ARG A NH1  1 
ATOM   646 N NH2  . ARG A 1 35 ? 4.425   -9.478  11.045  1.00 26.96 ? 427 ARG A NH2  1 
ATOM   647 H H    . ARG A 1 35 ? 6.141   -8.409  5.060   1.00 14.31 ? 427 ARG A H    1 
ATOM   648 H HA   . ARG A 1 35 ? 4.823   -9.870  3.352   1.00 15.07 ? 427 ARG A HA   1 
ATOM   649 H HB2  . ARG A 1 35 ? 4.261   -11.232 5.100   1.00 17.31 ? 427 ARG A HB2  1 
ATOM   650 H HB3  . ARG A 1 35 ? 5.746   -10.740 5.364   1.00 17.31 ? 427 ARG A HB3  1 
ATOM   651 H HG2  . ARG A 1 35 ? 4.973   -9.228  6.950   1.00 19.48 ? 427 ARG A HG2  1 
ATOM   652 H HG3  . ARG A 1 35 ? 3.478   -9.703  6.678   1.00 19.48 ? 427 ARG A HG3  1 
ATOM   653 H HD2  . ARG A 1 35 ? 4.011   -11.824 7.500   1.00 22.86 ? 427 ARG A HD2  1 
ATOM   654 H HD3  . ARG A 1 35 ? 5.496   -11.330 7.793   1.00 22.86 ? 427 ARG A HD3  1 
ATOM   655 H HE   . ARG A 1 35 ? 3.361   -10.809 9.330   1.00 25.10 ? 427 ARG A HE   1 
ATOM   656 H HH11 . ARG A 1 35 ? 6.448   -9.763  8.754   1.00 26.20 ? 427 ARG A HH11 1 
ATOM   657 H HH12 . ARG A 1 35 ? 6.618   -9.045  10.048  1.00 26.20 ? 427 ARG A HH12 1 
ATOM   658 H HH21 . ARG A 1 35 ? 3.630   -9.704  11.281  1.00 32.36 ? 427 ARG A HH21 1 
ATOM   659 H HH22 . ARG A 1 35 ? 4.913   -9.010  11.576  1.00 32.36 ? 427 ARG A HH22 1 
ATOM   660 N N    . THR A 1 36 ? 2.982   -7.845  4.983   1.00 11.55 ? 428 THR A N    1 
ATOM   661 C CA   . THR A 1 36 ? 1.654   -7.242  5.062   1.00 10.90 ? 428 THR A CA   1 
ATOM   662 C C    . THR A 1 36 ? 1.344   -6.474  3.780   1.00 10.65 ? 428 THR A C    1 
ATOM   663 O O    . THR A 1 36 ? 0.227   -6.532  3.272   1.00 11.50 ? 428 THR A O    1 
ATOM   664 C CB   . THR A 1 36 ? 1.549   -6.331  6.299   1.00 13.36 ? 428 THR A CB   1 
ATOM   665 O OG1  . THR A 1 36 ? 1.833   -7.111  7.465   1.00 15.33 ? 428 THR A OG1  1 
ATOM   666 C CG2  . THR A 1 36 ? 0.156   -5.701  6.427   1.00 14.34 ? 428 THR A CG2  1 
ATOM   667 H H    . THR A 1 36 ? 3.569   -7.463  5.482   1.00 13.86 ? 428 THR A H    1 
ATOM   668 H HA   . THR A 1 36 ? 0.987   -7.954  5.155   1.00 13.08 ? 428 THR A HA   1 
ATOM   669 H HB   . THR A 1 36 ? 2.200   -5.616  6.226   1.00 16.04 ? 428 THR A HB   1 
ATOM   670 H HG1  . THR A 1 36 ? 1.295   -7.726  7.529   1.00 18.39 ? 428 THR A HG1  1 
ATOM   671 H HG21 . THR A 1 36 ? 0.120   -5.139  7.205   1.00 17.21 ? 428 THR A HG21 1 
ATOM   672 H HG22 . THR A 1 36 ? -0.038  -5.170  5.650   1.00 17.21 ? 428 THR A HG22 1 
ATOM   673 H HG23 . THR A 1 36 ? -0.509  -6.389  6.508   1.00 17.21 ? 428 THR A HG23 1 
ATOM   674 N N    . LEU A 1 37 ? 2.333   -5.769  3.241   1.00 9.53  ? 429 LEU A N    1 
ATOM   675 C CA   . LEU A 1 37 ? 2.150   -5.118  1.947   1.00 10.40 ? 429 LEU A CA   1 
ATOM   676 C C    . LEU A 1 37 ? 1.813   -6.152  0.866   1.00 11.12 ? 429 LEU A C    1 
ATOM   677 O O    . LEU A 1 37 ? 0.899   -5.948  0.068   1.00 11.30 ? 429 LEU A O    1 
ATOM   678 C CB   . LEU A 1 37 ? 3.395   -4.323  1.558   1.00 11.26 ? 429 LEU A CB   1 
ATOM   679 C CG   . LEU A 1 37 ? 3.333   -3.610  0.210   1.00 12.40 ? 429 LEU A CG   1 
ATOM   680 C CD1  . LEU A 1 37 ? 2.132   -2.689  0.126   1.00 11.59 ? 429 LEU A CD1  1 
ATOM   681 C CD2  . LEU A 1 37 ? 4.627   -2.834  -0.021  1.00 13.14 ? 429 LEU A CD2  1 
ATOM   682 H H    . LEU A 1 37 ? 3.108   -5.654  3.596   1.00 11.44 ? 429 LEU A H    1 
ATOM   683 H HA   . LEU A 1 37 ? 1.399   -4.491  2.011   1.00 12.48 ? 429 LEU A HA   1 
ATOM   684 H HB2  . LEU A 1 37 ? 3.552   -3.648  2.236   1.00 13.51 ? 429 LEU A HB2  1 
ATOM   685 H HB3  . LEU A 1 37 ? 4.150   -4.932  1.529   1.00 13.51 ? 429 LEU A HB3  1 
ATOM   686 H HG   . LEU A 1 37 ? 3.251   -4.272  -0.495  1.00 14.88 ? 429 LEU A HG   1 
ATOM   687 H HD11 . LEU A 1 37 ? 2.127   -2.260  -0.733  1.00 13.91 ? 429 LEU A HD11 1 
ATOM   688 H HD12 . LEU A 1 37 ? 1.332   -3.208  0.238   1.00 13.91 ? 429 LEU A HD12 1 
ATOM   689 H HD13 . LEU A 1 37 ? 2.195   -2.029  0.822   1.00 13.91 ? 429 LEU A HD13 1 
ATOM   690 H HD21 . LEU A 1 37 ? 4.577   -2.389  -0.871  1.00 15.76 ? 429 LEU A HD21 1 
ATOM   691 H HD22 . LEU A 1 37 ? 4.732   -2.187  0.680   1.00 15.76 ? 429 LEU A HD22 1 
ATOM   692 H HD23 . LEU A 1 37 ? 5.364   -3.447  -0.015  1.00 15.76 ? 429 LEU A HD23 1 
ATOM   693 N N    . TYR A 1 38 ? 2.542   -7.262  0.840   1.00 10.74 ? 430 TYR A N    1 
ATOM   694 C CA   . TYR A 1 38 ? 2.253   -8.334  -0.108  1.00 11.69 ? 430 TYR A CA   1 
ATOM   695 C C    . TYR A 1 38 ? 0.799   -8.794  0.023   1.00 12.53 ? 430 TYR A C    1 
ATOM   696 O O    . TYR A 1 38 ? 0.091   -8.971  -0.965  1.00 12.52 ? 430 TYR A O    1 
ATOM   697 C CB   . TYR A 1 38 ? 3.177   -9.542  0.119   1.00 15.19 ? 430 TYR A CB   1 
ATOM   698 C CG   . TYR A 1 38 ? 4.617   -9.395  -0.337  1.00 18.44 ? 430 TYR A CG   1 
ATOM   699 C CD1  . TYR A 1 38 ? 5.094   -8.220  -0.907  1.00 20.21 ? 430 TYR A CD1  1 
ATOM   700 C CD2  . TYR A 1 38 ? 5.503   -10.460 -0.201  1.00 19.62 ? 430 TYR A CD2  1 
ATOM   701 C CE1  . TYR A 1 38 ? 6.420   -8.113  -1.320  1.00 18.72 ? 430 TYR A CE1  1 
ATOM   702 C CE2  . TYR A 1 38 ? 6.819   -10.361 -0.609  1.00 18.92 ? 430 TYR A CE2  1 
ATOM   703 C CZ   . TYR A 1 38 ? 7.275   -9.187  -1.161  1.00 20.39 ? 430 TYR A CZ   1 
ATOM   704 O OH   . TYR A 1 38 ? 8.592   -9.101  -1.570  1.00 23.04 ? 430 TYR A OH   1 
ATOM   705 H H    . TYR A 1 38 ? 3.208   -7.420  1.360   1.00 12.88 ? 430 TYR A H    1 
ATOM   706 H HA   . TYR A 1 38 ? 2.392   -8.007  -1.022  1.00 14.02 ? 430 TYR A HA   1 
ATOM   707 H HB2  . TYR A 1 38 ? 3.196   -9.734  1.070   1.00 18.23 ? 430 TYR A HB2  1 
ATOM   708 H HB3  . TYR A 1 38 ? 2.803   -10.303 -0.353  1.00 18.23 ? 430 TYR A HB3  1 
ATOM   709 H HD1  . TYR A 1 38 ? 4.521   -7.494  -1.010  1.00 24.24 ? 430 TYR A HD1  1 
ATOM   710 H HD2  . TYR A 1 38 ? 5.204   -11.255 0.176   1.00 23.54 ? 430 TYR A HD2  1 
ATOM   711 H HE1  . TYR A 1 38 ? 6.729   -7.321  -1.697  1.00 22.47 ? 430 TYR A HE1  1 
ATOM   712 H HE2  . TYR A 1 38 ? 7.395   -11.083 -0.506  1.00 22.70 ? 430 TYR A HE2  1 
ATOM   713 H HH   . TYR A 1 38 ? 8.971   -8.495  -1.169  1.00 27.65 ? 430 TYR A HH   1 
ATOM   714 N N    . LYS A 1 39 ? 0.362   -8.988  1.261   1.00 11.66 ? 431 LYS A N    1 
ATOM   715 C CA   . LYS A 1 39 ? -0.992  -9.460  1.530   1.00 13.99 ? 431 LYS A CA   1 
ATOM   716 C C    . LYS A 1 39 ? -2.037  -8.468  1.022   1.00 12.80 ? 431 LYS A C    1 
ATOM   717 O O    . LYS A 1 39 ? -3.006  -8.860  0.381   1.00 14.25 ? 431 LYS A O    1 
ATOM   718 C CB   . LYS A 1 39 ? -1.155  -9.719  3.029   1.00 17.22 ? 431 LYS A CB   1 
ATOM   719 C CG   . LYS A 1 39 ? -2.464  -10.353 3.431   1.00 19.74 ? 431 LYS A CG   1 
ATOM   720 C CD   . LYS A 1 39 ? -2.470  -10.615 4.923   1.00 20.57 ? 431 LYS A CD   1 
ATOM   721 C CE   . LYS A 1 39 ? -3.710  -11.384 5.337   1.00 21.01 ? 431 LYS A CE   1 
ATOM   722 N NZ   . LYS A 1 39 ? -3.732  -11.623 6.805   1.00 21.81 ? 431 LYS A NZ   1 
ATOM   723 H H    . LYS A 1 39 ? 0.833   -8.853  1.967   1.00 13.99 ? 431 LYS A H    1 
ATOM   724 H HA   . LYS A 1 39 ? -1.131  -10.310 1.061   1.00 16.79 ? 431 LYS A HA   1 
ATOM   725 N N    . ARG A 1 40 ? -1.837  -7.184  1.303   1.00 11.70 ? 432 ARG A N    1 
ATOM   726 C CA   . ARG A 1 40 ? -2.756  -6.151  0.832   1.00 12.86 ? 432 ARG A CA   1 
ATOM   727 C C    . ARG A 1 40 ? -2.836  -6.136  -0.690  1.00 12.24 ? 432 ARG A C    1 
ATOM   728 O O    . ARG A 1 40 ? -3.921  -6.080  -1.252  1.00 13.27 ? 432 ARG A O    1 
ATOM   729 C CB   . ARG A 1 40 ? -2.336  -4.758  1.315   1.00 14.53 ? 432 ARG A CB   1 
ATOM   730 C CG   . ARG A 1 40 ? -2.447  -4.500  2.816   1.00 15.74 ? 432 ARG A CG   1 
ATOM   731 C CD   . ARG A 1 40 ? -3.892  -4.509  3.321   1.00 16.86 ? 432 ARG A CD   1 
ATOM   732 N NE   . ARG A 1 40 ? -4.325  -5.855  3.677   1.00 19.64 ? 432 ARG A NE   1 
ATOM   733 C CZ   . ARG A 1 40 ? -4.050  -6.453  4.833   1.00 22.88 ? 432 ARG A CZ   1 
ATOM   734 N NH1  . ARG A 1 40 ? -3.344  -5.829  5.769   1.00 22.20 ? 432 ARG A NH1  1 
ATOM   735 N NH2  . ARG A 1 40 ? -4.486  -7.683  5.057   1.00 26.30 ? 432 ARG A NH2  1 
ATOM   736 H H    . ARG A 1 40 ? -1.177  -6.884  1.765   1.00 14.04 ? 432 ARG A H    1 
ATOM   737 H HA   . ARG A 1 40 ? -3.653  -6.336  1.181   1.00 15.43 ? 432 ARG A HA   1 
ATOM   738 H HB2  . ARG A 1 40 ? -1.408  -4.617  1.066   1.00 17.43 ? 432 ARG A HB2  1 
ATOM   739 H HB3  . ARG A 1 40 ? -2.891  -4.100  0.868   1.00 17.43 ? 432 ARG A HB3  1 
ATOM   740 H HG2  . ARG A 1 40 ? -1.961  -5.193  3.291   1.00 18.89 ? 432 ARG A HG2  1 
ATOM   741 H HG3  . ARG A 1 40 ? -2.066  -3.631  3.016   1.00 18.89 ? 432 ARG A HG3  1 
ATOM   742 H HD2  . ARG A 1 40 ? -3.958  -3.948  4.110   1.00 20.23 ? 432 ARG A HD2  1 
ATOM   743 H HD3  . ARG A 1 40 ? -4.477  -4.176  2.622   1.00 20.23 ? 432 ARG A HD3  1 
ATOM   744 H HE   . ARG A 1 40 ? -4.790  -6.292  3.100   1.00 23.58 ? 432 ARG A HE   1 
ATOM   745 H HH11 . ARG A 1 40 ? -3.057  -5.031  5.630   1.00 26.64 ? 432 ARG A HH11 1 
ATOM   746 H HH12 . ARG A 1 40 ? -3.173  -6.225  6.514   1.00 26.64 ? 432 ARG A HH12 1 
ATOM   747 H HH21 . ARG A 1 40 ? -4.945  -8.093  4.456   1.00 31.56 ? 432 ARG A HH21 1 
ATOM   748 H HH22 . ARG A 1 40 ? -4.313  -8.071  5.805   1.00 31.56 ? 432 ARG A HH22 1 
ATOM   749 N N    . LEU A 1 41 ? -1.691  -6.174  -1.362  1.00 12.20 ? 433 LEU A N    1 
ATOM   750 C CA   . LEU A 1 41 ? -1.687  -6.091  -2.823  1.00 11.99 ? 433 LEU A CA   1 
ATOM   751 C C    . LEU A 1 41 ? -2.380  -7.299  -3.443  1.00 13.67 ? 433 LEU A C    1 
ATOM   752 O O    . LEU A 1 41 ? -3.068  -7.179  -4.459  1.00 15.34 ? 433 LEU A O    1 
ATOM   753 C CB   . LEU A 1 41 ? -0.262  -5.961  -3.355  1.00 12.78 ? 433 LEU A CB   1 
ATOM   754 C CG   . LEU A 1 41 ? 0.446   -4.651  -2.995  1.00 13.64 ? 433 LEU A CG   1 
ATOM   755 C CD1  . LEU A 1 41 ? 1.866   -4.636  -3.551  1.00 14.53 ? 433 LEU A CD1  1 
ATOM   756 C CD2  . LEU A 1 41 ? -0.344  -3.444  -3.490  1.00 16.05 ? 433 LEU A CD2  1 
ATOM   757 H H    . LEU A 1 41 ? -0.912  -6.245  -1.005  1.00 14.64 ? 433 LEU A H    1 
ATOM   758 H HA   . LEU A 1 41 ? -2.182  -5.290  -3.094  1.00 14.38 ? 433 LEU A HA   1 
ATOM   759 H HB2  . LEU A 1 41 ? 0.270   -6.689  -2.996  1.00 15.34 ? 433 LEU A HB2  1 
ATOM   760 H HB3  . LEU A 1 41 ? -0.287  -6.023  -4.323  1.00 15.34 ? 433 LEU A HB3  1 
ATOM   761 H HG   . LEU A 1 41 ? 0.507   -4.586  -2.029  1.00 16.37 ? 433 LEU A HG   1 
ATOM   762 H HD11 . LEU A 1 41 ? 2.285   -3.806  -3.312  1.00 17.44 ? 433 LEU A HD11 1 
ATOM   763 H HD12 . LEU A 1 41 ? 2.355   -5.371  -3.176  1.00 17.44 ? 433 LEU A HD12 1 
ATOM   764 H HD13 . LEU A 1 41 ? 1.828   -4.721  -4.506  1.00 17.44 ? 433 LEU A HD13 1 
ATOM   765 H HD21 . LEU A 1 41 ? 0.126   -2.642  -3.248  1.00 19.26 ? 433 LEU A HD21 1 
ATOM   766 H HD22 . LEU A 1 41 ? -0.431  -3.498  -4.444  1.00 19.26 ? 433 LEU A HD22 1 
ATOM   767 H HD23 . LEU A 1 41 ? -1.212  -3.450  -3.081  1.00 19.26 ? 433 LEU A HD23 1 
ATOM   768 N N    . LYS A 1 42 ? -2.202  -8.462  -2.829  1.00 13.23 ? 434 LYS A N    1 
ATOM   769 C CA   . LYS A 1 42 ? -2.883  -9.667  -3.277  1.00 17.22 ? 434 LYS A CA   1 
ATOM   770 C C    . LYS A 1 42 ? -4.389  -9.484  -3.126  1.00 18.56 ? 434 LYS A C    1 
ATOM   771 O O    . LYS A 1 42 ? -5.156  -9.792  -4.041  1.00 18.06 ? 434 LYS A O    1 
ATOM   772 C CB   . LYS A 1 42 ? -2.409  -10.867 -2.464  1.00 20.58 ? 434 LYS A CB   1 
ATOM   773 C CG   . LYS A 1 42 ? -3.184  -12.155 -2.733  1.00 23.40 ? 434 LYS A CG   1 
ATOM   774 C CD   . LYS A 1 42 ? -2.810  -13.257 -1.748  1.00 27.16 ? 434 LYS A CD   1 
ATOM   775 C CE   . LYS A 1 42 ? -2.976  -12.782 -0.310  1.00 32.09 ? 434 LYS A CE   1 
ATOM   776 N NZ   . LYS A 1 42 ? -3.769  -13.716 0.533   0.00 31.25 ? 434 LYS A NZ   1 
ATOM   777 H H    . LYS A 1 42 ? -1.690  -8.579  -2.148  1.00 15.87 ? 434 LYS A H    1 
ATOM   778 H HA   . LYS A 1 42 ? -2.680  -9.828  -4.221  1.00 20.67 ? 434 LYS A HA   1 
ATOM   779 H HB2  . LYS A 1 42 ? -1.477  -11.035 -2.674  1.00 24.70 ? 434 LYS A HB2  1 
ATOM   780 H HB3  . LYS A 1 42 ? -2.500  -10.659 -1.522  1.00 24.70 ? 434 LYS A HB3  1 
ATOM   781 H HG2  . LYS A 1 42 ? -4.134  -11.980 -2.646  1.00 28.09 ? 434 LYS A HG2  1 
ATOM   782 H HG3  . LYS A 1 42 ? -2.983  -12.468 -3.629  1.00 28.09 ? 434 LYS A HG3  1 
ATOM   783 H HD2  . LYS A 1 42 ? -3.390  -14.022 -1.886  1.00 32.60 ? 434 LYS A HD2  1 
ATOM   784 H HD3  . LYS A 1 42 ? -1.883  -13.507 -1.883  1.00 32.60 ? 434 LYS A HD3  1 
ATOM   785 H HE2  . LYS A 1 42 ? -2.099  -12.690 0.092   1.00 38.51 ? 434 LYS A HE2  1 
ATOM   786 H HE3  . LYS A 1 42 ? -3.430  -11.925 -0.313  1.00 38.51 ? 434 LYS A HE3  1 
ATOM   787 H HZ1  . LYS A 1 42 ? -3.836  -13.395 1.361   0.00 37.50 ? 434 LYS A HZ1  1 
ATOM   788 H HZ2  . LYS A 1 42 ? -4.585  -13.814 0.193   0.00 37.50 ? 434 LYS A HZ2  1 
ATOM   789 H HZ3  . LYS A 1 42 ? -3.371  -14.511 0.563   0.00 37.50 ? 434 LYS A HZ3  1 
ATOM   790 N N    . GLU A 1 43 ? -4.813  -8.979  -1.972  1.00 16.38 ? 435 GLU A N    1 
ATOM   791 C CA   . GLU A 1 43 ? -6.235  -8.762  -1.721  1.00 18.01 ? 435 GLU A CA   1 
ATOM   792 C C    . GLU A 1 43 ? -6.826  -7.764  -2.718  1.00 18.97 ? 435 GLU A C    1 
ATOM   793 O O    . GLU A 1 43 ? -7.965  -7.925  -3.163  1.00 20.73 ? 435 GLU A O    1 
ATOM   794 C CB   . GLU A 1 43 ? -6.454  -8.280  -0.285  1.00 20.07 ? 435 GLU A CB   1 
ATOM   795 C CG   . GLU A 1 43 ? -6.129  -9.330  0.771   1.00 22.89 ? 435 GLU A CG   1 
ATOM   796 C CD   . GLU A 1 43 ? -6.128  -8.770  2.181   1.00 26.81 ? 435 GLU A CD   1 
ATOM   797 O OE1  . GLU A 1 43 ? -5.940  -9.558  3.135   1.00 28.33 ? 435 GLU A OE1  1 
ATOM   798 O OE2  . GLU A 1 43 ? -6.307  -7.544  2.334   1.00 31.39 ? 435 GLU A OE2  1 
ATOM   799 H H    . GLU A 1 43 ? -4.300  -8.755  -1.319  1.00 19.65 ? 435 GLU A H    1 
ATOM   800 H HA   . GLU A 1 43 ? -6.710  -9.612  -1.828  1.00 21.61 ? 435 GLU A HA   1 
ATOM   801 H HB2  . GLU A 1 43 ? -5.886  -7.511  -0.123  1.00 24.08 ? 435 GLU A HB2  1 
ATOM   802 H HB3  . GLU A 1 43 ? -7.385  -8.030  -0.177  1.00 24.08 ? 435 GLU A HB3  1 
ATOM   803 H HG2  . GLU A 1 43 ? -6.794  -10.035 0.730   1.00 27.47 ? 435 GLU A HG2  1 
ATOM   804 H HG3  . GLU A 1 43 ? -5.249  -9.695  0.593   1.00 27.47 ? 435 GLU A HG3  1 
ATOM   805 N N    . TYR A 1 44 ? -6.049  -6.745  -3.080  1.00 16.09 ? 436 TYR A N    1 
ATOM   806 C CA   . TYR A 1 44 ? -6.504  -5.730  -4.031  1.00 16.08 ? 436 TYR A CA   1 
ATOM   807 C C    . TYR A 1 44 ? -6.512  -6.253  -5.471  1.00 16.95 ? 436 TYR A C    1 
ATOM   808 O O    . TYR A 1 44 ? -7.114  -5.644  -6.353  1.00 18.28 ? 436 TYR A O    1 
ATOM   809 C CB   . TYR A 1 44 ? -5.619  -4.485  -3.978  1.00 14.94 ? 436 TYR A CB   1 
ATOM   810 C CG   . TYR A 1 44 ? -5.530  -3.773  -2.635  1.00 14.69 ? 436 TYR A CG   1 
ATOM   811 C CD1  . TYR A 1 44 ? -6.521  -3.899  -1.670  1.00 15.00 ? 436 TYR A CD1  1 
ATOM   812 C CD2  . TYR A 1 44 ? -4.447  -2.956  -2.349  1.00 14.71 ? 436 TYR A CD2  1 
ATOM   813 C CE1  . TYR A 1 44 ? -6.422  -3.226  -0.441  1.00 14.87 ? 436 TYR A CE1  1 
ATOM   814 C CE2  . TYR A 1 44 ? -4.336  -2.293  -1.145  1.00 13.59 ? 436 TYR A CE2  1 
ATOM   815 C CZ   . TYR A 1 44 ? -5.322  -2.421  -0.192  1.00 14.77 ? 436 TYR A CZ   1 
ATOM   816 O OH   . TYR A 1 44 ? -5.185  -1.754  1.011   1.00 15.29 ? 436 TYR A OH   1 
ATOM   817 H H    . TYR A 1 44 ? -5.250  -6.617  -2.787  1.00 19.31 ? 436 TYR A H    1 
ATOM   818 H HA   . TYR A 1 44 ? -7.419  -5.464  -3.799  1.00 19.29 ? 436 TYR A HA   1 
ATOM   819 H HB2  . TYR A 1 44 ? -4.717  -4.743  -4.227  1.00 17.92 ? 436 TYR A HB2  1 
ATOM   820 H HB3  . TYR A 1 44 ? -5.959  -3.843  -4.621  1.00 17.92 ? 436 TYR A HB3  1 
ATOM   821 H HD1  . TYR A 1 44 ? -7.259  -4.438  -1.839  1.00 18.01 ? 436 TYR A HD1  1 
ATOM   822 H HD2  . TYR A 1 44 ? -3.774  -2.858  -2.983  1.00 17.66 ? 436 TYR A HD2  1 
ATOM   823 H HE1  . TYR A 1 44 ? -7.090  -3.321  0.200   1.00 17.85 ? 436 TYR A HE1  1 
ATOM   824 H HE2  . TYR A 1 44 ? -3.596  -1.755  -0.978  1.00 16.30 ? 436 TYR A HE2  1 
ATOM   825 H HH   . TYR A 1 44 ? -5.149  -0.945  0.880   1.00 18.35 ? 436 TYR A HH   1 
ATOM   826 N N    . GLY A 1 45 ? -5.833  -7.371  -5.712  1.00 17.43 ? 437 GLY A N    1 
ATOM   827 C CA   . GLY A 1 45 ? -5.756  -7.948  -7.044  1.00 19.11 ? 437 GLY A CA   1 
ATOM   828 C C    . GLY A 1 45 ? -4.749  -7.242  -7.934  1.00 18.54 ? 437 GLY A C    1 
ATOM   829 O O    . GLY A 1 45 ? -4.798  -7.361  -9.158  1.00 22.21 ? 437 GLY A O    1 
ATOM   830 H H    . GLY A 1 45 ? -5.405  -7.817  -5.113  1.00 20.91 ? 437 GLY A H    1 
ATOM   831 H HA2  . GLY A 1 45 ? -5.503  -8.882  -6.976  1.00 22.94 ? 437 GLY A HA2  1 
ATOM   832 H HA3  . GLY A 1 45 ? -6.627  -7.898  -7.468  1.00 22.94 ? 437 GLY A HA3  1 
ATOM   833 N N    . ILE A 1 46 ? -3.820  -6.530  -7.307  1.00 17.99 ? 438 ILE A N    1 
ATOM   834 C CA   . ILE A 1 46 ? -2.851  -5.704  -8.014  1.00 20.91 ? 438 ILE A CA   1 
ATOM   835 C C    . ILE A 1 46 ? -1.506  -6.410  -8.122  1.00 26.58 ? 438 ILE A C    1 
ATOM   836 O O    . ILE A 1 46 ? -0.817  -6.306  -9.138  0.80 29.45 ? 438 ILE A O    1 
ATOM   837 C CB   . ILE A 1 46 ? -2.655  -4.360  -7.283  1.00 25.80 ? 438 ILE A CB   1 
ATOM   838 C CG1  . ILE A 1 46 ? -3.971  -3.578  -7.256  0.91 28.01 ? 438 ILE A CG1  1 
ATOM   839 C CG2  . ILE A 1 46 ? -1.561  -3.540  -7.945  0.85 27.26 ? 438 ILE A CG2  1 
ATOM   840 C CD1  . ILE A 1 46 ? -3.958  -2.388  -6.315  0.88 27.86 ? 438 ILE A CD1  1 
ATOM   841 O OXT  . ILE A 1 46 ? -1.074  -7.101  -7.197  0.92 26.40 ? 438 ILE A OXT  1 
ATOM   842 H H    . ILE A 1 46 ? -3.731  -6.508  -6.452  1.00 21.59 ? 438 ILE A H    1 
ATOM   843 H HA   . ILE A 1 46 ? -3.178  -5.520  -8.919  1.00 25.09 ? 438 ILE A HA   1 
ATOM   844 H HB   . ILE A 1 46 ? -2.388  -4.545  -6.368  1.00 30.95 ? 438 ILE A HB   1 
ATOM   845 H HG12 . ILE A 1 46 ? -4.156  -3.247  -8.150  0.91 33.61 ? 438 ILE A HG12 1 
ATOM   846 H HG13 . ILE A 1 46 ? -4.683  -4.173  -6.972  0.91 33.61 ? 438 ILE A HG13 1 
ATOM   847 H HG21 . ILE A 1 46 ? -1.461  -2.711  -7.470  0.85 32.71 ? 438 ILE A HG21 1 
ATOM   848 H HG22 . ILE A 1 46 ? -0.738  -4.034  -7.917  0.85 32.71 ? 438 ILE A HG22 1 
ATOM   849 H HG23 . ILE A 1 46 ? -1.808  -3.367  -8.856  0.85 32.71 ? 438 ILE A HG23 1 
ATOM   850 H HD11 . ILE A 1 46 ? -4.811  -1.950  -6.353  0.88 33.43 ? 438 ILE A HD11 1 
ATOM   851 H HD12 . ILE A 1 46 ? -3.788  -2.698  -5.422  0.88 33.43 ? 438 ILE A HD12 1 
ATOM   852 H HD13 . ILE A 1 46 ? -3.266  -1.781  -6.588  0.88 33.43 ? 438 ILE A HD13 1 
HETATM 853 S S    . SO4 B 2 .  ? -3.261  -8.504  8.577   1.00 35.22 ? 501 SO4 A S    1 
HETATM 854 O O1   . SO4 B 2 .  ? -2.446  -7.414  8.047   1.00 34.32 ? 501 SO4 A O1   1 
HETATM 855 O O2   . SO4 B 2 .  ? -3.861  -8.108  9.846   1.00 37.00 ? 501 SO4 A O2   1 
HETATM 856 O O3   . SO4 B 2 .  ? -2.420  -9.681  8.787   1.00 41.65 ? 501 SO4 A O3   1 
HETATM 857 O O4   . SO4 B 2 .  ? -4.320  -8.841  7.634   1.00 32.85 ? 501 SO4 A O4   1 
HETATM 858 S S    . SO4 C 2 .  ? 8.696   -9.985  6.492   0.50 40.48 ? 502 SO4 A S    1 
HETATM 859 O O1   . SO4 C 2 .  ? 7.451   -9.236  6.336   0.50 39.69 ? 502 SO4 A O1   1 
HETATM 860 O O2   . SO4 C 2 .  ? 9.200   -9.817  7.854   0.50 48.64 ? 502 SO4 A O2   1 
HETATM 861 O O3   . SO4 C 2 .  ? 8.479   -11.407 6.229   0.50 38.09 ? 502 SO4 A O3   1 
HETATM 862 O O4   . SO4 C 2 .  ? 9.685   -9.457  5.557   0.50 50.76 ? 502 SO4 A O4   1 
HETATM 863 O O    . HOH D 3 .  ? -5.449  7.755   2.205   1.00 15.46 ? 601 HOH A O    1 
HETATM 864 O O    . HOH D 3 .  ? -14.523 6.612   7.349   1.00 20.50 ? 602 HOH A O    1 
HETATM 865 O O    . HOH D 3 .  ? -13.443 -0.318  5.841   1.00 18.76 ? 603 HOH A O    1 
HETATM 866 O O    . HOH D 3 .  ? -15.255 4.001   0.558   1.00 20.53 ? 604 HOH A O    1 
HETATM 867 O O    . HOH D 3 .  ? -7.329  -1.568  2.462   1.00 17.73 ? 605 HOH A O    1 
HETATM 868 O O    . HOH D 3 .  ? 0.835   8.046   -12.058 1.00 24.59 ? 606 HOH A O    1 
HETATM 869 O O    . HOH D 3 .  ? 11.252  -4.366  -3.029  1.00 24.61 ? 607 HOH A O    1 
HETATM 870 O O    . HOH D 3 .  ? -3.542  8.687   0.450   1.00 21.86 ? 608 HOH A O    1 
HETATM 871 O O    . HOH D 3 .  ? 9.321   -6.180  6.514   1.00 26.06 ? 609 HOH A O    1 
HETATM 872 O O    . HOH D 3 .  ? -7.745  8.896   1.406   1.00 26.91 ? 610 HOH A O    1 
HETATM 873 O O    . HOH D 3 .  ? -8.676  -3.417  -5.867  1.00 26.12 ? 611 HOH A O    1 
HETATM 874 O O    . HOH D 3 .  ? 14.858  -1.319  -1.899  1.00 23.36 ? 612 HOH A O    1 
HETATM 875 O O    . HOH D 3 .  ? -2.062  -3.012  6.163   1.00 26.93 ? 613 HOH A O    1 
HETATM 876 O O    . HOH D 3 .  ? 0.187   -9.320  7.377   1.00 24.68 ? 614 HOH A O    1 
HETATM 877 O O    . HOH D 3 .  ? 5.580   5.005   8.840   1.00 35.16 ? 615 HOH A O    1 
HETATM 878 O O    . HOH D 3 .  ? 2.131   9.272   -5.546  1.00 29.18 ? 616 HOH A O    1 
HETATM 879 O O    . HOH D 3 .  ? -3.913  7.073   -4.032  1.00 13.95 ? 617 HOH A O    1 
HETATM 880 O O    . HOH D 3 .  ? -9.702  -6.732  -7.745  1.00 26.50 ? 618 HOH A O    1 
HETATM 881 O O    . HOH D 3 .  ? -12.044 2.617   -4.955  1.00 28.60 ? 619 HOH A O    1 
HETATM 882 O O    . HOH D 3 .  ? -4.991  9.606   4.242   1.00 26.39 ? 620 HOH A O    1 
HETATM 883 O O    . HOH D 3 .  ? 15.800  -0.970  0.625   1.00 27.04 ? 621 HOH A O    1 
HETATM 884 O O    . HOH D 3 .  ? 9.555   -4.167  -5.584  1.00 24.29 ? 622 HOH A O    1 
HETATM 885 O O    . HOH D 3 .  ? -10.581 0.379   -5.892  1.00 26.42 ? 623 HOH A O    1 
HETATM 886 O O    . HOH D 3 .  ? -1.916  9.658   -10.808 1.00 25.05 ? 624 HOH A O    1 
HETATM 887 O O    . HOH D 3 .  ? -1.403  -2.955  8.677   1.00 27.18 ? 625 HOH A O    1 
HETATM 888 O O    . HOH D 3 .  ? 9.857   -7.117  -2.625  1.00 34.95 ? 626 HOH A O    1 
HETATM 889 O O    . HOH D 3 .  ? -7.334  3.331   7.195   1.00 32.49 ? 627 HOH A O    1 
HETATM 890 O O    . HOH D 3 .  ? 2.841   9.542   -13.865 1.00 33.88 ? 628 HOH A O    1 
HETATM 891 O O    . HOH D 3 .  ? 5.229   6.061   -10.545 1.00 42.04 ? 629 HOH A O    1 
HETATM 892 O O    . HOH D 3 .  ? 11.970  -6.703  -1.590  1.00 44.15 ? 630 HOH A O    1 
HETATM 893 O O    . HOH D 3 .  ? -5.609  -12.238 2.593   1.00 37.15 ? 631 HOH A O    1 
HETATM 894 O O    . HOH D 3 .  ? -10.143 11.107  -3.886  1.00 42.09 ? 632 HOH A O    1 
HETATM 895 O O    . HOH D 3 .  ? 8.245   1.982   8.910   1.00 35.14 ? 633 HOH A O    1 
HETATM 896 O O    . HOH D 3 .  ? 2.400   11.735  -3.785  1.00 44.74 ? 634 HOH A O    1 
HETATM 897 O O    . HOH D 3 .  ? 13.025  -7.727  0.204   1.00 42.45 ? 635 HOH A O    1 
HETATM 898 O O    . HOH D 3 .  ? -4.126  9.212   -2.222  1.00 32.95 ? 636 HOH A O    1 
HETATM 899 O O    . HOH D 3 .  ? 1.421   -11.308 8.920   1.00 36.69 ? 637 HOH A O    1 
HETATM 900 O O    . HOH D 3 .  ? 11.884  -2.719  -7.023  1.00 38.60 ? 638 HOH A O    1 
HETATM 901 O O    . HOH D 3 .  ? -11.633 0.068   -0.861  1.00 36.09 ? 639 HOH A O    1 
HETATM 902 O O    . HOH D 3 .  ? -2.522  -9.995  -7.257  1.00 42.99 ? 640 HOH A O    1 
HETATM 903 O O    . HOH D 3 .  ? -1.278  -14.296 3.938   1.00 35.88 ? 641 HOH A O    1 
HETATM 904 O O    . HOH D 3 .  ? -1.773  -13.603 6.518   1.00 40.35 ? 642 HOH A O    1 
HETATM 905 O O    . HOH D 3 .  ? 13.014  -6.933  3.733   1.00 48.17 ? 643 HOH A O    1 
HETATM 906 O O    . HOH D 3 .  ? -1.410  -5.402  9.818   1.00 36.93 ? 644 HOH A O    1 
HETATM 907 O O    . HOH D 3 .  ? -17.604 11.119  -2.373  1.00 37.08 ? 645 HOH A O    1 
HETATM 908 O O    . HOH D 3 .  ? 3.297   -8.170  -4.082  1.00 31.08 ? 646 HOH A O    1 
HETATM 909 O O    . HOH D 3 .  ? -4.537  -11.335 -6.430  1.00 37.06 ? 647 HOH A O    1 
HETATM 910 O O    . HOH D 3 .  ? -6.455  -9.382  -10.128 1.00 37.90 ? 648 HOH A O    1 
HETATM 911 O O    . HOH D 3 .  ? -0.041  -9.184  -5.692  1.00 32.11 ? 649 HOH A O    1 
HETATM 912 O O    . HOH D 3 .  ? 11.559  1.092   -8.273  1.00 41.29 ? 650 HOH A O    1 
HETATM 913 O O    . HOH D 3 .  ? -14.583 5.799   -1.741  1.00 38.07 ? 651 HOH A O    1 
HETATM 914 O O    . HOH D 3 .  ? -14.224 8.953   -2.356  1.00 38.72 ? 652 HOH A O    1 
HETATM 915 O O    . HOH D 3 .  ? 1.791   10.217  1.686   1.00 47.11 ? 653 HOH A O    1 
HETATM 916 O O    . HOH D 3 .  ? -16.565 1.442   0.504   1.00 42.80 ? 654 HOH A O    1 
HETATM 917 O O    . HOH D 3 .  ? -15.630 11.925  -1.800  1.00 39.88 ? 655 HOH A O    1 
HETATM 918 O O    . HOH D 3 .  ? 4.357   10.698  -6.985  1.00 43.06 ? 656 HOH A O    1 
HETATM 919 O O    . HOH D 3 .  ? 1.181   -6.414  9.915   1.00 26.13 ? 657 HOH A O    1 
HETATM 920 O O    . HOH D 3 .  ? -0.429  -1.102  10.267  1.00 33.36 ? 658 HOH A O    1 
HETATM 921 O O    . HOH D 3 .  ? 14.244  -1.829  7.249   1.00 44.33 ? 659 HOH A O    1 
HETATM 922 O O    . HOH D 3 .  ? -2.991  10.022  -4.031  1.00 29.84 ? 660 HOH A O    1 
HETATM 923 O O    . HOH D 3 .  ? -14.826 0.003   0.955   1.00 31.64 ? 661 HOH A O    1 
HETATM 924 O O    . HOH D 3 .  ? -14.783 11.187  0.729   1.00 33.75 ? 662 HOH A O    1 
HETATM 925 O O    . HOH D 3 .  ? -6.687  -4.349  6.046   1.00 43.68 ? 663 HOH A O    1 
HETATM 926 O O    . HOH D 3 .  ? -14.841 -1.721  3.689   1.00 38.26 ? 664 HOH A O    1 
HETATM 927 O O    . HOH D 3 .  ? -12.990 9.254   5.257   1.00 28.48 ? 665 HOH A O    1 
HETATM 928 O O    . HOH D 3 .  ? -13.971 10.546  3.260   1.00 34.08 ? 666 HOH A O    1 
HETATM 929 O O    . HOH D 3 .  ? -2.846  -15.650 7.785   1.00 37.78 ? 667 HOH A O    1 
HETATM 930 O O    . HOH D 3 .  ? 3.078   -4.794  -7.406  1.00 39.52 ? 668 HOH A O    1 
HETATM 931 O O    . HOH D 3 .  ? 11.304  -7.532  5.671   1.00 42.92 ? 669 HOH A O    1 
HETATM 932 O O    . HOH D 3 .  ? 4.009   13.142  -0.510  1.00 40.15 ? 670 HOH A O    1 
HETATM 933 O O    . HOH D 3 .  ? -18.510 7.125   -1.970  1.00 41.19 ? 671 HOH A O    1 
HETATM 934 O O    . HOH D 3 .  ? -10.048 -4.372  -2.706  1.00 40.31 ? 672 HOH A O    1 
HETATM 935 O O    . HOH D 3 .  ? -8.785  10.473  3.820   1.00 49.61 ? 673 HOH A O    1 
HETATM 936 O O    . HOH D 3 .  ? -10.118 -9.322  -1.866  1.00 49.88 ? 674 HOH A O    1 
HETATM 937 O O    . HOH D 3 .  ? -11.193 -2.158  -2.671  1.00 52.63 ? 675 HOH A O    1 
HETATM 938 O O    . HOH D 3 .  ? -5.884  -6.171  10.039  0.50 45.37 ? 676 HOH A O    1 
HETATM 939 O O    . HOH D 3 .  ? -2.256  -4.606  11.918  1.00 43.17 ? 677 HOH A O    1 
HETATM 940 O O    . HOH D 3 .  ? 6.138   -3.608  -7.437  1.00 29.61 ? 678 HOH A O    1 
HETATM 941 O O    . HOH D 3 .  ? 1.141   -9.717  -3.511  1.00 26.16 ? 679 HOH A O    1 
HETATM 942 O O    . HOH D 3 .  ? 4.713   9.538   1.555   1.00 28.07 ? 680 HOH A O    1 
HETATM 943 O O    . HOH D 3 .  ? 7.200   -7.519  12.351  1.00 32.03 ? 681 HOH A O    1 
HETATM 944 O O    . HOH D 3 .  ? -0.620  -13.242 1.449   1.00 30.31 ? 682 HOH A O    1 
# 
loop_
_atom_site_anisotrop.id 
_atom_site_anisotrop.type_symbol 
_atom_site_anisotrop.pdbx_label_atom_id 
_atom_site_anisotrop.pdbx_label_alt_id 
_atom_site_anisotrop.pdbx_label_comp_id 
_atom_site_anisotrop.pdbx_label_asym_id 
_atom_site_anisotrop.pdbx_label_seq_id 
_atom_site_anisotrop.pdbx_PDB_ins_code 
_atom_site_anisotrop.U[1][1] 
_atom_site_anisotrop.U[2][2] 
_atom_site_anisotrop.U[3][3] 
_atom_site_anisotrop.U[1][2] 
_atom_site_anisotrop.U[1][3] 
_atom_site_anisotrop.U[2][3] 
_atom_site_anisotrop.pdbx_auth_seq_id 
_atom_site_anisotrop.pdbx_auth_comp_id 
_atom_site_anisotrop.pdbx_auth_asym_id 
_atom_site_anisotrop.pdbx_auth_atom_id 
1   N N   A HIS A 1  ? 0.1149 0.2276 0.2344 -0.0301 -0.0510 -0.0406 393 HIS A N   
2   N N   B HIS A 1  ? 0.1710 0.3622 0.3241 0.0166  0.0400  0.1563  393 HIS A N   
3   C CA  A HIS A 1  ? 0.1547 0.2003 0.2177 -0.0315 0.0017  -0.0409 393 HIS A CA  
4   C CA  B HIS A 1  ? 0.1842 0.3205 0.2369 -0.0008 0.0550  0.0595  393 HIS A CA  
5   C C   A HIS A 1  ? 0.1822 0.2320 0.1434 -0.0157 0.0213  -0.0459 393 HIS A C   
6   C C   B HIS A 1  ? 0.1107 0.3057 0.1448 0.0209  0.0191  0.0311  393 HIS A C   
7   O O   A HIS A 1  ? 0.1419 0.2617 0.1257 -0.0137 0.0011  -0.0315 393 HIS A O   
8   O O   B HIS A 1  ? 0.0833 0.3125 0.1439 0.0002  0.0171  0.0190  393 HIS A O   
9   C CB  A HIS A 1  ? 0.1372 0.1808 0.2597 -0.0207 -0.0223 -0.0141 393 HIS A CB  
10  C CB  B HIS A 1  ? 0.1923 0.2907 0.2826 -0.0438 0.0745  0.0405  393 HIS A CB  
11  C CG  A HIS A 1  ? 0.1526 0.2001 0.2283 -0.0361 0.0134  -0.0048 393 HIS A CG  
12  C CG  B HIS A 1  ? 0.1002 0.2654 0.2026 -0.0488 0.0112  0.0060  393 HIS A CG  
13  N ND1 A HIS A 1  ? 0.1735 0.2056 0.2187 -0.0049 0.0527  -0.0049 393 HIS A ND1 
14  N ND1 B HIS A 1  ? 0.1397 0.2779 0.1256 0.0200  -0.0131 -0.0011 393 HIS A ND1 
15  C CD2 A HIS A 1  ? 0.1823 0.2400 0.2105 -0.0475 0.0652  0.0175  393 HIS A CD2 
16  C CD2 B HIS A 1  ? 0.1154 0.2694 0.2059 -0.0300 0.0399  0.0077  393 HIS A CD2 
17  C CE1 A HIS A 1  ? 0.1235 0.2496 0.1538 -0.0179 0.0175  0.0142  393 HIS A CE1 
18  C CE1 B HIS A 1  ? 0.1320 0.2872 0.1370 0.0554  0.0031  0.0120  393 HIS A CE1 
19  N NE2 A HIS A 1  ? 0.2108 0.2657 0.1438 -0.0274 0.0620  0.0158  393 HIS A NE2 
20  N NE2 B HIS A 1  ? 0.1065 0.2885 0.2188 0.0201  0.0288  0.0175  393 HIS A NE2 
33  N N   . LYS A 2  ? 0.1256 0.2683 0.1121 0.0096  0.0103  -0.0055 394 LYS A N   
34  C CA  . LYS A 2  ? 0.0965 0.2604 0.1352 0.0041  -0.0074 -0.0190 394 LYS A CA  
35  C C   . LYS A 2  ? 0.0858 0.2377 0.1198 0.0154  -0.0151 -0.0152 394 LYS A C   
36  O O   . LYS A 2  ? 0.1250 0.2327 0.1263 0.0031  0.0037  -0.0029 394 LYS A O   
37  C CB  . LYS A 2  ? 0.1072 0.2844 0.1545 0.0258  -0.0041 -0.0007 394 LYS A CB  
38  C CG  . LYS A 2  ? 0.1437 0.3257 0.1699 0.0421  0.0126  0.0197  394 LYS A CG  
39  C CD  . LYS A 2  ? 0.2083 0.3726 0.1847 -0.0123 0.0486  0.0243  394 LYS A CD  
40  C CE  . LYS A 2  ? 0.3465 0.4474 0.2395 0.0141  0.1016  0.0996  394 LYS A CE  
41  N NZ  . LYS A 2  ? 0.3042 0.5180 0.3368 0.0563  0.0903  0.1939  394 LYS A NZ  
55  N N   . SER A 3  ? 0.0852 0.2290 0.1330 0.0219  0.0250  -0.0335 395 SER A N   
56  C CA  . SER A 3  ? 0.1093 0.2357 0.1168 0.0312  0.0240  -0.0478 395 SER A CA  
57  C C   . SER A 3  ? 0.0717 0.2333 0.1151 0.0156  0.0149  -0.0237 395 SER A C   
58  O O   . SER A 3  ? 0.0803 0.2078 0.0972 -0.0108 0.0346  -0.0165 395 SER A O   
59  C CB  . SER A 3  ? 0.0934 0.2654 0.1302 0.0206  0.0039  -0.0600 395 SER A CB  
60  O OG  . SER A 3  ? 0.0852 0.2711 0.1349 -0.0041 0.0162  -0.0789 395 SER A OG  
66  N N   . ILE A 4  ? 0.0899 0.2463 0.1015 0.0319  0.0256  -0.0140 396 ILE A N   
67  C CA  . ILE A 4  ? 0.0985 0.2608 0.1097 0.0273  0.0072  -0.0207 396 ILE A CA  
68  C C   . ILE A 4  ? 0.0766 0.2420 0.1318 0.0083  -0.0024 -0.0115 396 ILE A C   
69  O O   . ILE A 4  ? 0.0718 0.2355 0.1477 -0.0044 0.0098  -0.0021 396 ILE A O   
70  C CB  . ILE A 4  ? 0.1231 0.2694 0.1462 0.0334  -0.0162 -0.0239 396 ILE A CB  
71  C CG1 . ILE A 4  ? 0.1731 0.3105 0.1990 0.0057  0.0381  -0.0182 396 ILE A CG1 
72  C CG2 . ILE A 4  ? 0.1701 0.2622 0.2020 0.0442  -0.0168 0.0099  396 ILE A CG2 
73  C CD1 . ILE A 4  ? 0.2213 0.3105 0.1661 -0.0474 0.0310  -0.0488 396 ILE A CD1 
85  N N   . LYS A 5  ? 0.0796 0.2419 0.1297 -0.0022 0.0291  -0.0047 397 LYS A N   
86  C CA  . LYS A 5  ? 0.0905 0.2282 0.1441 0.0045  0.0382  -0.0307 397 LYS A CA  
87  C C   . LYS A 5  ? 0.0697 0.2032 0.1370 -0.0012 0.0359  -0.0266 397 LYS A C   
88  O O   . LYS A 5  ? 0.0854 0.2033 0.1319 0.0040  0.0484  -0.0251 397 LYS A O   
89  C CB  . LYS A 5  ? 0.1338 0.2671 0.1879 -0.0275 0.0472  -0.0564 397 LYS A CB  
90  C CG  . LYS A 5  ? 0.2282 0.3486 0.2309 -0.0599 0.0490  -0.1018 397 LYS A CG  
91  C CD  . LYS A 5  ? 0.3864 0.4252 0.2956 -0.1029 0.0354  -0.1422 397 LYS A CD  
92  C CE  . LYS A 5  ? 0.5174 0.4424 0.3837 -0.1389 -0.0158 -0.1764 397 LYS A CE  
93  N NZ  . LYS A 5  ? 0.6143 0.4377 0.4502 -0.1489 -0.0321 -0.1691 397 LYS A NZ  
107 N N   . GLU A 6  ? 0.0756 0.2101 0.0978 -0.0087 0.0163  -0.0306 398 GLU A N   
108 C CA  . GLU A 6  ? 0.0830 0.2280 0.0952 -0.0129 0.0115  -0.0213 398 GLU A CA  
109 C C   . GLU A 6  ? 0.0823 0.2139 0.0803 0.0049  0.0165  -0.0343 398 GLU A C   
110 O O   . GLU A 6  ? 0.0800 0.2207 0.1011 0.0049  0.0268  -0.0365 398 GLU A O   
111 C CB  . GLU A 6  ? 0.1183 0.2705 0.1048 -0.0146 0.0174  -0.0306 398 GLU A CB  
112 C CG  . GLU A 6  ? 0.1735 0.3409 0.1377 -0.0070 0.0083  -0.0332 398 GLU A CG  
113 C CD  . GLU A 6  ? 0.1842 0.3927 0.1907 -0.0509 0.0159  -0.0430 398 GLU A CD  
114 O OE1 . GLU A 6  ? 0.2225 0.4001 0.1946 -0.0565 0.0074  -0.0783 398 GLU A OE1 
115 O OE2 . GLU A 6  ? 0.2092 0.4422 0.2189 -0.0042 0.0454  0.0195  398 GLU A OE2 
122 N N   . ILE A 7  ? 0.0692 0.2153 0.0824 -0.0047 0.0134  -0.0302 399 ILE A N   
123 C CA  . ILE A 7  ? 0.1044 0.2011 0.0994 0.0081  0.0172  -0.0460 399 ILE A CA  
124 C C   . ILE A 7  ? 0.0895 0.1914 0.0951 0.0036  0.0295  -0.0261 399 ILE A C   
125 O O   . ILE A 7  ? 0.0764 0.1939 0.1103 -0.0038 0.0402  -0.0157 399 ILE A O   
126 C CB  . ILE A 7  ? 0.1133 0.2432 0.1473 0.0180  0.0151  -0.0844 399 ILE A CB  
127 C CG1 . ILE A 7  ? 0.1134 0.2570 0.1806 0.0258  0.0231  -0.0777 399 ILE A CG1 
128 C CG2 . ILE A 7  ? 0.1635 0.2871 0.1799 -0.0049 0.0077  -0.1189 399 ILE A CG2 
129 C CD1 . ILE A 7  ? 0.1465 0.2624 0.1865 0.0450  0.0344  -0.0633 399 ILE A CD1 
141 N N   . GLU A 8  ? 0.0484 0.1749 0.0994 -0.0025 0.0112  -0.0268 400 GLU A N   
142 C CA  . GLU A 8  ? 0.0851 0.1848 0.0897 0.0190  -0.0020 -0.0412 400 GLU A CA  
143 C C   . GLU A 8  ? 0.0678 0.1794 0.0912 -0.0128 0.0131  -0.0342 400 GLU A C   
144 O O   . GLU A 8  ? 0.0711 0.1851 0.0974 0.0005  0.0318  -0.0257 400 GLU A O   
145 C CB  . GLU A 8  ? 0.1300 0.2248 0.1144 0.0365  0.0047  -0.0421 400 GLU A CB  
146 C CG  . GLU A 8  ? 0.1943 0.2716 0.1883 0.0384  0.0122  -0.0214 400 GLU A CG  
147 C CD  . GLU A 8  ? 0.2920 0.3430 0.3871 0.0380  0.0272  0.0173  400 GLU A CD  
148 O OE1 . GLU A 8  ? 0.3526 0.3283 0.4916 0.0104  0.1528  -0.0137 400 GLU A OE1 
149 O OE2 . GLU A 8  ? 0.4222 0.3813 0.3555 0.0283  -0.1297 0.0159  400 GLU A OE2 
156 N N   . LYS A 9  ? 0.0866 0.1798 0.0834 -0.0078 0.0192  -0.0488 401 LYS A N   
157 C CA  . LYS A 9  ? 0.1140 0.1765 0.0765 0.0009  0.0032  -0.0569 401 LYS A CA  
158 C C   . LYS A 9  ? 0.0902 0.2104 0.0736 -0.0006 0.0008  -0.0398 401 LYS A C   
159 O O   . LYS A 9  ? 0.0657 0.2107 0.0907 0.0062  0.0183  -0.0261 401 LYS A O   
160 C CB  . LYS A 9  ? 0.1201 0.1931 0.0815 -0.0163 0.0035  -0.0504 401 LYS A CB  
161 C CG  . LYS A 9  ? 0.1312 0.2254 0.0820 0.0057  -0.0033 -0.0578 401 LYS A CG  
162 C CD  . LYS A 9  ? 0.1927 0.2946 0.1173 0.0144  -0.0138 -0.0813 401 LYS A CD  
163 C CE  . LYS A 9  ? 0.2689 0.3882 0.2094 0.0096  -0.0377 -0.0771 401 LYS A CE  
164 N NZ  . LYS A 9  ? 0.2629 0.4292 0.3072 -0.0483 -0.1000 -0.0892 401 LYS A NZ  
178 N N   . GLU A 10 ? 0.0689 0.2249 0.0875 -0.0074 0.0059  -0.0353 402 GLU A N   
179 C CA  . GLU A 10 ? 0.1016 0.2070 0.1013 -0.0069 0.0085  -0.0358 402 GLU A CA  
180 C C   . GLU A 10 ? 0.1281 0.2028 0.0665 0.0042  0.0273  -0.0250 402 GLU A C   
181 O O   . GLU A 10 ? 0.0802 0.2311 0.0855 0.0056  0.0145  -0.0105 402 GLU A O   
182 C CB  . GLU A 10 ? 0.1084 0.2281 0.1218 -0.0140 0.0082  -0.0207 402 GLU A CB  
183 C CG  . GLU A 10 ? 0.1354 0.2632 0.1510 -0.0076 0.0251  -0.0286 402 GLU A CG  
184 C CD  . GLU A 10 ? 0.1475 0.2813 0.1842 -0.0250 -0.0021 -0.0480 402 GLU A CD  
185 O OE1 . GLU A 10 ? 0.1746 0.3040 0.2367 0.0210  0.0121  -0.0212 402 GLU A OE1 
186 O OE2 . GLU A 10 ? 0.1903 0.2891 0.2270 -0.0106 -0.0176 -0.0238 402 GLU A OE2 
193 N N   . GLU A 11 ? 0.0953 0.1785 0.0859 -0.0035 0.0438  -0.0164 403 GLU A N   
194 C CA  . GLU A 11 ? 0.0820 0.1648 0.0741 0.0127  0.0183  -0.0341 403 GLU A CA  
195 C C   . GLU A 11 ? 0.0740 0.1563 0.0684 -0.0021 0.0208  -0.0180 403 GLU A C   
196 O O   . GLU A 11 ? 0.0838 0.1764 0.0778 0.0017  0.0235  -0.0160 403 GLU A O   
197 C CB  . GLU A 11 ? 0.1225 0.1945 0.1067 0.0065  0.0313  -0.0451 403 GLU A CB  
198 C CG  . GLU A 11 ? 0.1265 0.2573 0.1196 -0.0228 0.0097  -0.0741 403 GLU A CG  
199 C CD  . GLU A 11 ? 0.2759 0.3064 0.2421 -0.0702 0.0380  -0.0952 403 GLU A CD  
200 O OE1 . GLU A 11 ? 0.3331 0.2603 0.3032 -0.0607 -0.0130 -0.0720 403 GLU A OE1 
201 O OE2 . GLU A 11 ? 0.2451 0.3865 0.2908 -0.1233 0.0419  -0.1090 403 GLU A OE2 
208 N N   . ILE A 12 ? 0.0683 0.1598 0.0788 -0.0055 0.0277  -0.0270 404 ILE A N   
209 C CA  . ILE A 12 ? 0.1071 0.1424 0.0710 0.0130  0.0132  -0.0419 404 ILE A CA  
210 C C   . ILE A 12 ? 0.0447 0.1554 0.0970 -0.0018 0.0013  -0.0299 404 ILE A C   
211 O O   . ILE A 12 ? 0.0443 0.1695 0.1115 -0.0041 0.0082  -0.0145 404 ILE A O   
212 C CB  . ILE A 12 ? 0.0861 0.1603 0.0978 0.0222  0.0058  -0.0220 404 ILE A CB  
213 C CG1 . ILE A 12 ? 0.0773 0.2085 0.0999 0.0171  0.0098  0.0080  404 ILE A CG1 
214 C CG2 . ILE A 12 ? 0.1116 0.1325 0.1469 0.0086  0.0011  -0.0237 404 ILE A CG2 
215 C CD1 . ILE A 12 ? 0.1057 0.2290 0.1427 0.0167  0.0420  0.0122  404 ILE A CD1 
227 N N   . ILE A 13 ? 0.0612 0.1748 0.0871 0.0001  0.0259  -0.0170 405 ILE A N   
228 C CA  A ILE A 13 ? 0.1083 0.1804 0.0636 0.0215  0.0306  -0.0040 405 ILE A CA  
229 C CA  B ILE A 13 ? 0.1084 0.1849 0.0663 0.0224  0.0316  -0.0043 405 ILE A CA  
230 C C   . ILE A 13 ? 0.0796 0.1832 0.0656 0.0166  0.0199  -0.0126 405 ILE A C   
231 O O   . ILE A 13 ? 0.0786 0.1886 0.0934 0.0078  0.0277  -0.0185 405 ILE A O   
232 C CB  A ILE A 13 ? 0.1450 0.2061 0.0784 0.0389  0.0346  -0.0073 405 ILE A CB  
233 C CB  B ILE A 13 ? 0.1461 0.2075 0.0811 0.0376  0.0330  -0.0051 405 ILE A CB  
234 C CG1 A ILE A 13 ? 0.1436 0.2254 0.0724 0.0191  0.0212  -0.0166 405 ILE A CG1 
235 C CG1 B ILE A 13 ? 0.1488 0.2276 0.0781 0.0182  0.0197  -0.0145 405 ILE A CG1 
236 C CG2 A ILE A 13 ? 0.1152 0.2013 0.1049 0.0207  0.0098  -0.0279 405 ILE A CG2 
237 C CG2 B ILE A 13 ? 0.1185 0.2032 0.1024 0.0249  0.0103  -0.0255 405 ILE A CG2 
238 C CD1 A ILE A 13 ? 0.1669 0.2393 0.1041 -0.0032 0.0143  -0.0459 405 ILE A CD1 
239 C CD1 B ILE A 13 ? 0.1641 0.2388 0.1046 -0.0087 0.0121  -0.0398 405 ILE A CD1 
260 N N   . LYS A 14 ? 0.0709 0.1763 0.1115 0.0000  0.0336  -0.0187 406 LYS A N   
261 C CA  . LYS A 14 ? 0.1208 0.1534 0.0723 0.0299  0.0061  -0.0236 406 LYS A CA  
262 C C   . LYS A 14 ? 0.1127 0.1624 0.0489 0.0154  0.0202  -0.0048 406 LYS A C   
263 O O   . LYS A 14 ? 0.1155 0.1871 0.0895 0.0134  0.0436  0.0220  406 LYS A O   
264 C CB  . LYS A 14 ? 0.1142 0.1650 0.1560 0.0231  -0.0016 -0.0329 406 LYS A CB  
265 C CG  . LYS A 14 ? 0.1711 0.2115 0.1842 0.0085  0.0069  -0.0569 406 LYS A CG  
266 C CD  . LYS A 14 ? 0.2090 0.2333 0.2499 -0.0356 0.0395  -0.0951 406 LYS A CD  
267 C CE  . LYS A 14 ? 0.3513 0.2839 0.3523 -0.0558 0.0684  -0.1357 406 LYS A CE  
268 N NZ  . LYS A 14 ? 0.4628 0.3324 0.4197 -0.0685 0.1055  -0.1599 406 LYS A NZ  
282 N N   . VAL A 15 ? 0.0637 0.1650 0.0838 0.0054  0.0249  -0.0045 407 VAL A N   
283 C CA  . VAL A 15 ? 0.0950 0.1630 0.0857 0.0078  0.0135  -0.0098 407 VAL A CA  
284 C C   . VAL A 15 ? 0.0792 0.1582 0.1010 -0.0146 0.0215  -0.0038 407 VAL A C   
285 O O   . VAL A 15 ? 0.0753 0.1761 0.0954 -0.0207 0.0360  -0.0257 407 VAL A O   
286 C CB  . VAL A 15 ? 0.0916 0.1647 0.1068 0.0204  0.0169  -0.0203 407 VAL A CB  
287 C CG1 . VAL A 15 ? 0.0711 0.1718 0.0998 0.0324  0.0032  -0.0129 407 VAL A CG1 
288 C CG2 . VAL A 15 ? 0.0912 0.1829 0.1393 0.0010  0.0180  -0.0206 407 VAL A CG2 
298 N N   . LEU A 16 ? 0.0544 0.1494 0.0991 -0.0058 0.0302  -0.0164 408 LEU A N   
299 C CA  . LEU A 16 ? 0.0623 0.1643 0.0819 0.0151  0.0207  -0.0260 408 LEU A CA  
300 C C   . LEU A 16 ? 0.0872 0.1758 0.0981 0.0109  0.0338  -0.0236 408 LEU A C   
301 O O   . LEU A 16 ? 0.0919 0.1850 0.1439 0.0171  0.0606  -0.0168 408 LEU A O   
302 C CB  . LEU A 16 ? 0.0752 0.1599 0.0931 0.0183  0.0313  -0.0287 408 LEU A CB  
303 C CG  . LEU A 16 ? 0.1075 0.1640 0.0933 0.0061  0.0429  -0.0337 408 LEU A CG  
304 C CD1 . LEU A 16 ? 0.1355 0.1756 0.1606 -0.0251 0.0665  -0.0296 408 LEU A CD1 
305 C CD2 . LEU A 16 ? 0.1162 0.1683 0.1092 0.0147  0.0417  -0.0288 408 LEU A CD2 
317 N N   . LYS A 17 ? 0.0802 0.1930 0.1109 -0.0198 0.0420  -0.0097 409 LYS A N   
318 C CA  . LYS A 17 ? 0.1251 0.2491 0.0952 -0.0114 0.0323  0.0074  409 LYS A CA  
319 C C   . LYS A 17 ? 0.1324 0.2434 0.1302 -0.0197 0.0652  0.0118  409 LYS A C   
320 O O   . LYS A 17 ? 0.1390 0.2546 0.1173 -0.0352 0.0574  0.0030  409 LYS A O   
321 C CB  . LYS A 17 ? 0.1695 0.3115 0.1116 0.0103  0.0225  0.0434  409 LYS A CB  
322 C CG  . LYS A 17 ? 0.2457 0.3538 0.1534 0.0138  0.0369  0.0424  409 LYS A CG  
323 C CD  . LYS A 17 ? 0.3791 0.3334 0.2110 -0.0137 0.0310  0.0092  409 LYS A CD  
324 C CE  . LYS A 17 ? 0.4986 0.3655 0.3362 -0.0497 0.0687  0.0221  409 LYS A CE  
325 N NZ  . LYS A 17 ? 0.4321 0.4043 0.3355 -0.0399 0.0203  0.0518  409 LYS A NZ  
339 N N   . GLU A 18 ? 0.1121 0.2297 0.1664 -0.0177 0.0741  0.0084  410 GLU A N   
340 C CA  . GLU A 18 ? 0.1379 0.2210 0.2019 -0.0064 0.0800  -0.0255 410 GLU A CA  
341 C C   . GLU A 18 ? 0.1265 0.2055 0.1394 -0.0160 0.0620  -0.0287 410 GLU A C   
342 O O   . GLU A 18 ? 0.1419 0.2108 0.1833 -0.0209 0.0815  -0.0048 410 GLU A O   
343 C CB  . GLU A 18 ? 0.1708 0.2318 0.2407 -0.0383 0.0985  -0.0799 410 GLU A CB  
344 C CG  . GLU A 18 ? 0.1880 0.2672 0.2655 -0.0373 0.0962  -0.0666 410 GLU A CG  
345 C CD  . GLU A 18 ? 0.2421 0.2978 0.3629 -0.0564 0.1293  -0.0947 410 GLU A CD  
346 O OE1 . GLU A 18 ? 0.3671 0.2730 0.3944 -0.1167 0.1891  -0.1112 410 GLU A OE1 
347 O OE2 . GLU A 18 ? 0.2662 0.3440 0.5075 -0.0425 0.1696  -0.1177 410 GLU A OE2 
354 N N   . VAL A 19 ? 0.1087 0.2041 0.1367 -0.0257 0.0553  -0.0191 411 VAL A N   
355 C CA  . VAL A 19 ? 0.0922 0.2183 0.1576 -0.0038 0.0354  -0.0090 411 VAL A CA  
356 C C   . VAL A 19 ? 0.0595 0.2209 0.1668 0.0128  0.0143  -0.0013 411 VAL A C   
357 O O   . VAL A 19 ? 0.1039 0.2454 0.1596 0.0154  0.0279  -0.0254 411 VAL A O   
358 C CB  . VAL A 19 ? 0.0877 0.2403 0.1529 -0.0129 0.0214  -0.0054 411 VAL A CB  
359 C CG1 . VAL A 19 ? 0.1494 0.2649 0.1431 -0.0090 -0.0023 -0.0165 411 VAL A CG1 
360 C CG2 . VAL A 19 ? 0.0918 0.2557 0.1817 0.0238  0.0515  0.0217  411 VAL A CG2 
370 N N   . ASN A 20 ? 0.0972 0.2075 0.1535 0.0164  0.0279  -0.0271 412 ASN A N   
371 C CA  . ASN A 20 ? 0.1870 0.2419 0.1271 0.0004  0.0505  -0.0482 412 ASN A CA  
372 C C   . ASN A 20 ? 0.1513 0.2298 0.0974 0.0157  0.0035  -0.0637 412 ASN A C   
373 O O   . ASN A 20 ? 0.1816 0.2492 0.1478 0.0148  0.0303  -0.0772 412 ASN A O   
374 C CB  . ASN A 20 ? 0.2982 0.3158 0.2724 -0.0735 0.1078  -0.0438 412 ASN A CB  
375 C CG  . ASN A 20 ? 0.3288 0.4509 0.4929 -0.1018 0.0876  0.0290  412 ASN A CG  
376 O OD1 . ASN A 20 ? 0.3537 0.5109 0.7886 -0.1269 0.1273  0.0724  412 ASN A OD1 
377 N ND2 . ASN A 20 ? 0.4320 0.5273 0.4729 -0.0295 0.1037  0.1254  412 ASN A ND2 
384 N N   . PHE A 21 ? 0.1132 0.2381 0.1026 0.0261  0.0037  -0.0234 413 PHE A N   
385 C CA  . PHE A 21 ? 0.1191 0.2262 0.1363 0.0158  -0.0021 -0.0421 413 PHE A CA  
386 C C   . PHE A 21 ? 0.0970 0.2081 0.1378 0.0165  0.0124  -0.0306 413 PHE A C   
387 O O   . PHE A 21 ? 0.1322 0.2076 0.1616 0.0312  0.0073  -0.0218 413 PHE A O   
388 C CB  . PHE A 21 ? 0.1926 0.2826 0.1938 0.0345  -0.0396 -0.0450 413 PHE A CB  
389 C CG  . PHE A 21 ? 0.2271 0.3777 0.2137 0.0544  -0.0263 -0.0767 413 PHE A CG  
390 C CD1 . PHE A 21 ? 0.1811 0.3798 0.2694 0.0199  -0.0735 -0.0854 413 PHE A CD1 
391 C CD2 . PHE A 21 ? 0.2792 0.4534 0.2159 0.0659  0.0160  -0.1046 413 PHE A CD2 
392 C CE1 . PHE A 21 ? 0.1985 0.4120 0.3768 0.0185  -0.0922 -0.0912 413 PHE A CE1 
393 C CE2 . PHE A 21 ? 0.3566 0.4942 0.2063 0.0811  0.0212  -0.0635 413 PHE A CE2 
394 C CZ  . PHE A 21 ? 0.2598 0.4715 0.2747 0.0298  -0.0680 -0.0813 413 PHE A CZ  
404 N N   . ASN A 22 ? 0.0739 0.1872 0.1231 -0.0131 0.0287  -0.0299 414 ASN A N   
405 C CA  . ASN A 22 ? 0.1197 0.1918 0.0994 -0.0044 0.0356  -0.0341 414 ASN A CA  
406 C C   . ASN A 22 ? 0.1092 0.1755 0.0958 0.0038  0.0175  -0.0471 414 ASN A C   
407 O O   . ASN A 22 ? 0.0921 0.1786 0.1029 -0.0055 0.0330  -0.0565 414 ASN A O   
408 C CB  . ASN A 22 ? 0.1227 0.2318 0.1004 0.0214  0.0335  -0.0215 414 ASN A CB  
409 C CG  . ASN A 22 ? 0.1316 0.3049 0.1346 0.0477  0.0320  -0.0054 414 ASN A CG  
410 O OD1 . ASN A 22 ? 0.1367 0.2769 0.1141 0.0558  0.0248  -0.0213 414 ASN A OD1 
411 N ND2 . ASN A 22 ? 0.1457 0.4113 0.2101 0.0807  0.0457  0.0502  414 ASN A ND2 
418 N N   A LYS A 23 ? 0.1139 0.1579 0.1064 0.0136  0.0213  -0.0488 415 LYS A N   
419 N N   B LYS A 23 ? 0.1260 0.1574 0.0955 0.0145  0.0155  -0.0508 415 LYS A N   
420 C CA  A LYS A 23 ? 0.1149 0.1659 0.1161 0.0051  0.0259  -0.0148 415 LYS A CA  
421 C CA  B LYS A 23 ? 0.1280 0.1734 0.1165 0.0179  0.0253  -0.0166 415 LYS A CA  
422 C C   A LYS A 23 ? 0.0810 0.1669 0.1066 -0.0086 0.0249  -0.0137 415 LYS A C   
423 C C   B LYS A 23 ? 0.1031 0.1647 0.1054 0.0194  0.0292  -0.0261 415 LYS A C   
424 O O   A LYS A 23 ? 0.0872 0.1379 0.0612 -0.0301 0.0280  -0.0312 415 LYS A O   
425 O O   B LYS A 23 ? 0.1100 0.1370 0.1022 0.0279  0.0494  -0.0307 415 LYS A O   
426 C CB  A LYS A 23 ? 0.2085 0.1878 0.1201 0.0249  0.0542  0.0021  415 LYS A CB  
427 C CB  B LYS A 23 ? 0.2238 0.2183 0.1202 0.0341  0.0520  0.0050  415 LYS A CB  
428 C CG  A LYS A 23 ? 0.1909 0.1914 0.1620 -0.0042 0.0249  -0.0202 415 LYS A CG  
429 C CG  B LYS A 23 ? 0.2117 0.2606 0.1496 0.0019  0.0164  -0.0149 415 LYS A CG  
430 C CD  A LYS A 23 ? 0.1428 0.2248 0.2565 0.0137  0.0205  -0.0024 415 LYS A CD  
431 C CD  B LYS A 23 ? 0.1731 0.3271 0.2388 0.0126  -0.0009 -0.0032 415 LYS A CD  
432 C CE  A LYS A 23 ? 0.1643 0.2327 0.2956 -0.0200 0.0407  -0.0109 415 LYS A CE  
433 C CE  B LYS A 23 ? 0.1791 0.3818 0.3118 0.0244  -0.0087 0.0173  415 LYS A CE  
434 N NZ  A LYS A 23 ? 0.3358 0.2343 0.2439 -0.0205 0.1145  -0.0147 415 LYS A NZ  
435 N NZ  B LYS A 23 ? 0.3288 0.4342 0.3848 0.0899  0.0379  0.0758  415 LYS A NZ  
462 N N   . LYS A 24 ? 0.0965 0.1823 0.0791 0.0125  0.0331  -0.0271 416 LYS A N   
463 C CA  . LYS A 24 ? 0.0809 0.1972 0.1379 0.0088  0.0117  -0.0100 416 LYS A CA  
464 C C   . LYS A 24 ? 0.0884 0.2028 0.1092 0.0219  0.0141  -0.0015 416 LYS A C   
465 O O   . LYS A 24 ? 0.1014 0.1904 0.1053 0.0156  0.0261  -0.0144 416 LYS A O   
466 C CB  . LYS A 24 ? 0.0900 0.2552 0.2269 0.0348  0.0110  -0.0031 416 LYS A CB  
467 C CG  . LYS A 24 ? 0.1386 0.3249 0.3131 0.0285  0.0151  -0.0169 416 LYS A CG  
468 C CD  . LYS A 24 ? 0.2335 0.3570 0.3529 -0.0256 -0.0271 -0.0363 416 LYS A CD  
469 C CE  . LYS A 24 ? 0.4267 0.4144 0.3545 -0.0613 -0.0217 0.0320  416 LYS A CE  
470 N NZ  . LYS A 24 ? 0.3978 0.5456 0.3963 -0.0267 -0.0120 0.1882  416 LYS A NZ  
484 N N   . LEU A 25 ? 0.0746 0.1891 0.0730 0.0153  0.0150  -0.0217 417 LEU A N   
485 C CA  . LEU A 25 ? 0.0688 0.1689 0.0860 -0.0016 0.0009  -0.0390 417 LEU A CA  
486 C C   . LEU A 25 ? 0.0681 0.1468 0.0902 -0.0112 0.0020  -0.0453 417 LEU A C   
487 O O   . LEU A 25 ? 0.0483 0.1643 0.0940 0.0033  0.0085  -0.0397 417 LEU A O   
488 C CB  . LEU A 25 ? 0.0632 0.1841 0.1373 -0.0054 0.0307  -0.0363 417 LEU A CB  
489 C CG  . LEU A 25 ? 0.0790 0.2164 0.1627 -0.0179 0.0361  -0.0596 417 LEU A CG  
490 C CD1 . LEU A 25 ? 0.1209 0.2405 0.2195 -0.0105 0.0835  -0.0340 417 LEU A CD1 
491 C CD2 . LEU A 25 ? 0.0834 0.2663 0.1570 -0.0101 0.0253  -0.0663 417 LEU A CD2 
503 N N   . ALA A 26 ? 0.0612 0.1412 0.0990 0.0030  0.0295  -0.0355 418 ALA A N   
504 C CA  . ALA A 26 ? 0.0414 0.1260 0.1148 -0.0005 0.0225  -0.0164 418 ALA A CA  
505 C C   . ALA A 26 ? 0.0488 0.1324 0.1090 0.0064  0.0226  -0.0257 418 ALA A C   
506 O O   . ALA A 26 ? 0.0596 0.1433 0.0882 0.0122  0.0219  -0.0342 418 ALA A O   
507 C CB  . ALA A 26 ? 0.0547 0.1366 0.1159 -0.0067 0.0158  -0.0275 418 ALA A CB  
513 N N   . SER A 27 ? 0.0584 0.1357 0.0800 0.0077  0.0253  -0.0276 419 SER A N   
514 C CA  . SER A 27 ? 0.0861 0.1515 0.1069 0.0009  0.0129  -0.0143 419 SER A CA  
515 C C   . SER A 27 ? 0.0454 0.1683 0.1137 -0.0013 0.0139  -0.0114 419 SER A C   
516 O O   . SER A 27 ? 0.0708 0.1827 0.1249 0.0017  0.0396  -0.0257 419 SER A O   
517 C CB  . SER A 27 ? 0.1311 0.1612 0.0884 0.0220  0.0235  -0.0083 419 SER A CB  
518 O OG  . SER A 27 ? 0.1455 0.1719 0.1858 0.0373  0.0304  -0.0136 419 SER A OG  
524 N N   . GLU A 28 ? 0.0890 0.1450 0.0906 0.0039  0.0279  -0.0438 420 GLU A N   
525 C CA  . GLU A 28 ? 0.0983 0.1659 0.0907 -0.0031 0.0206  -0.0206 420 GLU A CA  
526 C C   . GLU A 28 ? 0.1042 0.1589 0.1044 -0.0022 0.0130  -0.0422 420 GLU A C   
527 O O   . GLU A 28 ? 0.1438 0.1844 0.1242 0.0374  0.0115  -0.0316 420 GLU A O   
528 C CB  . GLU A 28 ? 0.1019 0.1978 0.1042 -0.0207 0.0128  -0.0109 420 GLU A CB  
529 C CG  . GLU A 28 ? 0.0940 0.2133 0.1655 0.0063  0.0331  0.0140  420 GLU A CG  
530 C CD  . GLU A 28 ? 0.1802 0.2774 0.1714 0.0622  0.0188  0.0584  420 GLU A CD  
531 O OE1 . GLU A 28 ? 0.1782 0.2685 0.1962 0.0298  0.0101  0.0204  420 GLU A OE1 
532 O OE2 . GLU A 28 ? 0.2045 0.3517 0.2756 0.0773  0.0325  0.1299  420 GLU A OE2 
539 N N   . ILE A 29 ? 0.0679 0.1582 0.0769 0.0078  0.0079  -0.0472 421 ILE A N   
540 C CA  . ILE A 29 ? 0.0934 0.1513 0.0998 -0.0158 0.0128  -0.0469 421 ILE A CA  
541 C C   . ILE A 29 ? 0.0835 0.1584 0.0874 0.0102  0.0061  -0.0618 421 ILE A C   
542 O O   . ILE A 29 ? 0.1001 0.1806 0.1176 0.0242  0.0221  -0.0640 421 ILE A O   
543 C CB  . ILE A 29 ? 0.0934 0.1676 0.1042 -0.0058 0.0059  -0.0523 421 ILE A CB  
544 C CG1 . ILE A 29 ? 0.1157 0.1761 0.1205 -0.0014 0.0282  -0.0294 421 ILE A CG1 
545 C CG2 . ILE A 29 ? 0.1327 0.1888 0.1252 0.0074  -0.0011 -0.0509 421 ILE A CG2 
546 C CD1 . ILE A 29 ? 0.0929 0.1698 0.1299 0.0035  0.0415  -0.0481 421 ILE A CD1 
558 N N   . LEU A 30 ? 0.0600 0.1429 0.0999 0.0068  0.0073  -0.0632 422 LEU A N   
559 C CA  . LEU A 30 ? 0.0751 0.1640 0.1095 0.0247  0.0278  -0.0274 422 LEU A CA  
560 C C   . LEU A 30 ? 0.0889 0.1661 0.0930 0.0344  0.0246  -0.0345 422 LEU A C   
561 O O   . LEU A 30 ? 0.0808 0.1861 0.1045 0.0378  0.0212  -0.0310 422 LEU A O   
562 C CB  . LEU A 30 ? 0.0478 0.1706 0.1284 0.0111  0.0103  -0.0214 422 LEU A CB  
563 C CG  . LEU A 30 ? 0.0610 0.1830 0.1156 0.0141  0.0243  -0.0255 422 LEU A CG  
564 C CD1 . LEU A 30 ? 0.0620 0.1961 0.0906 0.0185  0.0115  -0.0328 422 LEU A CD1 
565 C CD2 . LEU A 30 ? 0.0884 0.1931 0.0785 0.0332  0.0046  -0.0162 422 LEU A CD2 
577 N N   . GLY A 31 ? 0.0806 0.1934 0.1006 0.0267  0.0118  -0.0391 423 GLY A N   
578 C CA  . GLY A 31 ? 0.0863 0.1985 0.1095 0.0540  -0.0117 -0.0560 423 GLY A CA  
579 C C   . GLY A 31 ? 0.1533 0.2010 0.1063 0.0436  0.0290  -0.0487 423 GLY A C   
580 O O   . GLY A 31 ? 0.2079 0.2402 0.0986 0.0356  0.0539  -0.0316 423 GLY A O   
584 N N   . ILE A 32 ? 0.1694 0.1852 0.1161 0.0336  0.0253  -0.0444 424 ILE A N   
585 C CA  . ILE A 32 ? 0.2045 0.1784 0.0976 0.0083  0.0287  -0.0450 424 ILE A CA  
586 C C   . ILE A 32 ? 0.2464 0.1795 0.0994 0.0178  0.0377  -0.0097 424 ILE A C   
587 O O   . ILE A 32 ? 0.2400 0.1766 0.1202 0.0058  0.0721  -0.0135 424 ILE A O   
588 C CB  . ILE A 32 ? 0.1945 0.2100 0.1316 0.0050  0.0236  -0.0517 424 ILE A CB  
589 C CG1 . ILE A 32 ? 0.1739 0.1963 0.1486 0.0151  -0.0086 -0.0282 424 ILE A CG1 
590 C CG2 . ILE A 32 ? 0.1679 0.2605 0.2405 -0.0072 0.0552  -0.0719 424 ILE A CG2 
591 C CD1 . ILE A 32 ? 0.2445 0.1769 0.1971 0.0520  0.0593  -0.0145 424 ILE A CD1 
603 N N   . PRO A 33 ? 0.2293 0.2072 0.1332 0.0106  0.0209  0.0115  425 PRO A N   
604 C CA  . PRO A 33 ? 0.2233 0.2024 0.1524 0.0321  0.0326  -0.0060 425 PRO A CA  
605 C C   . PRO A 33 ? 0.1406 0.1892 0.1873 0.0509  0.0445  0.0152  425 PRO A C   
606 O O   . PRO A 33 ? 0.1167 0.1894 0.1427 0.0334  0.0460  -0.0001 425 PRO A O   
607 C CB  . PRO A 33 ? 0.3073 0.2402 0.1515 0.0298  0.0188  0.0072  425 PRO A CB  
608 C CG  . PRO A 33 ? 0.3090 0.2493 0.2672 -0.0059 0.0446  0.0421  425 PRO A CG  
609 C CD  . PRO A 33 ? 0.3164 0.2228 0.1805 -0.0033 0.0346  0.0344  425 PRO A CD  
617 N N   . LEU A 34 ? 0.1099 0.2002 0.1955 0.0324  0.0161  0.0180  426 LEU A N   
618 C CA  . LEU A 34 ? 0.1091 0.2105 0.2022 0.0508  0.0204  0.0135  426 LEU A CA  
619 C C   . LEU A 34 ? 0.1427 0.2014 0.1064 0.0500  0.0200  -0.0168 426 LEU A C   
620 O O   . LEU A 34 ? 0.1274 0.2293 0.1150 0.0296  0.0393  -0.0104 426 LEU A O   
621 C CB  . LEU A 34 ? 0.1162 0.2191 0.2916 0.0517  0.0096  0.0020  426 LEU A CB  
622 C CG  . LEU A 34 ? 0.1510 0.2614 0.2879 0.0768  0.0262  0.0190  426 LEU A CG  
623 C CD1 . LEU A 34 ? 0.1234 0.2512 0.2422 0.0461  0.0438  0.0014  426 LEU A CD1 
624 C CD2 . LEU A 34 ? 0.1350 0.2553 0.3169 0.0766  0.0281  0.0178  426 LEU A CD2 
636 N N   . ARG A 35 ? 0.1516 0.1905 0.1108 0.0458  0.0252  -0.0197 427 ARG A N   
637 C CA  . ARG A 35 ? 0.1600 0.1997 0.1175 0.0660  0.0221  -0.0109 427 ARG A CA  
638 C C   . ARG A 35 ? 0.1626 0.1788 0.1517 0.0448  0.0413  -0.0046 427 ARG A C   
639 O O   . ARG A 35 ? 0.1618 0.1921 0.1708 0.0272  0.0380  -0.0005 427 ARG A O   
640 C CB  . ARG A 35 ? 0.2165 0.2332 0.0985 0.0778  0.0146  -0.0025 427 ARG A CB  
641 C CG  . ARG A 35 ? 0.2495 0.2631 0.1042 0.0758  -0.0003 0.0212  427 ARG A CG  
642 C CD  . ARG A 35 ? 0.3303 0.2721 0.1215 0.0694  0.0232  0.0279  427 ARG A CD  
643 N NE  . ARG A 35 ? 0.3778 0.2546 0.1624 0.0593  0.0449  0.0461  427 ARG A NE  
644 C CZ  . ARG A 35 ? 0.4596 0.2381 0.1897 0.0544  0.0521  0.0208  427 ARG A CZ  
645 N NH1 . ARG A 35 ? 0.4062 0.2355 0.1878 0.0448  0.0220  0.0179  427 ARG A NH1 
646 N NH2 . ARG A 35 ? 0.5768 0.2704 0.1773 0.0976  0.0762  0.0241  427 ARG A NH2 
660 N N   . THR A 36 ? 0.1237 0.1824 0.1327 0.0298  0.0177  -0.0163 428 THR A N   
661 C CA  . THR A 36 ? 0.1093 0.1796 0.1253 0.0114  0.0334  -0.0072 428 THR A CA  
662 C C   . THR A 36 ? 0.0894 0.1809 0.1344 -0.0067 0.0334  -0.0023 428 THR A C   
663 O O   . THR A 36 ? 0.0831 0.1913 0.1627 -0.0093 0.0447  -0.0195 428 THR A O   
664 C CB  . THR A 36 ? 0.1321 0.2089 0.1667 0.0452  0.0672  0.0110  428 THR A CB  
665 O OG1 . THR A 36 ? 0.1927 0.2297 0.1599 0.0401  0.0548  -0.0041 428 THR A OG1 
666 C CG2 . THR A 36 ? 0.1501 0.2282 0.1667 0.0496  0.0751  0.0080  428 THR A CG2 
674 N N   . LEU A 37 ? 0.0760 0.1567 0.1296 0.0012  0.0091  0.0009  429 LEU A N   
675 C CA  . LEU A 37 ? 0.0992 0.1676 0.1285 0.0172  0.0073  0.0101  429 LEU A CA  
676 C C   . LEU A 37 ? 0.0976 0.1769 0.1478 0.0122  0.0169  0.0158  429 LEU A C   
677 O O   . LEU A 37 ? 0.0854 0.1813 0.1627 0.0041  0.0057  0.0290  429 LEU A O   
678 C CB  . LEU A 37 ? 0.1208 0.1741 0.1329 0.0139  0.0327  0.0092  429 LEU A CB  
679 C CG  . LEU A 37 ? 0.1180 0.2101 0.1431 0.0174  0.0353  0.0184  429 LEU A CG  
680 C CD1 . LEU A 37 ? 0.1375 0.2097 0.0931 -0.0001 0.0056  0.0064  429 LEU A CD1 
681 C CD2 . LEU A 37 ? 0.1411 0.2208 0.1372 0.0077  0.0328  0.0101  429 LEU A CD2 
693 N N   . TYR A 38 ? 0.1041 0.1978 0.1060 0.0110  0.0074  0.0072  430 TYR A N   
694 C CA  . TYR A 38 ? 0.1330 0.1805 0.1305 -0.0055 0.0353  -0.0215 430 TYR A CA  
695 C C   . TYR A 38 ? 0.1457 0.1854 0.1449 0.0010  0.0338  -0.0126 430 TYR A C   
696 O O   . TYR A 38 ? 0.1399 0.1912 0.1446 -0.0168 0.0248  -0.0081 430 TYR A O   
697 C CB  . TYR A 38 ? 0.1906 0.1968 0.1899 0.0212  0.0639  0.0058  430 TYR A CB  
698 C CG  . TYR A 38 ? 0.2883 0.2019 0.2106 0.0280  0.0633  0.0205  430 TYR A CG  
699 C CD1 . TYR A 38 ? 0.3051 0.2262 0.2364 0.0401  0.1170  0.0233  430 TYR A CD1 
700 C CD2 . TYR A 38 ? 0.2876 0.2154 0.2423 0.0101  0.0303  0.0291  430 TYR A CD2 
701 C CE1 . TYR A 38 ? 0.2744 0.2358 0.2011 0.0010  0.0846  -0.0225 430 TYR A CE1 
702 C CE2 . TYR A 38 ? 0.2186 0.2819 0.2182 0.0119  0.0119  0.0308  430 TYR A CE2 
703 C CZ  . TYR A 38 ? 0.2213 0.3036 0.2499 0.0040  0.0662  0.0075  430 TYR A CZ  
704 O OH  . TYR A 38 ? 0.2189 0.3605 0.2959 -0.0143 0.0427  -0.0050 430 TYR A OH  
714 N N   . LYS A 39 ? 0.1138 0.1846 0.1445 -0.0202 0.0221  -0.0156 431 LYS A N   
715 C CA  . LYS A 39 ? 0.1462 0.1993 0.1862 -0.0195 0.0302  -0.0112 431 LYS A CA  
716 C C   . LYS A 39 ? 0.1237 0.1780 0.1848 -0.0384 0.0218  -0.0272 431 LYS A C   
717 O O   . LYS A 39 ? 0.1546 0.1808 0.2060 -0.0326 0.0084  -0.0274 431 LYS A O   
718 C CB  . LYS A 39 ? 0.1962 0.2275 0.2306 -0.0277 0.0288  -0.0027 431 LYS A CB  
719 C CG  . LYS A 39 ? 0.2419 0.2552 0.2530 -0.0078 0.0140  0.0014  431 LYS A CG  
720 C CD  . LYS A 39 ? 0.2488 0.2719 0.2608 -0.0084 0.0053  0.0103  431 LYS A CD  
721 C CE  . LYS A 39 ? 0.2586 0.2762 0.2634 -0.0134 0.0003  0.0083  431 LYS A CE  
722 N NZ  . LYS A 39 ? 0.2814 0.2844 0.2629 -0.0098 0.0058  0.0056  431 LYS A NZ  
725 N N   . ARG A 40 ? 0.1155 0.1632 0.1661 -0.0291 0.0240  -0.0390 432 ARG A N   
726 C CA  . ARG A 40 ? 0.1257 0.1807 0.1822 -0.0062 0.0264  -0.0164 432 ARG A CA  
727 C C   . ARG A 40 ? 0.0894 0.1790 0.1966 -0.0142 0.0063  -0.0062 432 ARG A C   
728 O O   . ARG A 40 ? 0.0770 0.2141 0.2131 -0.0050 -0.0134 -0.0127 432 ARG A O   
729 C CB  . ARG A 40 ? 0.1634 0.2087 0.1797 0.0089  0.0324  -0.0264 432 ARG A CB  
730 C CG  . ARG A 40 ? 0.1400 0.2493 0.2089 0.0258  0.0261  -0.0313 432 ARG A CG  
731 C CD  . ARG A 40 ? 0.1205 0.2762 0.2439 0.0086  0.0167  -0.0567 432 ARG A CD  
732 N NE  . ARG A 40 ? 0.1607 0.3266 0.2591 -0.0051 0.0635  -0.0545 432 ARG A NE  
733 C CZ  . ARG A 40 ? 0.2221 0.3944 0.2527 0.0369  0.0879  0.0218  432 ARG A CZ  
734 N NH1 . ARG A 40 ? 0.2073 0.4037 0.2324 0.0364  0.0332  0.0642  432 ARG A NH1 
735 N NH2 . ARG A 40 ? 0.3326 0.4168 0.2497 0.0618  0.1442  0.0159  432 ARG A NH2 
749 N N   . LEU A 41 ? 0.0946 0.1733 0.1956 -0.0340 -0.0100 -0.0245 433 LEU A N   
750 C CA  . LEU A 41 ? 0.1089 0.1754 0.1711 -0.0211 -0.0306 -0.0299 433 LEU A CA  
751 C C   . LEU A 41 ? 0.1572 0.1922 0.1701 -0.0066 -0.0240 -0.0200 433 LEU A C   
752 O O   . LEU A 41 ? 0.1816 0.1985 0.2026 -0.0151 -0.0313 -0.0186 433 LEU A O   
753 C CB  . LEU A 41 ? 0.1167 0.1892 0.1797 0.0003  -0.0128 -0.0285 433 LEU A CB  
754 C CG  . LEU A 41 ? 0.1156 0.2070 0.1955 -0.0041 -0.0227 -0.0357 433 LEU A CG  
755 C CD1 . LEU A 41 ? 0.1203 0.2046 0.2273 0.0049  -0.0015 -0.0264 433 LEU A CD1 
756 C CD2 . LEU A 41 ? 0.1558 0.2325 0.2215 0.0024  -0.0267 -0.0292 433 LEU A CD2 
768 N N   . LYS A 42 ? 0.1513 0.2074 0.1438 -0.0437 -0.0320 -0.0242 434 LYS A N   
769 C CA  . LYS A 42 ? 0.2475 0.2151 0.1918 -0.0678 -0.0128 -0.0313 434 LYS A CA  
770 C C   . LYS A 42 ? 0.2787 0.2349 0.1916 -0.0797 -0.0017 -0.0281 434 LYS A C   
771 O O   . LYS A 42 ? 0.2295 0.2390 0.2177 -0.0462 -0.0139 -0.0421 434 LYS A O   
772 C CB  . LYS A 42 ? 0.3147 0.2192 0.2481 -0.0416 -0.0032 -0.0448 434 LYS A CB  
773 C CG  . LYS A 42 ? 0.3554 0.2721 0.2617 -0.0002 -0.0336 -0.0244 434 LYS A CG  
774 C CD  . LYS A 42 ? 0.3487 0.3224 0.3610 -0.0112 -0.0362 -0.0079 434 LYS A CD  
775 C CE  . LYS A 42 ? 0.4497 0.3963 0.3733 0.0173  0.0050  0.0374  434 LYS A CE  
776 N NZ  . LYS A 42 ? 0.4426 0.3983 0.3465 0.0006  -0.0021 0.0160  434 LYS A NZ  
790 N N   . GLU A 43 ? 0.1728 0.2540 0.1953 -0.0874 -0.0337 -0.0104 435 GLU A N   
791 C CA  . GLU A 43 ? 0.1800 0.2742 0.2300 -0.0724 0.0145  -0.0057 435 GLU A CA  
792 C C   . GLU A 43 ? 0.1793 0.2771 0.2643 -0.0635 0.0489  -0.0064 435 GLU A C   
793 O O   . GLU A 43 ? 0.1570 0.3147 0.3159 -0.0875 0.0147  -0.0002 435 GLU A O   
794 C CB  . GLU A 43 ? 0.1772 0.3304 0.2549 -0.0465 0.0143  0.0310  435 GLU A CB  
795 C CG  . GLU A 43 ? 0.2071 0.3505 0.3120 -0.0602 0.0126  0.0121  435 GLU A CG  
796 C CD  . GLU A 43 ? 0.2767 0.3956 0.3465 -0.0249 0.0176  0.0345  435 GLU A CD  
797 O OE1 . GLU A 43 ? 0.3275 0.4548 0.2944 0.0486  -0.0011 0.0889  435 GLU A OE1 
798 O OE2 . GLU A 43 ? 0.3560 0.3926 0.4441 -0.0516 0.1235  -0.0074 435 GLU A OE2 
805 N N   . TYR A 44 ? 0.1366 0.2481 0.2266 -0.0358 0.0138  -0.0395 436 TYR A N   
806 C CA  . TYR A 44 ? 0.1366 0.2419 0.2324 0.0024  -0.0012 -0.0525 436 TYR A CA  
807 C C   . TYR A 44 ? 0.1639 0.2422 0.2378 0.0293  -0.0315 -0.0548 436 TYR A C   
808 O O   . TYR A 44 ? 0.1959 0.2638 0.2347 0.0465  -0.0515 -0.0499 436 TYR A O   
809 C CB  . TYR A 44 ? 0.1173 0.2307 0.2195 0.0090  0.0127  -0.0514 436 TYR A CB  
810 C CG  . TYR A 44 ? 0.1511 0.2189 0.1881 -0.0056 0.0144  -0.0539 436 TYR A CG  
811 C CD1 . TYR A 44 ? 0.1451 0.2449 0.1801 -0.0196 0.0312  -0.0497 436 TYR A CD1 
812 C CD2 . TYR A 44 ? 0.1497 0.2074 0.2020 -0.0054 -0.0061 -0.0224 436 TYR A CD2 
813 C CE1 . TYR A 44 ? 0.1324 0.2481 0.1846 0.0033  0.0230  -0.0379 436 TYR A CE1 
814 C CE2 . TYR A 44 ? 0.1233 0.2049 0.1882 -0.0072 -0.0152 -0.0371 436 TYR A CE2 
815 C CZ  . TYR A 44 ? 0.1445 0.2303 0.1864 0.0096  0.0247  -0.0415 436 TYR A CZ  
816 O OH  . TYR A 44 ? 0.1536 0.2315 0.1959 0.0082  0.0143  -0.0503 436 TYR A OH  
826 N N   . GLY A 45 ? 0.2154 0.2385 0.2083 0.0293  -0.0253 -0.0593 437 GLY A N   
827 C CA  . GLY A 45 ? 0.2990 0.2368 0.1904 -0.0139 0.0058  -0.0816 437 GLY A CA  
828 C C   . GLY A 45 ? 0.3229 0.2406 0.1409 -0.0104 -0.0375 -0.0607 437 GLY A C   
829 O O   . GLY A 45 ? 0.4007 0.2649 0.1784 -0.0098 -0.0617 -0.0193 437 GLY A O   
833 N N   . ILE A 46 ? 0.2838 0.2343 0.1655 0.0019  -0.0238 -0.0427 438 ILE A N   
834 C CA  . ILE A 46 ? 0.2815 0.2690 0.2440 0.0369  0.0074  0.0287  438 ILE A CA  
835 C C   . ILE A 46 ? 0.3171 0.3305 0.3625 0.0927  0.1276  0.1118  438 ILE A C   
836 O O   . ILE A 46 ? 0.3315 0.3933 0.3943 0.1307  0.1573  0.1384  438 ILE A O   
837 C CB  . ILE A 46 ? 0.3641 0.2579 0.3581 0.0430  0.0328  0.0488  438 ILE A CB  
838 C CG1 . ILE A 46 ? 0.5290 0.2231 0.3121 0.0024  0.0389  0.0280  438 ILE A CG1 
839 C CG2 . ILE A 46 ? 0.4114 0.2864 0.3380 0.1010  -0.0110 0.0562  438 ILE A CG2 
840 C CD1 . ILE A 46 ? 0.6244 0.2300 0.2043 -0.0053 0.0068  0.0081  438 ILE A CD1 
841 O OXT . ILE A 46 ? 0.2319 0.3312 0.4399 0.0857  0.1173  0.1408  438 ILE A OXT 
853 S S   . SO4 B .  ? 0.4268 0.5884 0.3231 -0.0084 0.0763  0.1732  501 SO4 A S   
854 O O1  . SO4 B .  ? 0.4169 0.5914 0.2956 -0.0519 0.0314  0.1784  501 SO4 A O1  
855 O O2  . SO4 B .  ? 0.4946 0.5971 0.3143 -0.0106 0.1662  0.1152  501 SO4 A O2  
856 O O3  . SO4 B .  ? 0.5453 0.6230 0.4144 0.0817  0.0696  0.2521  501 SO4 A O3  
857 O O4  . SO4 B .  ? 0.3351 0.5859 0.3271 -0.0173 0.0375  0.1613  501 SO4 A O4  
858 S S   . SO4 C .  ? 0.5271 0.5895 0.4213 -0.0151 -0.1221 0.0174  502 SO4 A S   
859 O O1  . SO4 C .  ? 0.6547 0.5161 0.3373 0.2180  -0.0262 0.0211  502 SO4 A O1  
860 O O2  . SO4 C .  ? 0.6558 0.8035 0.3889 -0.0548 -0.1942 -0.0472 502 SO4 A O2  
861 O O3  . SO4 C .  ? 0.6628 0.4094 0.3751 -0.0861 -0.0680 -0.0241 502 SO4 A O3  
862 O O4  . SO4 C .  ? 0.4240 0.7085 0.7963 -0.0558 -0.0332 0.2227  502 SO4 A O4  
# 
